data_3D01
#
_entry.id   3D01
#
_cell.length_a   93.623
_cell.length_b   93.600
_cell.length_c   93.628
_cell.angle_alpha   68.20
_cell.angle_beta   67.87
_cell.angle_gamma   68.14
#
_symmetry.space_group_name_H-M   'P 1'
#
loop_
_entity.id
_entity.type
_entity.pdbx_description
1 polymer 'Uncharacterized protein'
2 non-polymer 1-METHOXY-2-[2-(2-METHOXY-ETHOXY]-ETHANE
3 water water
#
_entity_poly.entity_id   1
_entity_poly.type   'polypeptide(L)'
_entity_poly.pdbx_seq_one_letter_code
;GTENLYFQG(MSE)SDVIEGRLKELGFTLPVAAAPAANYVPFTISGNLLYVSGQLP(MSE)ESGKIAVTGLVGRDVDVAS
AQRAAELCAVNILAQVKAALNGDLSKIRRVIKLNGFVASVPEFVEQHLVINGASNLIATVLGEPGRHARAAVG(MSE)AS
LPFNASVEIDAIVEIDV
;
_entity_poly.pdbx_strand_id   A,B,C,D,E,F,G,H,I,J,K,L
#
loop_
_chem_comp.id
_chem_comp.type
_chem_comp.name
_chem_comp.formula
PG5 non-polymer 1-METHOXY-2-[2-(2-METHOXY-ETHOXY]-ETHANE 'C8 H18 O4'
#
# COMPACT_ATOMS: atom_id res chain seq x y z
N GLY A 1 8.57 -34.73 12.23
CA GLY A 1 9.80 -33.88 12.50
C GLY A 1 10.49 -33.40 11.24
N THR A 2 11.24 -34.29 10.60
CA THR A 2 11.68 -34.08 9.22
C THR A 2 10.51 -34.29 8.26
N GLU A 3 9.42 -34.90 8.75
CA GLU A 3 8.17 -34.93 7.99
C GLU A 3 7.67 -33.50 7.81
N ASN A 4 7.94 -32.65 8.81
CA ASN A 4 7.62 -31.23 8.70
C ASN A 4 8.60 -30.49 7.79
N LEU A 5 9.85 -30.94 7.82
CA LEU A 5 10.88 -30.41 6.95
C LEU A 5 10.59 -30.76 5.50
N TYR A 6 10.08 -31.95 5.30
CA TYR A 6 9.73 -32.44 3.98
C TYR A 6 8.63 -31.59 3.32
N PHE A 7 7.58 -31.27 4.08
CA PHE A 7 6.53 -30.39 3.61
C PHE A 7 7.01 -28.97 3.39
N GLN A 8 7.89 -28.49 4.27
CA GLN A 8 8.55 -27.21 4.07
C GLN A 8 9.35 -27.19 2.75
N GLY A 9 10.04 -28.30 2.48
CA GLY A 9 10.79 -28.48 1.25
C GLY A 9 9.89 -28.45 0.03
N MSE A 10 8.81 -29.21 0.07
CA MSE A 10 7.86 -29.25 -1.05
C MSE A 10 7.30 -27.84 -1.36
O MSE A 10 7.17 -27.48 -2.53
CB MSE A 10 6.70 -30.20 -0.76
CG MSE A 10 6.98 -31.66 -1.02
SE MSE A 10 5.34 -32.79 -0.78
CE MSE A 10 4.13 -31.85 -2.04
N SER A 11 6.97 -27.07 -0.32
CA SER A 11 6.42 -25.71 -0.50
C SER A 11 7.44 -24.77 -1.09
N ASP A 12 8.70 -24.93 -0.67
CA ASP A 12 9.79 -24.18 -1.27
C ASP A 12 9.87 -24.46 -2.75
N VAL A 13 9.72 -25.73 -3.12
CA VAL A 13 9.83 -26.15 -4.52
C VAL A 13 8.66 -25.51 -5.34
N ILE A 14 7.47 -25.59 -4.80
CA ILE A 14 6.29 -25.01 -5.50
C ILE A 14 6.51 -23.49 -5.70
N GLU A 15 6.85 -22.76 -4.64
CA GLU A 15 7.05 -21.29 -4.77
C GLU A 15 8.23 -20.94 -5.66
N GLY A 16 9.27 -21.76 -5.60
CA GLY A 16 10.39 -21.60 -6.50
C GLY A 16 10.03 -21.79 -7.94
N ARG A 17 9.22 -22.80 -8.23
CA ARG A 17 8.77 -23.04 -9.60
C ARG A 17 7.96 -21.83 -10.10
N LEU A 18 7.18 -21.24 -9.22
CA LEU A 18 6.39 -20.04 -9.55
C LEU A 18 7.26 -18.82 -9.88
N LYS A 19 8.28 -18.59 -9.06
CA LYS A 19 9.30 -17.58 -9.34
C LYS A 19 10.02 -17.81 -10.68
N GLU A 20 10.30 -19.06 -11.03
CA GLU A 20 10.84 -19.39 -12.36
C GLU A 20 9.92 -18.97 -13.49
N LEU A 21 8.62 -19.03 -13.28
CA LEU A 21 7.64 -18.51 -14.25
C LEU A 21 7.54 -16.97 -14.22
N GLY A 22 8.15 -16.35 -13.23
CA GLY A 22 8.28 -14.90 -13.15
C GLY A 22 7.36 -14.22 -12.16
N PHE A 23 6.69 -14.97 -11.29
CA PHE A 23 5.82 -14.42 -10.26
C PHE A 23 6.26 -14.71 -8.83
N THR A 24 6.09 -13.71 -7.96
CA THR A 24 6.15 -13.93 -6.53
C THR A 24 4.72 -13.87 -5.97
N LEU A 25 4.49 -14.54 -4.86
CA LEU A 25 3.17 -14.49 -4.21
C LEU A 25 2.98 -13.15 -3.51
N PRO A 26 1.81 -12.54 -3.69
CA PRO A 26 1.50 -11.38 -2.86
C PRO A 26 1.14 -11.81 -1.44
N VAL A 27 1.19 -10.87 -0.50
CA VAL A 27 0.81 -11.14 0.89
C VAL A 27 -0.61 -11.73 1.00
N ALA A 33 -14.05 -8.35 6.09
CA ALA A 33 -15.33 -8.14 5.42
C ALA A 33 -16.29 -9.29 5.73
N ASN A 34 -17.57 -9.12 5.36
CA ASN A 34 -18.58 -10.16 5.63
C ASN A 34 -18.47 -11.36 4.71
N TYR A 35 -17.67 -11.20 3.67
CA TYR A 35 -17.16 -12.33 2.91
C TYR A 35 -15.67 -12.45 3.12
N VAL A 36 -15.19 -13.67 3.03
CA VAL A 36 -13.81 -14.00 3.27
C VAL A 36 -13.15 -14.58 2.00
N PRO A 37 -11.81 -14.52 1.92
CA PRO A 37 -11.05 -15.06 0.79
C PRO A 37 -11.14 -16.58 0.63
N PHE A 38 -11.46 -17.29 1.71
CA PHE A 38 -11.61 -18.74 1.65
C PHE A 38 -12.36 -19.28 2.85
N THR A 39 -12.96 -20.45 2.64
CA THR A 39 -13.57 -21.22 3.73
C THR A 39 -13.12 -22.66 3.58
N ILE A 40 -13.14 -23.41 4.68
CA ILE A 40 -12.82 -24.84 4.65
C ILE A 40 -14.02 -25.66 5.19
N SER A 41 -14.36 -26.74 4.49
CA SER A 41 -15.34 -27.69 4.98
C SER A 41 -14.79 -29.10 4.76
N GLY A 42 -14.54 -29.83 5.85
CA GLY A 42 -13.86 -31.11 5.74
C GLY A 42 -12.47 -30.87 5.22
N ASN A 43 -12.12 -31.57 4.15
CA ASN A 43 -10.82 -31.40 3.49
C ASN A 43 -10.95 -30.65 2.16
N LEU A 44 -12.00 -29.84 2.06
CA LEU A 44 -12.21 -28.99 0.87
C LEU A 44 -12.06 -27.50 1.21
N LEU A 45 -11.22 -26.84 0.44
CA LEU A 45 -10.92 -25.42 0.60
C LEU A 45 -11.59 -24.71 -0.58
N TYR A 46 -12.51 -23.80 -0.26
CA TYR A 46 -13.20 -22.96 -1.24
C TYR A 46 -12.57 -21.62 -1.25
N VAL A 47 -12.00 -21.24 -2.39
CA VAL A 47 -11.31 -19.98 -2.52
C VAL A 47 -12.23 -19.05 -3.32
N SER A 48 -12.38 -17.84 -2.79
CA SER A 48 -13.19 -16.80 -3.43
C SER A 48 -12.60 -16.37 -4.77
N GLY A 49 -13.48 -15.84 -5.63
CA GLY A 49 -13.07 -15.32 -6.94
C GLY A 49 -11.94 -14.33 -6.76
N GLN A 50 -10.83 -14.62 -7.43
CA GLN A 50 -9.64 -13.82 -7.42
C GLN A 50 -9.51 -13.05 -8.72
N LEU A 51 -9.09 -11.80 -8.59
CA LEU A 51 -8.90 -10.88 -9.73
C LEU A 51 -7.40 -10.78 -10.07
N PRO A 52 -7.05 -10.19 -11.23
CA PRO A 52 -5.64 -10.19 -11.64
C PRO A 52 -4.84 -9.12 -10.94
N MSE A 53 -4.66 -9.31 -9.64
CA MSE A 53 -4.00 -8.32 -8.79
C MSE A 53 -2.50 -8.46 -8.89
O MSE A 53 -1.97 -9.56 -8.70
CB MSE A 53 -4.35 -8.57 -7.32
CG MSE A 53 -5.79 -8.49 -7.01
SE MSE A 53 -6.35 -6.67 -7.34
CE MSE A 53 -5.37 -5.80 -5.87
N GLU A 54 -1.83 -7.35 -9.15
CA GLU A 54 -0.37 -7.30 -9.17
C GLU A 54 0.04 -5.98 -8.49
N SER A 55 0.89 -6.10 -7.46
CA SER A 55 1.36 -4.92 -6.70
C SER A 55 0.21 -4.06 -6.17
N GLY A 56 -0.84 -4.71 -5.66
CA GLY A 56 -1.98 -4.02 -5.13
C GLY A 56 -3.02 -3.47 -6.11
N LYS A 57 -2.79 -3.63 -7.41
CA LYS A 57 -3.67 -3.04 -8.44
C LYS A 57 -4.21 -4.10 -9.39
N ILE A 58 -5.34 -3.81 -10.02
CA ILE A 58 -5.87 -4.70 -11.08
C ILE A 58 -5.05 -4.49 -12.35
N ALA A 59 -4.27 -5.51 -12.72
CA ALA A 59 -3.27 -5.40 -13.75
C ALA A 59 -3.79 -5.40 -15.18
N VAL A 60 -4.96 -5.99 -15.39
CA VAL A 60 -5.48 -6.19 -16.75
C VAL A 60 -6.99 -5.94 -16.67
N THR A 61 -7.46 -4.94 -17.39
CA THR A 61 -8.85 -4.50 -17.34
C THR A 61 -9.49 -4.40 -18.72
N GLY A 62 -10.82 -4.46 -18.73
CA GLY A 62 -11.58 -4.48 -19.97
C GLY A 62 -11.90 -5.85 -20.58
N LEU A 63 -12.63 -5.79 -21.69
CA LEU A 63 -13.22 -6.92 -22.35
C LEU A 63 -12.27 -7.58 -23.33
N VAL A 64 -12.13 -8.89 -23.19
CA VAL A 64 -11.34 -9.66 -24.13
C VAL A 64 -12.04 -9.70 -25.49
N GLY A 65 -11.28 -9.36 -26.53
CA GLY A 65 -11.81 -9.13 -27.88
C GLY A 65 -12.17 -7.68 -28.18
N ARG A 66 -12.01 -6.80 -27.19
CA ARG A 66 -12.17 -5.34 -27.36
C ARG A 66 -11.01 -4.54 -26.79
N ASP A 67 -10.79 -4.65 -25.49
CA ASP A 67 -9.77 -3.90 -24.79
C ASP A 67 -8.44 -4.63 -24.63
N VAL A 68 -8.54 -5.96 -24.61
CA VAL A 68 -7.40 -6.84 -24.41
C VAL A 68 -7.47 -8.06 -25.33
N ASP A 69 -6.29 -8.53 -25.75
CA ASP A 69 -6.17 -9.67 -26.63
C ASP A 69 -5.98 -10.94 -25.79
N VAL A 70 -5.88 -12.09 -26.45
CA VAL A 70 -5.77 -13.37 -25.74
C VAL A 70 -4.49 -13.42 -24.88
N ALA A 71 -3.35 -13.00 -25.44
CA ALA A 71 -2.11 -13.07 -24.67
C ALA A 71 -2.18 -12.22 -23.39
N SER A 72 -2.73 -11.01 -23.50
CA SER A 72 -2.93 -10.16 -22.32
C SER A 72 -3.90 -10.81 -21.30
N ALA A 73 -5.00 -11.37 -21.79
CA ALA A 73 -5.97 -12.07 -20.95
C ALA A 73 -5.36 -13.30 -20.24
N GLN A 74 -4.47 -13.99 -20.97
CA GLN A 74 -3.74 -15.15 -20.41
C GLN A 74 -2.89 -14.75 -19.20
N ARG A 75 -2.28 -13.57 -19.28
CA ARG A 75 -1.53 -13.01 -18.16
C ARG A 75 -2.44 -12.60 -16.99
N ALA A 76 -3.60 -12.03 -17.31
CA ALA A 76 -4.61 -11.82 -16.27
C ALA A 76 -4.95 -13.14 -15.57
N ALA A 77 -5.17 -14.21 -16.34
CA ALA A 77 -5.53 -15.51 -15.78
C ALA A 77 -4.36 -16.07 -14.91
N GLU A 78 -3.14 -15.85 -15.36
CA GLU A 78 -1.96 -16.22 -14.53
C GLU A 78 -1.99 -15.49 -13.21
N LEU A 79 -2.28 -14.19 -13.23
CA LEU A 79 -2.32 -13.40 -12.00
C LEU A 79 -3.45 -13.85 -11.10
N CYS A 80 -4.60 -14.15 -11.67
CA CYS A 80 -5.69 -14.71 -10.89
C CYS A 80 -5.21 -15.97 -10.15
N ALA A 81 -4.52 -16.86 -10.89
CA ALA A 81 -3.99 -18.13 -10.33
C ALA A 81 -2.99 -17.87 -9.24
N VAL A 82 -2.16 -16.83 -9.40
CA VAL A 82 -1.14 -16.49 -8.39
C VAL A 82 -1.84 -16.04 -7.12
N ASN A 83 -2.92 -15.28 -7.29
CA ASN A 83 -3.71 -14.85 -6.18
C ASN A 83 -4.45 -16.01 -5.52
N ILE A 84 -4.94 -16.96 -6.31
CA ILE A 84 -5.53 -18.16 -5.73
C ILE A 84 -4.48 -18.86 -4.85
N LEU A 85 -3.27 -19.03 -5.36
CA LEU A 85 -2.18 -19.72 -4.62
C LEU A 85 -1.79 -19.00 -3.32
N ALA A 86 -1.78 -17.67 -3.33
CA ALA A 86 -1.56 -16.89 -2.11
C ALA A 86 -2.63 -17.16 -1.05
N GLN A 87 -3.91 -17.22 -1.45
CA GLN A 87 -4.98 -17.51 -0.51
C GLN A 87 -4.84 -18.91 0.07
N VAL A 88 -4.54 -19.87 -0.82
CA VAL A 88 -4.33 -21.27 -0.42
C VAL A 88 -3.15 -21.38 0.58
N LYS A 89 -2.07 -20.69 0.28
CA LYS A 89 -0.90 -20.68 1.15
C LYS A 89 -1.33 -20.18 2.53
N ALA A 90 -2.07 -19.07 2.57
CA ALA A 90 -2.65 -18.54 3.84
C ALA A 90 -3.54 -19.57 4.58
N ALA A 91 -4.48 -20.17 3.85
CA ALA A 91 -5.37 -21.21 4.39
C ALA A 91 -4.63 -22.39 5.01
N LEU A 92 -3.47 -22.73 4.42
CA LEU A 92 -2.68 -23.88 4.86
C LEU A 92 -1.50 -23.50 5.76
N ASN A 93 -1.57 -22.32 6.36
CA ASN A 93 -0.52 -21.84 7.28
C ASN A 93 0.88 -21.86 6.71
N GLY A 94 1.03 -21.43 5.46
CA GLY A 94 2.33 -21.31 4.82
C GLY A 94 2.74 -22.46 3.94
N ASP A 95 1.89 -23.48 3.85
CA ASP A 95 2.28 -24.78 3.31
C ASP A 95 1.53 -25.23 2.06
N LEU A 96 1.92 -24.72 0.90
CA LEU A 96 1.34 -25.11 -0.39
C LEU A 96 1.51 -26.61 -0.68
N SER A 97 2.46 -27.25 0.02
CA SER A 97 2.68 -28.69 -0.11
C SER A 97 1.50 -29.52 0.43
N LYS A 98 0.67 -28.89 1.27
CA LYS A 98 -0.54 -29.56 1.80
C LYS A 98 -1.75 -29.51 0.86
N ILE A 99 -1.58 -28.98 -0.35
CA ILE A 99 -2.53 -29.21 -1.43
C ILE A 99 -2.47 -30.67 -1.88
N ARG A 100 -3.59 -31.38 -1.79
CA ARG A 100 -3.67 -32.75 -2.29
C ARG A 100 -4.07 -32.74 -3.75
N ARG A 101 -5.05 -31.93 -4.09
CA ARG A 101 -5.53 -31.85 -5.47
C ARG A 101 -6.30 -30.54 -5.66
N VAL A 102 -6.02 -29.84 -6.77
CA VAL A 102 -6.88 -28.76 -7.21
C VAL A 102 -8.06 -29.43 -7.90
N ILE A 103 -9.21 -29.34 -7.27
CA ILE A 103 -10.41 -30.03 -7.74
C ILE A 103 -11.04 -29.33 -8.94
N LYS A 104 -11.22 -28.02 -8.80
CA LYS A 104 -11.93 -27.26 -9.80
C LYS A 104 -11.52 -25.80 -9.79
N LEU A 105 -11.39 -25.25 -10.99
CA LEU A 105 -11.28 -23.81 -11.21
C LEU A 105 -12.48 -23.37 -12.03
N ASN A 106 -13.10 -22.27 -11.62
CA ASN A 106 -14.11 -21.63 -12.46
C ASN A 106 -13.50 -20.34 -13.01
N GLY A 107 -13.34 -20.29 -14.33
CA GLY A 107 -12.70 -19.19 -15.03
C GLY A 107 -13.73 -18.32 -15.75
N PHE A 108 -13.83 -17.08 -15.28
CA PHE A 108 -14.76 -16.10 -15.76
C PHE A 108 -14.00 -15.05 -16.52
N VAL A 109 -14.29 -14.95 -17.82
CA VAL A 109 -13.57 -14.06 -18.73
C VAL A 109 -14.48 -12.93 -19.26
N ALA A 110 -14.16 -11.68 -18.97
CA ALA A 110 -14.99 -10.51 -19.43
C ALA A 110 -14.80 -10.47 -20.95
N SER A 111 -15.91 -10.68 -21.67
CA SER A 111 -15.85 -10.98 -23.11
C SER A 111 -16.83 -10.16 -23.91
N VAL A 112 -16.43 -9.71 -25.09
CA VAL A 112 -17.45 -9.27 -26.09
C VAL A 112 -18.07 -10.53 -26.65
N PRO A 113 -19.33 -10.42 -27.16
CA PRO A 113 -20.01 -11.65 -27.64
C PRO A 113 -19.38 -12.41 -28.85
N GLU A 114 -18.50 -11.74 -29.60
CA GLU A 114 -17.75 -12.36 -30.70
C GLU A 114 -16.52 -13.10 -30.21
N PHE A 115 -16.14 -12.86 -28.97
CA PHE A 115 -14.93 -13.48 -28.44
C PHE A 115 -15.33 -14.87 -27.93
N VAL A 116 -14.63 -15.91 -28.40
CA VAL A 116 -15.02 -17.32 -28.14
C VAL A 116 -13.79 -18.24 -27.80
N GLU A 117 -12.77 -17.61 -27.24
CA GLU A 117 -11.55 -18.30 -26.85
C GLU A 117 -11.30 -18.19 -25.36
N GLN A 118 -12.37 -18.27 -24.58
CA GLN A 118 -12.21 -18.25 -23.13
C GLN A 118 -11.42 -19.45 -22.62
N HIS A 119 -11.50 -20.58 -23.31
CA HIS A 119 -10.63 -21.77 -22.95
C HIS A 119 -9.15 -21.41 -23.04
N LEU A 120 -8.77 -20.66 -24.07
CA LEU A 120 -7.36 -20.25 -24.22
C LEU A 120 -6.94 -19.26 -23.16
N VAL A 121 -7.84 -18.37 -22.81
CA VAL A 121 -7.58 -17.43 -21.73
C VAL A 121 -7.33 -18.15 -20.41
N ILE A 122 -8.24 -19.03 -20.02
CA ILE A 122 -8.10 -19.75 -18.75
C ILE A 122 -6.89 -20.73 -18.78
N ASN A 123 -6.49 -21.16 -19.96
CA ASN A 123 -5.24 -21.96 -20.08
C ASN A 123 -4.08 -21.24 -19.39
N GLY A 124 -4.07 -19.91 -19.37
CA GLY A 124 -3.08 -19.13 -18.60
C GLY A 124 -2.95 -19.59 -17.16
N ALA A 125 -4.10 -19.70 -16.50
CA ALA A 125 -4.17 -20.16 -15.11
C ALA A 125 -3.90 -21.67 -15.04
N SER A 126 -4.56 -22.44 -15.88
CA SER A 126 -4.44 -23.91 -15.78
C SER A 126 -2.99 -24.38 -15.97
N ASN A 127 -2.29 -23.79 -16.94
CA ASN A 127 -0.89 -24.16 -17.22
C ASN A 127 0.03 -23.81 -16.07
N LEU A 128 -0.16 -22.62 -15.50
CA LEU A 128 0.64 -22.16 -14.34
C LEU A 128 0.43 -23.07 -13.13
N ILE A 129 -0.82 -23.32 -12.79
CA ILE A 129 -1.17 -24.21 -11.68
C ILE A 129 -0.57 -25.61 -11.82
N ALA A 130 -0.76 -26.22 -13.00
CA ALA A 130 -0.23 -27.54 -13.30
C ALA A 130 1.29 -27.56 -13.27
N THR A 131 1.93 -26.51 -13.79
CA THR A 131 3.39 -26.37 -13.75
C THR A 131 3.97 -26.32 -12.33
N VAL A 132 3.43 -25.50 -11.45
CA VAL A 132 4.06 -25.31 -10.15
C VAL A 132 3.67 -26.43 -9.19
N LEU A 133 2.53 -27.09 -9.42
CA LEU A 133 2.06 -28.15 -8.53
C LEU A 133 2.28 -29.55 -9.08
N GLY A 134 2.53 -29.68 -10.38
CA GLY A 134 2.57 -30.99 -11.02
C GLY A 134 1.21 -31.70 -11.07
N GLU A 135 1.22 -33.01 -10.87
CA GLU A 135 0.03 -33.80 -11.14
C GLU A 135 -1.14 -33.37 -10.27
N PRO A 136 -0.91 -33.09 -8.98
CA PRO A 136 -2.00 -32.59 -8.10
C PRO A 136 -2.61 -31.26 -8.56
N GLY A 137 -1.89 -30.51 -9.38
CA GLY A 137 -2.43 -29.29 -9.98
C GLY A 137 -3.41 -29.44 -11.12
N ARG A 138 -3.52 -30.64 -11.68
CA ARG A 138 -4.47 -30.88 -12.80
C ARG A 138 -5.91 -30.94 -12.26
N HIS A 139 -6.80 -30.14 -12.85
CA HIS A 139 -8.09 -29.84 -12.24
C HIS A 139 -9.21 -29.93 -13.26
N ALA A 140 -10.43 -30.14 -12.77
CA ALA A 140 -11.65 -29.90 -13.56
C ALA A 140 -11.80 -28.38 -13.72
N ARG A 141 -12.61 -27.95 -14.68
CA ARG A 141 -12.67 -26.55 -15.06
C ARG A 141 -13.95 -26.16 -15.77
N ALA A 142 -14.38 -24.92 -15.60
CA ALA A 142 -15.32 -24.27 -16.53
C ALA A 142 -14.67 -22.96 -16.99
N ALA A 143 -14.95 -22.56 -18.22
CA ALA A 143 -14.42 -21.31 -18.77
C ALA A 143 -15.61 -20.70 -19.54
N VAL A 144 -15.94 -19.47 -19.17
CA VAL A 144 -17.19 -18.84 -19.63
C VAL A 144 -16.97 -17.35 -19.84
N GLY A 145 -17.78 -16.78 -20.71
CA GLY A 145 -17.72 -15.38 -21.06
C GLY A 145 -18.74 -14.53 -20.34
N MSE A 146 -18.24 -13.56 -19.60
CA MSE A 146 -19.00 -12.69 -18.71
C MSE A 146 -19.25 -11.34 -19.44
O MSE A 146 -18.44 -10.93 -20.29
CB MSE A 146 -18.15 -12.39 -17.47
CG MSE A 146 -18.50 -13.01 -16.19
SE MSE A 146 -19.46 -14.66 -16.30
CE MSE A 146 -18.32 -15.52 -16.93
N ALA A 147 -20.30 -10.63 -19.05
CA ALA A 147 -20.57 -9.27 -19.58
C ALA A 147 -19.52 -8.28 -19.08
N SER A 148 -19.05 -8.50 -17.85
CA SER A 148 -18.13 -7.58 -17.15
C SER A 148 -17.87 -8.19 -15.79
N LEU A 149 -16.87 -7.66 -15.09
CA LEU A 149 -16.38 -8.18 -13.81
C LEU A 149 -16.06 -7.01 -12.85
N PRO A 150 -16.07 -7.29 -11.54
CA PRO A 150 -15.68 -6.26 -10.58
C PRO A 150 -14.37 -5.54 -10.92
N PHE A 151 -14.37 -4.25 -10.71
CA PHE A 151 -13.19 -3.37 -10.97
C PHE A 151 -12.74 -3.40 -12.45
N ASN A 152 -13.63 -3.86 -13.33
CA ASN A 152 -13.31 -4.05 -14.71
C ASN A 152 -12.19 -5.06 -14.96
N ALA A 153 -12.00 -6.02 -14.05
CA ALA A 153 -11.09 -7.14 -14.28
C ALA A 153 -11.42 -7.83 -15.61
N SER A 154 -10.39 -8.31 -16.33
CA SER A 154 -10.62 -9.05 -17.58
C SER A 154 -10.94 -10.51 -17.29
N VAL A 155 -10.45 -10.99 -16.14
CA VAL A 155 -10.60 -12.38 -15.69
C VAL A 155 -10.81 -12.42 -14.17
N GLU A 156 -11.68 -13.34 -13.74
CA GLU A 156 -11.85 -13.70 -12.31
C GLU A 156 -11.90 -15.20 -12.25
N ILE A 157 -11.21 -15.78 -11.26
CA ILE A 157 -11.16 -17.24 -11.15
C ILE A 157 -11.34 -17.64 -9.70
N ASP A 158 -12.22 -18.62 -9.46
CA ASP A 158 -12.33 -19.23 -8.13
C ASP A 158 -11.84 -20.67 -8.17
N ALA A 159 -11.75 -21.28 -7.01
CA ALA A 159 -11.16 -22.60 -6.90
C ALA A 159 -11.75 -23.41 -5.76
N ILE A 160 -11.75 -24.73 -5.96
CA ILE A 160 -12.00 -25.70 -4.88
C ILE A 160 -10.75 -26.57 -4.86
N VAL A 161 -10.17 -26.73 -3.68
CA VAL A 161 -8.89 -27.44 -3.55
C VAL A 161 -9.05 -28.47 -2.41
N GLU A 162 -8.66 -29.72 -2.67
CA GLU A 162 -8.61 -30.75 -1.61
C GLU A 162 -7.29 -30.57 -0.86
N ILE A 163 -7.38 -30.53 0.48
CA ILE A 163 -6.22 -30.24 1.32
C ILE A 163 -6.01 -31.29 2.45
N ASN B 4 26.01 -47.99 44.65
CA ASN B 4 26.50 -47.26 43.45
C ASN B 4 25.47 -47.20 42.32
N LEU B 5 24.73 -48.30 42.11
CA LEU B 5 23.80 -48.40 40.99
C LEU B 5 22.64 -47.42 41.17
N TYR B 6 22.23 -47.24 42.42
CA TYR B 6 21.17 -46.32 42.76
C TYR B 6 21.55 -44.86 42.37
N PHE B 7 22.79 -44.49 42.70
CA PHE B 7 23.29 -43.15 42.41
C PHE B 7 23.55 -42.97 40.92
N GLN B 8 24.08 -44.03 40.30
CA GLN B 8 24.20 -44.08 38.85
C GLN B 8 22.83 -43.85 38.19
N GLY B 9 21.78 -44.44 38.74
CA GLY B 9 20.42 -44.28 38.21
C GLY B 9 19.89 -42.87 38.42
N MSE B 10 20.09 -42.33 39.61
CA MSE B 10 19.68 -40.95 39.85
C MSE B 10 20.33 -40.00 38.85
O MSE B 10 19.68 -39.13 38.28
CB MSE B 10 20.09 -40.51 41.25
CG MSE B 10 19.19 -41.01 42.33
SE MSE B 10 19.69 -40.14 44.02
CE MSE B 10 19.74 -38.28 43.41
N SER B 11 21.63 -40.20 38.62
CA SER B 11 22.38 -39.37 37.71
C SER B 11 21.85 -39.52 36.29
N ASP B 12 21.54 -40.75 35.90
CA ASP B 12 20.93 -41.03 34.61
C ASP B 12 19.57 -40.31 34.41
N VAL B 13 18.75 -40.28 35.46
CA VAL B 13 17.44 -39.65 35.41
C VAL B 13 17.61 -38.13 35.19
N ILE B 14 18.57 -37.54 35.89
CA ILE B 14 18.85 -36.08 35.75
C ILE B 14 19.22 -35.77 34.31
N GLU B 15 20.19 -36.50 33.80
CA GLU B 15 20.70 -36.26 32.44
C GLU B 15 19.62 -36.59 31.38
N GLY B 16 18.77 -37.58 31.67
CA GLY B 16 17.65 -37.91 30.79
C GLY B 16 16.60 -36.82 30.77
N ARG B 17 16.32 -36.22 31.91
CA ARG B 17 15.34 -35.13 31.98
C ARG B 17 15.84 -33.91 31.19
N LEU B 18 17.13 -33.64 31.24
CA LEU B 18 17.72 -32.53 30.45
C LEU B 18 17.57 -32.80 28.96
N LYS B 19 17.79 -34.05 28.52
CA LYS B 19 17.55 -34.44 27.11
C LYS B 19 16.11 -34.25 26.68
N GLU B 20 15.16 -34.48 27.60
CA GLU B 20 13.75 -34.25 27.32
C GLU B 20 13.44 -32.76 27.11
N LEU B 21 14.21 -31.87 27.75
CA LEU B 21 14.12 -30.40 27.47
C LEU B 21 14.86 -29.99 26.20
N GLY B 22 15.64 -30.89 25.61
CA GLY B 22 16.28 -30.63 24.33
C GLY B 22 17.77 -30.37 24.39
N PHE B 23 18.39 -30.61 25.53
CA PHE B 23 19.82 -30.38 25.69
C PHE B 23 20.58 -31.63 26.05
N THR B 24 21.79 -31.73 25.52
CA THR B 24 22.78 -32.68 26.01
C THR B 24 23.87 -31.87 26.68
N LEU B 25 24.55 -32.48 27.66
CA LEU B 25 25.64 -31.81 28.35
C LEU B 25 26.89 -31.78 27.50
N PRO B 26 27.46 -30.59 27.30
CA PRO B 26 28.72 -30.50 26.56
C PRO B 26 29.87 -31.17 27.30
N ALA B 32 42.91 -24.62 29.60
CA ALA B 32 43.46 -24.44 30.95
C ALA B 32 44.00 -23.03 31.17
N ALA B 33 43.96 -22.58 32.42
CA ALA B 33 44.25 -21.18 32.72
C ALA B 33 44.51 -20.98 34.22
N ASN B 34 44.83 -19.75 34.61
CA ASN B 34 45.05 -19.40 36.03
C ASN B 34 43.75 -19.25 36.84
N TYR B 35 42.63 -19.24 36.11
CA TYR B 35 41.30 -19.45 36.70
C TYR B 35 40.74 -20.73 36.13
N VAL B 36 39.89 -21.37 36.93
CA VAL B 36 39.42 -22.71 36.64
C VAL B 36 37.91 -22.66 36.57
N PRO B 37 37.28 -23.67 35.93
CA PRO B 37 35.82 -23.69 35.88
C PRO B 37 35.07 -23.85 37.21
N PHE B 38 35.71 -24.44 38.21
CA PHE B 38 35.08 -24.63 39.49
C PHE B 38 36.13 -24.88 40.53
N THR B 39 35.77 -24.60 41.78
CA THR B 39 36.57 -24.95 42.94
C THR B 39 35.67 -25.60 44.00
N ILE B 40 36.25 -26.40 44.89
CA ILE B 40 35.49 -26.96 45.99
C ILE B 40 36.10 -26.54 47.31
N SER B 41 35.25 -26.11 48.22
CA SER B 41 35.68 -25.86 49.58
C SER B 41 34.70 -26.53 50.53
N GLY B 42 35.18 -27.52 51.28
CA GLY B 42 34.26 -28.28 52.12
C GLY B 42 33.26 -29.00 51.23
N ASN B 43 31.97 -28.77 51.45
CA ASN B 43 30.97 -29.40 50.61
C ASN B 43 30.29 -28.41 49.70
N LEU B 44 30.97 -27.29 49.47
CA LEU B 44 30.48 -26.24 48.54
C LEU B 44 31.35 -26.26 47.27
N LEU B 45 30.66 -26.29 46.13
CA LEU B 45 31.23 -26.24 44.81
C LEU B 45 30.88 -24.86 44.25
N TYR B 46 31.91 -24.13 43.92
CA TYR B 46 31.81 -22.81 43.28
C TYR B 46 32.08 -22.93 41.80
N VAL B 47 31.05 -22.68 40.99
CA VAL B 47 31.18 -22.79 39.54
C VAL B 47 31.37 -21.39 38.96
N SER B 48 32.41 -21.26 38.13
CA SER B 48 32.66 -20.00 37.40
C SER B 48 31.50 -19.55 36.51
N GLY B 49 31.41 -18.24 36.27
CA GLY B 49 30.42 -17.68 35.36
C GLY B 49 30.45 -18.43 34.05
N GLN B 50 29.30 -18.98 33.66
CA GLN B 50 29.16 -19.71 32.41
C GLN B 50 28.42 -18.84 31.40
N LEU B 51 28.86 -18.94 30.15
CA LEU B 51 28.27 -18.23 29.03
C LEU B 51 27.34 -19.18 28.25
N PRO B 52 26.51 -18.64 27.33
CA PRO B 52 25.57 -19.48 26.60
C PRO B 52 26.22 -20.28 25.47
N MSE B 53 27.06 -21.24 25.84
CA MSE B 53 27.86 -21.99 24.85
C MSE B 53 27.04 -23.13 24.34
O MSE B 53 26.45 -23.88 25.10
CB MSE B 53 29.09 -22.64 25.46
CG MSE B 53 29.99 -21.78 26.19
SE MSE B 53 30.59 -20.37 25.02
CE MSE B 53 31.54 -21.36 23.68
N GLU B 54 27.06 -23.28 23.03
CA GLU B 54 26.39 -24.38 22.34
C GLU B 54 27.29 -24.76 21.18
N SER B 55 27.66 -26.05 21.09
CA SER B 55 28.62 -26.52 20.09
C SER B 55 29.88 -25.68 20.05
N GLY B 56 30.36 -25.32 21.24
CA GLY B 56 31.61 -24.56 21.36
C GLY B 56 31.57 -23.09 20.93
N LYS B 57 30.39 -22.56 20.58
CA LYS B 57 30.22 -21.15 20.18
C LYS B 57 29.29 -20.41 21.14
N ILE B 58 29.47 -19.10 21.30
CA ILE B 58 28.48 -18.28 22.06
C ILE B 58 27.23 -18.16 21.22
N ALA B 59 26.15 -18.77 21.67
CA ALA B 59 24.95 -18.95 20.89
C ALA B 59 23.98 -17.75 20.88
N VAL B 60 24.04 -16.89 21.90
CA VAL B 60 23.17 -15.72 21.99
C VAL B 60 24.03 -14.53 22.45
N THR B 61 24.06 -13.50 21.62
CA THR B 61 24.92 -12.35 21.82
C THR B 61 24.13 -11.02 21.72
N GLY B 62 24.67 -10.02 22.34
CA GLY B 62 24.06 -8.70 22.33
C GLY B 62 23.22 -8.42 23.56
N LEU B 63 22.65 -7.21 23.55
CA LEU B 63 21.93 -6.64 24.69
C LEU B 63 20.48 -6.98 24.65
N VAL B 64 19.98 -7.49 25.76
CA VAL B 64 18.56 -7.76 25.88
C VAL B 64 17.83 -6.41 25.90
N GLY B 65 16.80 -6.35 25.07
CA GLY B 65 16.05 -5.12 24.83
C GLY B 65 16.56 -4.28 23.65
N ARG B 66 17.63 -4.75 23.02
CA ARG B 66 18.15 -4.12 21.82
C ARG B 66 18.40 -5.16 20.73
N ASP B 67 19.28 -6.11 21.02
CA ASP B 67 19.69 -7.15 20.07
C ASP B 67 18.91 -8.47 20.20
N VAL B 68 18.40 -8.73 21.40
CA VAL B 68 17.79 -9.99 21.79
C VAL B 68 16.53 -9.67 22.58
N ASP B 69 15.47 -10.45 22.36
CA ASP B 69 14.26 -10.32 23.16
C ASP B 69 14.30 -11.30 24.34
N VAL B 70 13.27 -11.25 25.16
CA VAL B 70 13.23 -12.06 26.37
C VAL B 70 13.29 -13.54 26.06
N ALA B 71 12.50 -13.95 25.08
CA ALA B 71 12.49 -15.40 24.71
C ALA B 71 13.88 -15.92 24.30
N SER B 72 14.60 -15.14 23.47
CA SER B 72 15.94 -15.51 23.10
C SER B 72 16.88 -15.47 24.30
N ALA B 73 16.74 -14.45 25.17
CA ALA B 73 17.60 -14.36 26.36
C ALA B 73 17.34 -15.55 27.31
N GLN B 74 16.08 -15.98 27.40
CA GLN B 74 15.74 -17.17 28.23
C GLN B 74 16.45 -18.43 27.72
N ARG B 75 16.53 -18.59 26.40
CA ARG B 75 17.32 -19.64 25.84
C ARG B 75 18.80 -19.48 26.15
N ALA B 76 19.32 -18.24 26.11
CA ALA B 76 20.71 -17.99 26.58
C ALA B 76 20.89 -18.49 28.02
N ALA B 77 19.93 -18.14 28.88
CA ALA B 77 20.00 -18.53 30.30
C ALA B 77 19.95 -20.06 30.44
N GLU B 78 19.11 -20.72 29.66
CA GLU B 78 19.08 -22.20 29.63
C GLU B 78 20.46 -22.77 29.29
N LEU B 79 21.10 -22.22 28.26
CA LEU B 79 22.43 -22.66 27.85
C LEU B 79 23.47 -22.43 28.94
N CYS B 80 23.42 -21.26 29.61
CA CYS B 80 24.29 -21.01 30.74
C CYS B 80 24.11 -22.13 31.79
N ALA B 81 22.86 -22.46 32.08
CA ALA B 81 22.48 -23.52 33.06
C ALA B 81 23.00 -24.91 32.66
N VAL B 82 22.89 -25.24 31.39
CA VAL B 82 23.43 -26.49 30.84
C VAL B 82 24.94 -26.56 31.02
N ASN B 83 25.63 -25.44 30.77
CA ASN B 83 27.06 -25.37 30.98
C ASN B 83 27.44 -25.44 32.47
N ILE B 84 26.66 -24.85 33.34
CA ILE B 84 26.87 -25.01 34.80
C ILE B 84 26.80 -26.53 35.15
N LEU B 85 25.78 -27.21 34.66
CA LEU B 85 25.55 -28.63 34.99
C LEU B 85 26.65 -29.50 34.44
N ALA B 86 27.19 -29.12 33.28
CA ALA B 86 28.33 -29.83 32.71
C ALA B 86 29.57 -29.66 33.61
N GLN B 87 29.76 -28.47 34.19
CA GLN B 87 30.88 -28.27 35.12
C GLN B 87 30.67 -29.06 36.40
N VAL B 88 29.44 -29.06 36.91
CA VAL B 88 29.10 -29.82 38.12
C VAL B 88 29.33 -31.32 37.91
N LYS B 89 28.94 -31.83 36.76
CA LYS B 89 29.13 -33.26 36.47
C LYS B 89 30.62 -33.57 36.49
N ALA B 90 31.41 -32.73 35.82
CA ALA B 90 32.88 -32.83 35.85
C ALA B 90 33.45 -32.81 37.29
N ALA B 91 33.03 -31.82 38.08
CA ALA B 91 33.43 -31.69 39.49
C ALA B 91 33.12 -32.95 40.32
N LEU B 92 32.02 -33.60 39.98
CA LEU B 92 31.49 -34.76 40.70
C LEU B 92 31.87 -36.09 40.02
N ASN B 93 32.90 -36.04 39.17
CA ASN B 93 33.42 -37.20 38.45
C ASN B 93 32.32 -38.02 37.76
N GLY B 94 31.39 -37.33 37.12
CA GLY B 94 30.33 -37.95 36.36
C GLY B 94 29.02 -38.12 37.09
N ASP B 95 29.02 -37.89 38.40
CA ASP B 95 27.91 -38.29 39.27
C ASP B 95 27.07 -37.09 39.75
N LEU B 96 26.07 -36.73 38.95
CA LEU B 96 25.17 -35.62 39.27
C LEU B 96 24.24 -35.92 40.43
N SER B 97 24.15 -37.19 40.84
CA SER B 97 23.41 -37.53 42.05
C SER B 97 24.13 -36.98 43.31
N LYS B 98 25.39 -36.57 43.17
CA LYS B 98 26.10 -35.97 44.28
C LYS B 98 25.70 -34.52 44.56
N ILE B 99 24.84 -33.93 43.72
CA ILE B 99 24.27 -32.61 44.04
C ILE B 99 23.32 -32.78 45.21
N ARG B 100 23.52 -32.04 46.29
CA ARG B 100 22.56 -32.04 47.40
C ARG B 100 21.56 -30.91 47.27
N ARG B 101 22.05 -29.73 46.92
CA ARG B 101 21.22 -28.53 46.82
C ARG B 101 21.93 -27.49 45.95
N VAL B 102 21.22 -26.89 45.00
CA VAL B 102 21.75 -25.71 44.31
C VAL B 102 21.46 -24.56 45.26
N ILE B 103 22.53 -24.00 45.81
CA ILE B 103 22.45 -22.96 46.83
C ILE B 103 22.10 -21.60 46.22
N LYS B 104 22.80 -21.24 45.16
CA LYS B 104 22.70 -19.87 44.63
C LYS B 104 23.09 -19.83 43.19
N LEU B 105 22.30 -19.14 42.39
CA LEU B 105 22.72 -18.70 41.04
C LEU B 105 22.80 -17.19 41.03
N ASN B 106 23.85 -16.67 40.42
CA ASN B 106 23.92 -15.24 40.10
C ASN B 106 23.77 -15.07 38.60
N GLY B 107 22.68 -14.40 38.20
CA GLY B 107 22.29 -14.28 36.80
C GLY B 107 22.58 -12.88 36.29
N PHE B 108 23.56 -12.77 35.37
CA PHE B 108 23.97 -11.51 34.84
C PHE B 108 23.45 -11.38 33.42
N VAL B 109 22.64 -10.36 33.19
CA VAL B 109 21.98 -10.19 31.90
C VAL B 109 22.44 -8.88 31.21
N ALA B 110 23.07 -8.99 30.04
CA ALA B 110 23.52 -7.78 29.31
C ALA B 110 22.24 -7.07 28.86
N SER B 111 22.05 -5.82 29.32
CA SER B 111 20.79 -5.12 29.20
C SER B 111 20.97 -3.70 28.72
N VAL B 112 20.03 -3.24 27.91
CA VAL B 112 19.87 -1.77 27.80
C VAL B 112 19.18 -1.25 29.07
N PRO B 113 19.39 0.03 29.41
CA PRO B 113 18.87 0.56 30.69
C PRO B 113 17.34 0.59 30.79
N GLU B 114 16.65 0.52 29.67
CA GLU B 114 15.18 0.41 29.67
C GLU B 114 14.70 -1.01 29.89
N PHE B 115 15.62 -1.98 29.81
CA PHE B 115 15.22 -3.39 29.93
C PHE B 115 15.23 -3.78 31.42
N VAL B 116 14.08 -4.26 31.90
CA VAL B 116 13.87 -4.47 33.35
C VAL B 116 13.18 -5.82 33.66
N GLU B 117 13.42 -6.80 32.80
CA GLU B 117 12.87 -8.15 32.97
C GLU B 117 13.97 -9.19 33.07
N GLN B 118 15.04 -8.81 33.76
CA GLN B 118 16.16 -9.71 34.01
C GLN B 118 15.70 -10.95 34.81
N HIS B 119 14.72 -10.76 35.70
CA HIS B 119 14.15 -11.92 36.44
C HIS B 119 13.51 -12.94 35.48
N LEU B 120 12.82 -12.49 34.43
CA LEU B 120 12.21 -13.42 33.48
C LEU B 120 13.26 -14.12 32.65
N VAL B 121 14.31 -13.40 32.32
CA VAL B 121 15.43 -13.99 31.58
C VAL B 121 16.05 -15.12 32.38
N ILE B 122 16.39 -14.87 33.64
CA ILE B 122 17.07 -15.88 34.44
C ILE B 122 16.14 -17.04 34.80
N ASN B 123 14.82 -16.82 34.74
CA ASN B 123 13.87 -17.94 34.86
C ASN B 123 14.15 -19.04 33.85
N GLY B 124 14.68 -18.71 32.67
CA GLY B 124 15.14 -19.78 31.74
C GLY B 124 16.05 -20.78 32.45
N ALA B 125 17.04 -20.25 33.18
CA ALA B 125 17.99 -21.08 33.93
C ALA B 125 17.28 -21.74 35.12
N SER B 126 16.56 -20.96 35.91
CA SER B 126 15.97 -21.49 37.16
C SER B 126 14.98 -22.61 36.87
N ASN B 127 14.15 -22.41 35.88
CA ASN B 127 13.15 -23.45 35.53
C ASN B 127 13.85 -24.72 35.06
N LEU B 128 14.87 -24.60 34.23
CA LEU B 128 15.58 -25.76 33.72
C LEU B 128 16.21 -26.55 34.86
N ILE B 129 16.91 -25.84 35.73
CA ILE B 129 17.60 -26.46 36.86
C ILE B 129 16.61 -27.12 37.81
N ALA B 130 15.55 -26.44 38.19
CA ALA B 130 14.54 -27.04 39.06
C ALA B 130 13.83 -28.25 38.38
N THR B 131 13.59 -28.18 37.07
CA THR B 131 12.99 -29.29 36.30
C THR B 131 13.86 -30.56 36.30
N VAL B 132 15.15 -30.40 36.11
CA VAL B 132 16.02 -31.56 35.94
C VAL B 132 16.45 -32.13 37.30
N LEU B 133 16.53 -31.27 38.31
CA LEU B 133 16.98 -31.70 39.65
C LEU B 133 15.85 -31.91 40.64
N GLY B 134 14.65 -31.38 40.37
CA GLY B 134 13.58 -31.41 41.33
C GLY B 134 13.78 -30.45 42.48
N GLU B 135 13.21 -30.77 43.62
CA GLU B 135 13.27 -29.88 44.77
C GLU B 135 14.69 -29.42 45.14
N PRO B 136 15.68 -30.32 45.09
CA PRO B 136 17.07 -29.89 45.35
C PRO B 136 17.61 -28.81 44.41
N GLY B 137 16.95 -28.69 43.26
CA GLY B 137 17.32 -27.68 42.28
C GLY B 137 16.87 -26.28 42.63
N ARG B 138 15.97 -26.14 43.60
CA ARG B 138 15.45 -24.83 43.96
C ARG B 138 16.49 -24.04 44.74
N HIS B 139 16.72 -22.80 44.32
CA HIS B 139 17.94 -22.08 44.70
C HIS B 139 17.63 -20.62 45.02
N ALA B 140 18.50 -20.00 45.83
CA ALA B 140 18.49 -18.54 46.02
C ALA B 140 19.08 -17.94 44.75
N ARG B 141 18.80 -16.67 44.51
CA ARG B 141 19.15 -16.08 43.22
C ARG B 141 19.36 -14.58 43.34
N ALA B 142 20.22 -14.06 42.45
CA ALA B 142 20.20 -12.64 42.07
C ALA B 142 20.10 -12.54 40.54
N ALA B 143 19.40 -11.50 40.05
CA ALA B 143 19.25 -11.27 38.61
C ALA B 143 19.43 -9.77 38.40
N VAL B 144 20.42 -9.40 37.61
CA VAL B 144 20.85 -8.02 37.48
C VAL B 144 21.20 -7.69 36.05
N GLY B 145 21.12 -6.40 35.71
CA GLY B 145 21.39 -5.97 34.33
C GLY B 145 22.80 -5.39 34.22
N MSE B 146 23.55 -5.93 33.27
CA MSE B 146 24.96 -5.59 33.04
C MSE B 146 25.08 -4.69 31.79
O MSE B 146 24.25 -4.74 30.91
CB MSE B 146 25.78 -6.85 32.75
CG MSE B 146 26.32 -7.61 33.88
SE MSE B 146 25.30 -7.67 35.52
CE MSE B 146 26.87 -7.95 36.74
N ALA B 147 26.14 -3.90 31.73
CA ALA B 147 26.43 -3.06 30.54
C ALA B 147 26.76 -3.94 29.32
N SER B 148 27.45 -5.04 29.59
CA SER B 148 27.95 -5.97 28.58
C SER B 148 28.66 -7.14 29.26
N LEU B 149 29.00 -8.16 28.49
CA LEU B 149 29.61 -9.39 29.01
C LEU B 149 30.65 -9.94 28.06
N PRO B 150 31.55 -10.73 28.62
CA PRO B 150 32.57 -11.36 27.78
C PRO B 150 32.01 -12.01 26.49
N PHE B 151 32.74 -11.78 25.40
CA PHE B 151 32.37 -12.31 24.08
C PHE B 151 30.98 -11.84 23.58
N ASN B 152 30.49 -10.75 24.19
CA ASN B 152 29.19 -10.21 23.88
C ASN B 152 28.04 -11.16 24.22
N ALA B 153 28.30 -12.08 25.15
CA ALA B 153 27.25 -12.99 25.68
C ALA B 153 26.06 -12.16 26.17
N SER B 154 24.85 -12.64 25.93
CA SER B 154 23.67 -11.93 26.44
C SER B 154 23.44 -12.20 27.95
N VAL B 155 23.94 -13.34 28.45
CA VAL B 155 23.73 -13.79 29.82
C VAL B 155 24.98 -14.55 30.26
N GLU B 156 25.34 -14.36 31.53
CA GLU B 156 26.38 -15.14 32.22
C GLU B 156 25.77 -15.49 33.58
N ILE B 157 25.98 -16.73 34.00
CA ILE B 157 25.43 -17.23 35.27
C ILE B 157 26.48 -18.05 36.00
N ASP B 158 26.72 -17.74 37.26
CA ASP B 158 27.56 -18.56 38.11
C ASP B 158 26.68 -19.24 39.18
N ALA B 159 27.30 -20.09 39.98
CA ALA B 159 26.55 -20.94 40.88
C ALA B 159 27.37 -21.41 42.06
N ILE B 160 26.65 -21.65 43.15
CA ILE B 160 27.20 -22.34 44.31
C ILE B 160 26.28 -23.52 44.55
N VAL B 161 26.88 -24.70 44.68
CA VAL B 161 26.14 -25.95 44.78
C VAL B 161 26.66 -26.75 45.97
N GLU B 162 25.77 -27.22 46.83
CA GLU B 162 26.16 -28.08 47.94
C GLU B 162 26.22 -29.49 47.44
N ILE B 163 27.32 -30.18 47.72
CA ILE B 163 27.57 -31.49 47.15
C ILE B 163 27.89 -32.55 48.21
N ASP B 164 27.76 -33.80 47.80
CA ASP B 164 28.27 -34.96 48.56
C ASP B 164 29.77 -35.06 48.40
N VAL B 165 30.46 -35.15 49.53
CA VAL B 165 31.90 -34.99 49.61
C VAL B 165 32.45 -35.79 50.79
N GLU C 3 20.14 23.10 -27.63
CA GLU C 3 19.79 23.98 -26.47
C GLU C 3 19.15 23.14 -25.34
N ASN C 4 17.95 22.60 -25.60
CA ASN C 4 17.34 21.64 -24.68
C ASN C 4 18.13 20.32 -24.71
N LEU C 5 18.70 20.02 -25.88
CA LEU C 5 19.55 18.83 -26.06
C LEU C 5 20.86 18.93 -25.29
N TYR C 6 21.42 20.13 -25.22
CA TYR C 6 22.59 20.34 -24.41
C TYR C 6 22.35 19.88 -22.96
N PHE C 7 21.23 20.34 -22.38
CA PHE C 7 20.88 19.98 -21.00
C PHE C 7 20.49 18.51 -20.86
N GLN C 8 19.78 17.97 -21.82
CA GLN C 8 19.53 16.54 -21.84
C GLN C 8 20.86 15.78 -21.79
N GLY C 9 21.83 16.26 -22.57
CA GLY C 9 23.16 15.66 -22.64
C GLY C 9 23.89 15.72 -21.32
N MSE C 10 23.96 16.92 -20.74
CA MSE C 10 24.55 17.12 -19.41
C MSE C 10 23.96 16.18 -18.37
O MSE C 10 24.69 15.64 -17.55
CB MSE C 10 24.33 18.57 -18.96
CG MSE C 10 25.39 19.54 -19.42
SE MSE C 10 25.28 21.23 -18.39
CE MSE C 10 25.65 20.56 -16.57
N SER C 11 22.66 15.96 -18.41
CA SER C 11 21.99 15.05 -17.47
C SER C 11 22.37 13.61 -17.71
N ASP C 12 22.40 13.20 -18.98
CA ASP C 12 22.87 11.89 -19.34
C ASP C 12 24.24 11.62 -18.76
N VAL C 13 25.12 12.62 -18.84
CA VAL C 13 26.49 12.47 -18.36
C VAL C 13 26.50 12.28 -16.84
N ILE C 14 25.72 13.10 -16.16
CA ILE C 14 25.67 13.02 -14.67
C ILE C 14 25.20 11.63 -14.26
N GLU C 15 24.09 11.20 -14.84
CA GLU C 15 23.50 9.90 -14.50
C GLU C 15 24.38 8.73 -14.95
N GLY C 16 25.14 8.91 -16.05
CA GLY C 16 26.07 7.88 -16.45
C GLY C 16 27.23 7.74 -15.49
N ARG C 17 27.74 8.87 -15.01
CA ARG C 17 28.83 8.86 -14.06
C ARG C 17 28.38 8.10 -12.78
N LEU C 18 27.12 8.29 -12.40
CA LEU C 18 26.58 7.60 -11.21
C LEU C 18 26.51 6.08 -11.43
N LYS C 19 26.10 5.68 -12.63
CA LYS C 19 26.16 4.26 -13.02
C LYS C 19 27.59 3.71 -12.97
N GLU C 20 28.58 4.51 -13.39
CA GLU C 20 29.98 4.12 -13.29
C GLU C 20 30.44 3.87 -11.85
N LEU C 21 29.80 4.56 -10.90
CA LEU C 21 30.07 4.33 -9.48
C LEU C 21 29.28 3.11 -8.94
N GLY C 22 28.31 2.63 -9.71
CA GLY C 22 27.60 1.40 -9.37
C GLY C 22 26.16 1.61 -8.91
N PHE C 23 25.65 2.82 -9.10
CA PHE C 23 24.32 3.18 -8.67
C PHE C 23 23.40 3.60 -9.82
N THR C 24 22.17 3.14 -9.76
CA THR C 24 21.09 3.68 -10.56
C THR C 24 20.21 4.54 -9.64
N LEU C 25 19.57 5.58 -10.20
CA LEU C 25 18.61 6.37 -9.44
C LEU C 25 17.30 5.57 -9.21
N PRO C 26 16.81 5.55 -7.97
CA PRO C 26 15.48 4.98 -7.76
C PRO C 26 14.40 5.93 -8.28
N VAL C 27 13.19 5.42 -8.45
CA VAL C 27 12.03 6.28 -8.67
C VAL C 27 11.53 6.83 -7.33
N ALA C 33 2.12 12.63 1.70
CA ALA C 33 2.16 12.99 3.13
C ALA C 33 1.99 14.50 3.33
N ASN C 34 1.83 14.92 4.60
CA ASN C 34 1.78 16.36 4.96
C ASN C 34 3.15 17.05 4.95
N TYR C 35 4.19 16.23 4.80
CA TYR C 35 5.50 16.72 4.43
C TYR C 35 5.82 16.07 3.10
N VAL C 36 6.67 16.75 2.36
CA VAL C 36 6.98 16.45 0.99
C VAL C 36 8.48 16.18 0.85
N PRO C 37 8.88 15.45 -0.20
CA PRO C 37 10.34 15.21 -0.38
C PRO C 37 11.20 16.45 -0.70
N PHE C 38 10.57 17.51 -1.21
CA PHE C 38 11.33 18.75 -1.49
C PHE C 38 10.39 19.92 -1.60
N THR C 39 10.95 21.09 -1.39
CA THR C 39 10.26 22.36 -1.69
C THR C 39 11.22 23.25 -2.44
N ILE C 40 10.68 24.23 -3.18
CA ILE C 40 11.52 25.18 -3.87
C ILE C 40 11.13 26.57 -3.41
N SER C 41 12.11 27.37 -3.06
CA SER C 41 11.88 28.78 -2.78
C SER C 41 12.88 29.59 -3.59
N GLY C 42 12.38 30.43 -4.51
CA GLY C 42 13.26 31.12 -5.43
C GLY C 42 14.03 30.13 -6.28
N ASN C 43 15.34 30.22 -6.24
CA ASN C 43 16.18 29.26 -6.93
C ASN C 43 16.84 28.28 -5.95
N LEU C 44 16.27 28.14 -4.75
CA LEU C 44 16.78 27.18 -3.75
C LEU C 44 15.83 26.01 -3.65
N LEU C 45 16.38 24.81 -3.72
CA LEU C 45 15.65 23.56 -3.60
C LEU C 45 16.08 22.93 -2.27
N TYR C 46 15.11 22.75 -1.40
CA TYR C 46 15.30 22.11 -0.11
C TYR C 46 14.83 20.65 -0.21
N VAL C 47 15.74 19.70 0.01
CA VAL C 47 15.42 18.30 -0.15
C VAL C 47 15.33 17.76 1.28
N SER C 48 14.25 17.03 1.56
CA SER C 48 14.06 16.36 2.86
C SER C 48 15.16 15.36 3.19
N GLY C 49 15.37 15.11 4.47
CA GLY C 49 16.25 14.04 4.90
C GLY C 49 15.98 12.74 4.18
N GLN C 50 17.01 12.26 3.49
CA GLN C 50 16.98 10.97 2.82
C GLN C 50 17.70 9.89 3.61
N LEU C 51 17.12 8.70 3.58
CA LEU C 51 17.65 7.53 4.22
C LEU C 51 18.33 6.62 3.17
N PRO C 52 19.05 5.62 3.63
CA PRO C 52 19.84 4.82 2.72
C PRO C 52 18.99 3.74 2.06
N MSE C 53 18.06 4.18 1.22
CA MSE C 53 17.09 3.31 0.56
C MSE C 53 17.74 2.65 -0.64
O MSE C 53 18.37 3.31 -1.49
CB MSE C 53 15.89 4.07 0.06
CG MSE C 53 15.19 4.90 1.03
SE MSE C 53 14.46 3.69 2.32
CE MSE C 53 13.16 2.80 1.15
N GLU C 54 17.55 1.34 -0.74
CA GLU C 54 17.99 0.61 -1.90
C GLU C 54 16.96 -0.48 -2.12
N SER C 55 16.40 -0.53 -3.33
CA SER C 55 15.36 -1.47 -3.73
C SER C 55 14.18 -1.40 -2.80
N GLY C 56 13.80 -0.18 -2.43
CA GLY C 56 12.70 0.01 -1.52
C GLY C 56 12.89 -0.46 -0.08
N LYS C 57 14.14 -0.67 0.33
CA LYS C 57 14.46 -1.07 1.71
C LYS C 57 15.56 -0.20 2.28
N ILE C 58 15.58 -0.05 3.61
CA ILE C 58 16.68 0.65 4.27
C ILE C 58 17.83 -0.34 4.27
N ALA C 59 18.87 0.02 3.57
CA ALA C 59 19.95 -0.88 3.25
C ALA C 59 20.97 -1.03 4.38
N VAL C 60 21.10 0.01 5.22
CA VAL C 60 22.11 0.01 6.25
C VAL C 60 21.45 0.54 7.53
N THR C 61 21.44 -0.31 8.55
CA THR C 61 20.77 -0.02 9.82
C THR C 61 21.69 -0.23 11.02
N GLY C 62 21.35 0.47 12.09
CA GLY C 62 22.06 0.37 13.36
C GLY C 62 23.09 1.48 13.53
N LEU C 63 23.75 1.44 14.68
CA LEU C 63 24.67 2.49 15.10
C LEU C 63 26.08 2.25 14.60
N VAL C 64 26.66 3.29 14.03
CA VAL C 64 28.06 3.26 13.60
C VAL C 64 28.96 3.20 14.84
N GLY C 65 29.90 2.27 14.82
CA GLY C 65 30.70 1.99 16.01
C GLY C 65 30.15 0.86 16.89
N ARG C 66 28.99 0.31 16.52
CA ARG C 66 28.38 -0.84 17.21
C ARG C 66 27.89 -1.90 16.24
N ASP C 67 26.96 -1.49 15.38
CA ASP C 67 26.29 -2.34 14.43
C ASP C 67 26.96 -2.28 13.05
N VAL C 68 27.53 -1.13 12.73
CA VAL C 68 28.14 -0.92 11.43
C VAL C 68 29.48 -0.22 11.57
N ASP C 69 30.38 -0.57 10.65
CA ASP C 69 31.70 0.05 10.57
C ASP C 69 31.70 1.22 9.61
N VAL C 70 32.82 1.94 9.54
CA VAL C 70 32.91 3.13 8.70
C VAL C 70 32.62 2.81 7.22
N ALA C 71 33.18 1.71 6.71
CA ALA C 71 32.99 1.39 5.28
C ALA C 71 31.50 1.19 4.96
N SER C 72 30.81 0.39 5.77
CA SER C 72 29.40 0.19 5.59
C SER C 72 28.58 1.50 5.72
N ALA C 73 28.96 2.36 6.67
CA ALA C 73 28.26 3.63 6.88
C ALA C 73 28.51 4.59 5.70
N GLN C 74 29.69 4.48 5.10
CA GLN C 74 29.97 5.27 3.89
C GLN C 74 29.06 4.85 2.73
N ARG C 75 28.82 3.56 2.59
CA ARG C 75 27.85 3.08 1.63
C ARG C 75 26.45 3.58 1.95
N ALA C 76 26.11 3.61 3.24
CA ALA C 76 24.84 4.22 3.63
C ALA C 76 24.75 5.68 3.14
N ALA C 77 25.80 6.46 3.37
CA ALA C 77 25.87 7.84 2.99
C ALA C 77 25.73 7.98 1.45
N GLU C 78 26.44 7.13 0.72
CA GLU C 78 26.30 7.10 -0.76
C GLU C 78 24.85 6.91 -1.15
N LEU C 79 24.17 5.95 -0.50
CA LEU C 79 22.79 5.69 -0.81
C LEU C 79 21.87 6.88 -0.48
N CYS C 80 22.10 7.52 0.68
CA CYS C 80 21.40 8.76 1.00
C CYS C 80 21.58 9.79 -0.14
N ALA C 81 22.81 9.89 -0.63
CA ALA C 81 23.16 10.86 -1.69
C ALA C 81 22.45 10.54 -3.00
N VAL C 82 22.31 9.26 -3.31
CA VAL C 82 21.64 8.80 -4.55
C VAL C 82 20.17 9.12 -4.44
N ASN C 83 19.60 8.96 -3.24
CA ASN C 83 18.20 9.32 -3.00
C ASN C 83 17.98 10.83 -3.07
N ILE C 84 18.92 11.63 -2.56
CA ILE C 84 18.88 13.08 -2.74
C ILE C 84 18.83 13.40 -4.25
N LEU C 85 19.76 12.82 -4.99
CA LEU C 85 19.82 13.05 -6.47
C LEU C 85 18.50 12.69 -7.20
N ALA C 86 17.85 11.61 -6.76
CA ALA C 86 16.56 11.20 -7.29
C ALA C 86 15.49 12.25 -7.04
N GLN C 87 15.48 12.83 -5.83
CA GLN C 87 14.50 13.89 -5.53
C GLN C 87 14.76 15.14 -6.34
N VAL C 88 16.04 15.53 -6.42
CA VAL C 88 16.45 16.68 -7.23
C VAL C 88 16.07 16.47 -8.72
N LYS C 89 16.32 15.29 -9.26
CA LYS C 89 15.90 14.98 -10.65
C LYS C 89 14.40 15.19 -10.81
N ALA C 90 13.60 14.60 -9.92
CA ALA C 90 12.12 14.80 -9.92
C ALA C 90 11.71 16.28 -9.81
N ALA C 91 12.33 17.02 -8.88
CA ALA C 91 12.14 18.48 -8.72
C ALA C 91 12.45 19.27 -10.00
N LEU C 92 13.45 18.81 -10.77
CA LEU C 92 13.96 19.49 -11.98
C LEU C 92 13.40 18.89 -13.27
N ASN C 93 12.29 18.17 -13.13
CA ASN C 93 11.55 17.58 -14.23
C ASN C 93 12.44 16.74 -15.13
N GLY C 94 13.37 16.02 -14.49
CA GLY C 94 14.22 15.09 -15.18
C GLY C 94 15.62 15.55 -15.49
N ASP C 95 15.94 16.81 -15.21
CA ASP C 95 17.27 17.37 -15.57
C ASP C 95 18.20 17.74 -14.41
N LEU C 96 19.06 16.80 -14.03
CA LEU C 96 20.14 17.08 -13.08
C LEU C 96 21.11 18.21 -13.54
N SER C 97 21.05 18.59 -14.83
CA SER C 97 21.82 19.72 -15.40
C SER C 97 21.37 21.08 -14.93
N LYS C 98 20.14 21.17 -14.47
CA LYS C 98 19.64 22.40 -13.92
C LYS C 98 20.12 22.66 -12.46
N ILE C 99 20.89 21.74 -11.88
CA ILE C 99 21.68 22.02 -10.66
C ILE C 99 22.78 23.06 -10.94
N ARG C 100 22.72 24.21 -10.28
CA ARG C 100 23.80 25.19 -10.38
C ARG C 100 24.90 24.91 -9.36
N ARG C 101 24.49 24.66 -8.11
CA ARG C 101 25.41 24.29 -7.07
C ARG C 101 24.68 23.56 -5.95
N VAL C 102 25.32 22.51 -5.44
CA VAL C 102 24.93 21.91 -4.17
C VAL C 102 25.47 22.82 -3.08
N ILE C 103 24.56 23.49 -2.40
CA ILE C 103 24.91 24.52 -1.44
C ILE C 103 25.30 23.94 -0.09
N LYS C 104 24.53 22.97 0.38
CA LYS C 104 24.73 22.46 1.75
C LYS C 104 24.21 21.05 1.84
N LEU C 105 24.95 20.18 2.50
CA LEU C 105 24.40 18.90 2.97
C LEU C 105 24.53 18.88 4.48
N ASN C 106 23.49 18.35 5.15
CA ASN C 106 23.57 18.00 6.56
C ASN C 106 23.54 16.50 6.69
N GLY C 107 24.65 15.95 7.21
CA GLY C 107 24.83 14.54 7.35
C GLY C 107 24.68 14.12 8.80
N PHE C 108 23.64 13.34 9.05
CA PHE C 108 23.33 12.84 10.38
C PHE C 108 23.69 11.38 10.47
N VAL C 109 24.57 10.99 11.39
CA VAL C 109 25.09 9.60 11.45
C VAL C 109 24.73 9.01 12.82
N ALA C 110 23.93 7.95 12.81
CA ALA C 110 23.54 7.27 14.05
C ALA C 110 24.82 6.67 14.64
N SER C 111 25.18 7.09 15.85
CA SER C 111 26.53 6.86 16.41
C SER C 111 26.48 6.47 17.87
N VAL C 112 27.36 5.54 18.27
CA VAL C 112 27.66 5.42 19.70
C VAL C 112 28.55 6.61 20.10
N PRO C 113 28.53 7.01 21.40
CA PRO C 113 29.27 8.20 21.80
C PRO C 113 30.80 8.11 21.65
N GLU C 114 31.36 6.90 21.50
CA GLU C 114 32.77 6.70 21.19
C GLU C 114 33.09 6.83 19.72
N PHE C 115 32.07 6.85 18.87
CA PHE C 115 32.31 6.93 17.43
C PHE C 115 32.48 8.40 17.07
N VAL C 116 33.61 8.72 16.46
CA VAL C 116 33.98 10.14 16.21
C VAL C 116 34.50 10.40 14.77
N GLU C 117 34.09 9.56 13.83
CA GLU C 117 34.47 9.70 12.42
C GLU C 117 33.26 9.93 11.54
N GLN C 118 32.27 10.68 12.06
CA GLN C 118 31.13 11.06 11.22
C GLN C 118 31.53 11.81 9.93
N HIS C 119 32.63 12.57 9.97
CA HIS C 119 33.15 13.24 8.74
C HIS C 119 33.52 12.20 7.67
N LEU C 120 34.15 11.10 8.09
CA LEU C 120 34.53 10.05 7.16
C LEU C 120 33.30 9.36 6.56
N VAL C 121 32.30 9.17 7.40
CA VAL C 121 31.05 8.57 6.94
C VAL C 121 30.40 9.45 5.86
N ILE C 122 30.26 10.74 6.14
CA ILE C 122 29.55 11.64 5.22
C ILE C 122 30.37 11.83 3.94
N ASN C 123 31.71 11.66 4.03
CA ASN C 123 32.55 11.65 2.81
C ASN C 123 32.02 10.68 1.76
N GLY C 124 31.39 9.58 2.17
CA GLY C 124 30.70 8.71 1.21
C GLY C 124 29.77 9.50 0.27
N ALA C 125 28.92 10.34 0.86
CA ALA C 125 27.99 11.20 0.13
C ALA C 125 28.74 12.31 -0.61
N SER C 126 29.59 13.03 0.09
CA SER C 126 30.24 14.22 -0.48
C SER C 126 31.07 13.81 -1.72
N ASN C 127 31.78 12.68 -1.62
CA ASN C 127 32.64 12.20 -2.74
C ASN C 127 31.79 11.77 -3.95
N LEU C 128 30.65 11.13 -3.68
CA LEU C 128 29.76 10.71 -4.76
C LEU C 128 29.16 11.93 -5.48
N ILE C 129 28.69 12.89 -4.69
CA ILE C 129 28.05 14.08 -5.25
C ILE C 129 29.04 14.92 -6.08
N ALA C 130 30.24 15.11 -5.55
CA ALA C 130 31.26 15.89 -6.26
C ALA C 130 31.72 15.13 -7.52
N THR C 131 31.73 13.80 -7.46
CA THR C 131 32.18 12.97 -8.61
C THR C 131 31.18 13.05 -9.77
N VAL C 132 29.89 12.95 -9.49
CA VAL C 132 28.90 12.87 -10.57
C VAL C 132 28.55 14.26 -11.10
N LEU C 133 28.72 15.31 -10.27
CA LEU C 133 28.37 16.67 -10.68
C LEU C 133 29.57 17.54 -11.00
N GLY C 134 30.78 17.11 -10.63
CA GLY C 134 31.95 17.98 -10.74
C GLY C 134 31.93 19.19 -9.82
N GLU C 135 32.58 20.28 -10.24
CA GLU C 135 32.71 21.49 -9.39
C GLU C 135 31.40 21.98 -8.76
N PRO C 136 30.30 22.03 -9.55
CA PRO C 136 28.99 22.40 -8.95
C PRO C 136 28.51 21.51 -7.81
N GLY C 137 29.07 20.31 -7.69
CA GLY C 137 28.75 19.39 -6.59
C GLY C 137 29.43 19.68 -5.26
N ARG C 138 30.45 20.54 -5.25
CA ARG C 138 31.19 20.83 -4.03
C ARG C 138 30.37 21.75 -3.15
N HIS C 139 30.23 21.34 -1.89
CA HIS C 139 29.20 21.88 -1.03
C HIS C 139 29.75 22.15 0.35
N ALA C 140 29.09 23.07 1.04
CA ALA C 140 29.21 23.23 2.51
C ALA C 140 28.55 22.04 3.19
N ARG C 141 28.90 21.84 4.47
CA ARG C 141 28.49 20.60 5.10
C ARG C 141 28.50 20.69 6.61
N ALA C 142 27.59 19.96 7.23
CA ALA C 142 27.73 19.57 8.65
C ALA C 142 27.69 18.04 8.75
N ALA C 143 28.44 17.47 9.70
CA ALA C 143 28.48 16.02 9.91
C ALA C 143 28.41 15.84 11.43
N VAL C 144 27.35 15.17 11.87
CA VAL C 144 27.06 15.10 13.31
C VAL C 144 26.58 13.72 13.72
N GLY C 145 26.80 13.39 14.99
CA GLY C 145 26.42 12.06 15.51
C GLY C 145 25.10 12.10 16.25
N MSE C 146 24.17 11.25 15.80
CA MSE C 146 22.81 11.16 16.30
C MSE C 146 22.66 9.95 17.25
O MSE C 146 23.41 8.97 17.16
CB MSE C 146 21.84 10.93 15.11
CG MSE C 146 20.78 11.96 14.76
SE MSE C 146 21.17 13.81 15.14
CE MSE C 146 22.66 13.66 14.22
N ALA C 147 21.69 10.02 18.17
CA ALA C 147 21.41 8.89 19.06
C ALA C 147 20.80 7.73 18.25
N SER C 148 20.01 8.08 17.26
CA SER C 148 19.30 7.13 16.40
C SER C 148 18.56 7.90 15.32
N LEU C 149 18.02 7.15 14.36
CA LEU C 149 17.33 7.72 13.20
C LEU C 149 16.11 6.91 12.80
N PRO C 150 15.17 7.55 12.07
CA PRO C 150 13.99 6.86 11.61
C PRO C 150 14.34 5.51 10.94
N PHE C 151 13.57 4.48 11.29
CA PHE C 151 13.69 3.12 10.70
C PHE C 151 15.04 2.47 11.02
N ASN C 152 15.74 3.01 12.03
CA ASN C 152 17.07 2.56 12.40
C ASN C 152 18.09 2.79 11.32
N ALA C 153 17.85 3.77 10.44
CA ALA C 153 18.82 4.11 9.41
C ALA C 153 20.16 4.49 10.07
N SER C 154 21.27 4.11 9.45
CA SER C 154 22.58 4.48 9.99
C SER C 154 22.97 5.93 9.68
N VAL C 155 22.40 6.45 8.59
CA VAL C 155 22.69 7.77 8.09
C VAL C 155 21.42 8.38 7.51
N GLU C 156 21.25 9.68 7.73
CA GLU C 156 20.19 10.48 7.08
C GLU C 156 20.86 11.76 6.59
N ILE C 157 20.53 12.17 5.37
CA ILE C 157 21.18 13.37 4.78
C ILE C 157 20.15 14.25 4.10
N ASP C 158 20.10 15.53 4.45
CA ASP C 158 19.26 16.51 3.72
C ASP C 158 20.18 17.43 2.87
N ALA C 159 19.56 18.25 2.05
CA ALA C 159 20.33 19.10 1.16
C ALA C 159 19.60 20.38 0.80
N ILE C 160 20.41 21.37 0.48
CA ILE C 160 19.97 22.61 -0.14
C ILE C 160 20.76 22.72 -1.45
N VAL C 161 20.04 22.92 -2.55
CA VAL C 161 20.63 22.92 -3.89
C VAL C 161 20.14 24.19 -4.63
N GLU C 162 21.09 24.93 -5.21
CA GLU C 162 20.74 26.09 -6.04
C GLU C 162 20.48 25.56 -7.44
N ILE C 163 19.34 25.96 -8.00
CA ILE C 163 18.88 25.38 -9.25
C ILE C 163 18.65 26.48 -10.27
N ASP C 164 18.57 26.09 -11.54
CA ASP C 164 18.08 26.97 -12.62
C ASP C 164 16.57 27.11 -12.62
N GLU D 3 16.73 -19.02 78.20
CA GLU D 3 17.46 -19.08 76.90
C GLU D 3 16.52 -18.78 75.73
N ASN D 4 15.37 -19.44 75.69
CA ASN D 4 14.35 -19.14 74.68
C ASN D 4 13.78 -17.71 74.81
N LEU D 5 13.65 -17.26 76.05
CA LEU D 5 13.19 -15.91 76.34
C LEU D 5 14.29 -14.89 76.03
N TYR D 6 15.52 -15.28 76.28
CA TYR D 6 16.66 -14.44 75.96
C TYR D 6 16.75 -14.13 74.46
N PHE D 7 16.62 -15.17 73.64
CA PHE D 7 16.62 -14.98 72.18
C PHE D 7 15.43 -14.19 71.68
N GLN D 8 14.25 -14.50 72.22
CA GLN D 8 13.05 -13.69 71.96
C GLN D 8 13.29 -12.20 72.33
N GLY D 9 13.92 -11.98 73.48
CA GLY D 9 14.30 -10.65 73.92
C GLY D 9 15.23 -9.97 72.92
N MSE D 10 16.30 -10.67 72.56
CA MSE D 10 17.26 -10.13 71.61
C MSE D 10 16.59 -9.79 70.27
O MSE D 10 16.91 -8.78 69.66
CB MSE D 10 18.37 -11.14 71.38
CG MSE D 10 19.41 -11.17 72.46
SE MSE D 10 21.05 -12.04 71.82
CE MSE D 10 21.37 -10.93 70.23
N SER D 11 15.64 -10.62 69.86
CA SER D 11 14.93 -10.38 68.59
C SER D 11 14.06 -9.15 68.74
N ASP D 12 13.39 -9.02 69.89
CA ASP D 12 12.59 -7.83 70.15
C ASP D 12 13.40 -6.55 70.03
N VAL D 13 14.62 -6.55 70.57
CA VAL D 13 15.48 -5.37 70.57
C VAL D 13 15.85 -5.01 69.12
N ILE D 14 16.20 -6.02 68.35
CA ILE D 14 16.59 -5.82 66.92
C ILE D 14 15.42 -5.19 66.17
N GLU D 15 14.26 -5.82 66.23
CA GLU D 15 13.09 -5.27 65.55
C GLU D 15 12.64 -3.92 66.09
N GLY D 16 12.86 -3.69 67.38
CA GLY D 16 12.57 -2.40 67.98
C GLY D 16 13.51 -1.34 67.46
N ARG D 17 14.79 -1.67 67.33
CA ARG D 17 15.72 -0.70 66.80
C ARG D 17 15.34 -0.31 65.33
N LEU D 18 14.83 -1.27 64.59
CA LEU D 18 14.45 -1.03 63.19
C LEU D 18 13.25 -0.09 63.15
N LYS D 19 12.28 -0.34 64.05
CA LYS D 19 11.14 0.57 64.21
C LYS D 19 11.55 1.98 64.56
N GLU D 20 12.56 2.12 65.43
CA GLU D 20 13.13 3.43 65.73
C GLU D 20 13.76 4.12 64.53
N LEU D 21 14.23 3.33 63.57
CA LEU D 21 14.73 3.92 62.32
C LEU D 21 13.60 4.26 61.37
N GLY D 22 12.39 3.79 61.64
CA GLY D 22 11.22 4.18 60.85
C GLY D 22 10.65 3.07 60.00
N PHE D 23 11.16 1.85 60.18
CA PHE D 23 10.70 0.70 59.40
C PHE D 23 10.07 -0.43 60.23
N THR D 24 8.98 -0.97 59.69
CA THR D 24 8.43 -2.25 60.10
C THR D 24 8.85 -3.34 59.10
N LEU D 25 9.16 -4.55 59.59
CA LEU D 25 9.44 -5.68 58.70
C LEU D 25 8.19 -6.06 57.93
N PRO D 26 8.32 -6.22 56.61
CA PRO D 26 7.19 -6.77 55.88
C PRO D 26 7.11 -8.28 56.11
N VAL D 27 6.00 -8.88 55.68
CA VAL D 27 5.87 -10.35 55.70
C VAL D 27 6.95 -11.05 54.86
N ALA D 33 8.12 -20.29 43.62
CA ALA D 33 8.80 -20.31 42.32
C ALA D 33 9.88 -21.42 42.27
N ASN D 34 10.55 -21.54 41.12
CA ASN D 34 11.70 -22.44 41.00
C ASN D 34 12.97 -21.84 41.64
N TYR D 35 12.89 -20.56 41.99
CA TYR D 35 13.85 -19.98 42.90
C TYR D 35 13.15 -19.53 44.18
N VAL D 36 13.93 -19.57 45.25
CA VAL D 36 13.43 -19.35 46.57
C VAL D 36 14.09 -18.11 47.18
N PRO D 37 13.42 -17.48 48.15
CA PRO D 37 14.02 -16.30 48.79
C PRO D 37 15.29 -16.53 49.57
N PHE D 38 15.54 -17.78 50.01
CA PHE D 38 16.77 -18.08 50.70
C PHE D 38 17.03 -19.57 50.68
N THR D 39 18.29 -19.91 50.87
CA THR D 39 18.70 -21.29 51.10
C THR D 39 19.66 -21.33 52.28
N ILE D 40 19.78 -22.49 52.91
CA ILE D 40 20.74 -22.70 53.98
C ILE D 40 21.67 -23.85 53.63
N SER D 41 22.96 -23.62 53.80
CA SER D 41 23.96 -24.65 53.67
C SER D 41 24.88 -24.58 54.91
N GLY D 42 24.86 -25.62 55.74
CA GLY D 42 25.54 -25.57 57.02
C GLY D 42 24.98 -24.46 57.88
N ASN D 43 25.85 -23.56 58.31
CA ASN D 43 25.43 -22.39 59.08
C ASN D 43 25.46 -21.11 58.26
N LEU D 44 25.46 -21.25 56.94
CA LEU D 44 25.36 -20.08 56.05
C LEU D 44 23.99 -20.01 55.39
N LEU D 45 23.40 -18.83 55.48
CA LEU D 45 22.11 -18.50 54.92
C LEU D 45 22.39 -17.57 53.74
N TYR D 46 21.97 -18.00 52.56
CA TYR D 46 22.07 -17.24 51.29
C TYR D 46 20.72 -16.64 51.00
N VAL D 47 20.64 -15.31 51.01
CA VAL D 47 19.38 -14.64 50.79
C VAL D 47 19.40 -14.14 49.36
N SER D 48 18.31 -14.38 48.67
CA SER D 48 18.15 -13.89 47.30
C SER D 48 18.19 -12.36 47.19
N GLY D 49 18.53 -11.87 45.99
CA GLY D 49 18.49 -10.43 45.78
C GLY D 49 17.15 -9.85 46.12
N GLN D 50 17.16 -8.84 46.98
CA GLN D 50 15.96 -8.17 47.46
C GLN D 50 15.87 -6.80 46.82
N LEU D 51 14.64 -6.41 46.50
CA LEU D 51 14.30 -5.11 45.88
C LEU D 51 13.71 -4.18 46.94
N PRO D 52 13.57 -2.87 46.64
CA PRO D 52 13.14 -1.88 47.63
C PRO D 52 11.63 -1.86 47.78
N MSE D 53 11.11 -2.98 48.31
CA MSE D 53 9.66 -3.19 48.44
C MSE D 53 9.17 -2.50 49.69
O MSE D 53 9.75 -2.63 50.77
CB MSE D 53 9.30 -4.66 48.62
CG MSE D 53 9.85 -5.60 47.63
SE MSE D 53 9.19 -5.07 45.91
CE MSE D 53 7.28 -5.33 46.23
N GLU D 54 8.05 -1.79 49.54
CA GLU D 54 7.40 -1.17 50.66
C GLU D 54 5.92 -1.22 50.33
N SER D 55 5.11 -1.75 51.26
CA SER D 55 3.69 -1.88 51.05
C SER D 55 3.38 -2.65 49.78
N GLY D 56 4.19 -3.67 49.50
CA GLY D 56 3.96 -4.52 48.35
C GLY D 56 4.31 -3.95 46.97
N LYS D 57 4.94 -2.78 46.92
CA LYS D 57 5.33 -2.16 45.64
C LYS D 57 6.81 -1.78 45.68
N ILE D 58 7.42 -1.68 44.49
CA ILE D 58 8.80 -1.18 44.38
C ILE D 58 8.78 0.31 44.67
N ALA D 59 9.38 0.72 45.79
CA ALA D 59 9.24 2.09 46.27
C ALA D 59 10.14 3.08 45.55
N VAL D 60 11.22 2.61 44.96
CA VAL D 60 12.18 3.55 44.38
C VAL D 60 12.61 2.97 43.05
N THR D 61 12.29 3.69 41.98
CA THR D 61 12.65 3.19 40.62
C THR D 61 13.46 4.14 39.75
N GLY D 62 14.15 3.56 38.79
CA GLY D 62 14.95 4.35 37.85
C GLY D 62 16.43 4.39 38.19
N LEU D 63 17.17 5.07 37.33
CA LEU D 63 18.61 5.11 37.41
C LEU D 63 19.13 6.19 38.37
N VAL D 64 20.03 5.82 39.27
CA VAL D 64 20.70 6.81 40.14
C VAL D 64 21.61 7.68 39.28
N GLY D 65 21.46 8.99 39.49
CA GLY D 65 22.10 10.01 38.66
C GLY D 65 21.31 10.46 37.45
N ARG D 66 20.10 9.94 37.28
CA ARG D 66 19.17 10.41 36.23
C ARG D 66 17.77 10.57 36.80
N ASP D 67 17.19 9.46 37.27
CA ASP D 67 15.85 9.43 37.82
C ASP D 67 15.78 9.64 39.33
N VAL D 68 16.84 9.22 40.03
CA VAL D 68 16.85 9.36 41.48
C VAL D 68 18.23 9.85 41.94
N ASP D 69 18.22 10.55 43.07
CA ASP D 69 19.44 11.10 43.64
C ASP D 69 19.97 10.18 44.74
N VAL D 70 21.10 10.54 45.32
CA VAL D 70 21.74 9.65 46.31
C VAL D 70 20.82 9.42 47.54
N ALA D 71 20.22 10.49 48.04
CA ALA D 71 19.36 10.36 49.21
C ALA D 71 18.21 9.38 48.96
N SER D 72 17.55 9.50 47.81
CA SER D 72 16.47 8.56 47.50
C SER D 72 16.98 7.11 47.31
N ALA D 73 18.14 6.96 46.67
CA ALA D 73 18.72 5.64 46.46
C ALA D 73 19.15 5.00 47.78
N GLN D 74 19.63 5.82 48.71
CA GLN D 74 19.94 5.32 50.06
C GLN D 74 18.69 4.75 50.76
N ARG D 75 17.56 5.40 50.57
CA ARG D 75 16.29 4.90 51.04
C ARG D 75 15.93 3.59 50.33
N ALA D 76 16.19 3.48 49.02
CA ALA D 76 15.99 2.19 48.33
C ALA D 76 16.84 1.13 48.99
N ALA D 77 18.09 1.48 49.29
CA ALA D 77 19.01 0.55 49.89
C ALA D 77 18.51 0.12 51.30
N GLU D 78 18.02 1.07 52.08
CA GLU D 78 17.41 0.77 53.39
C GLU D 78 16.29 -0.24 53.21
N LEU D 79 15.40 -0.01 52.23
CA LEU D 79 14.28 -0.89 51.98
C LEU D 79 14.74 -2.29 51.56
N CYS D 80 15.73 -2.37 50.67
CA CYS D 80 16.34 -3.65 50.34
C CYS D 80 16.81 -4.39 51.59
N ALA D 81 17.45 -3.64 52.50
CA ALA D 81 18.00 -4.25 53.74
C ALA D 81 16.89 -4.74 54.67
N VAL D 82 15.77 -4.01 54.72
CA VAL D 82 14.61 -4.40 55.54
C VAL D 82 14.02 -5.69 54.99
N ASN D 83 14.03 -5.80 53.66
CA ASN D 83 13.51 -6.99 52.99
C ASN D 83 14.44 -8.19 53.20
N ILE D 84 15.74 -7.95 53.25
CA ILE D 84 16.71 -8.98 53.62
C ILE D 84 16.40 -9.46 55.03
N LEU D 85 16.23 -8.53 55.96
CA LEU D 85 15.94 -8.91 57.37
C LEU D 85 14.65 -9.68 57.49
N ALA D 86 13.64 -9.34 56.68
CA ALA D 86 12.38 -10.11 56.68
C ALA D 86 12.63 -11.53 56.27
N GLN D 87 13.46 -11.74 55.25
CA GLN D 87 13.75 -13.09 54.80
C GLN D 87 14.54 -13.84 55.85
N VAL D 88 15.52 -13.19 56.47
CA VAL D 88 16.35 -13.80 57.50
C VAL D 88 15.47 -14.21 58.70
N LYS D 89 14.54 -13.35 59.07
CA LYS D 89 13.64 -13.65 60.20
C LYS D 89 12.83 -14.91 59.86
N ALA D 90 12.27 -14.96 58.63
CA ALA D 90 11.55 -16.16 58.15
C ALA D 90 12.41 -17.42 58.20
N ALA D 91 13.64 -17.29 57.68
CA ALA D 91 14.66 -18.34 57.71
C ALA D 91 14.92 -18.89 59.13
N LEU D 92 14.87 -18.00 60.12
CA LEU D 92 15.26 -18.32 61.49
C LEU D 92 14.03 -18.53 62.39
N ASN D 93 12.91 -18.81 61.75
CA ASN D 93 11.66 -19.08 62.45
C ASN D 93 11.25 -18.00 63.46
N GLY D 94 11.48 -16.73 63.07
CA GLY D 94 11.03 -15.60 63.82
C GLY D 94 12.10 -14.91 64.65
N ASP D 95 13.32 -15.45 64.67
CA ASP D 95 14.36 -14.91 65.57
C ASP D 95 15.61 -14.34 64.91
N LEU D 96 15.61 -13.01 64.71
CA LEU D 96 16.79 -12.31 64.19
C LEU D 96 18.01 -12.37 65.12
N SER D 97 17.82 -12.85 66.34
CA SER D 97 18.90 -12.98 67.32
C SER D 97 19.79 -14.19 67.04
N LYS D 98 19.32 -15.08 66.17
CA LYS D 98 20.09 -16.22 65.72
C LYS D 98 21.02 -15.90 64.54
N ILE D 99 21.05 -14.64 64.13
CA ILE D 99 22.14 -14.16 63.28
C ILE D 99 23.43 -14.09 64.08
N ARG D 100 24.46 -14.78 63.60
CA ARG D 100 25.76 -14.71 64.24
C ARG D 100 26.54 -13.57 63.65
N ARG D 101 26.43 -13.42 62.34
CA ARG D 101 27.21 -12.41 61.61
C ARG D 101 26.66 -12.27 60.19
N VAL D 102 26.47 -11.03 59.77
CA VAL D 102 26.26 -10.74 58.35
C VAL D 102 27.62 -10.82 57.67
N ILE D 103 27.80 -11.83 56.83
CA ILE D 103 29.10 -12.08 56.25
C ILE D 103 29.36 -11.13 55.06
N LYS D 104 28.34 -10.96 54.22
CA LYS D 104 28.52 -10.28 52.93
C LYS D 104 27.21 -9.69 52.47
N LEU D 105 27.26 -8.43 52.01
CA LEU D 105 26.17 -7.85 51.18
C LEU D 105 26.74 -7.55 49.80
N ASN D 106 26.00 -7.89 48.76
CA ASN D 106 26.32 -7.41 47.40
C ASN D 106 25.30 -6.41 47.01
N GLY D 107 25.72 -5.16 46.84
CA GLY D 107 24.82 -4.07 46.58
C GLY D 107 24.90 -3.66 45.12
N PHE D 108 23.80 -3.83 44.43
CA PHE D 108 23.66 -3.54 43.02
C PHE D 108 22.88 -2.27 42.84
N VAL D 109 23.49 -1.24 42.26
CA VAL D 109 22.80 0.05 42.10
C VAL D 109 22.61 0.41 40.60
N ALA D 110 21.37 0.56 40.15
CA ALA D 110 21.10 0.94 38.74
C ALA D 110 21.63 2.34 38.57
N SER D 111 22.59 2.50 37.65
CA SER D 111 23.39 3.74 37.57
C SER D 111 23.54 4.22 36.14
N VAL D 112 23.55 5.54 35.93
CA VAL D 112 24.08 6.06 34.66
C VAL D 112 25.61 5.99 34.80
N PRO D 113 26.35 5.90 33.68
CA PRO D 113 27.81 5.73 33.78
C PRO D 113 28.58 6.89 34.42
N GLU D 114 27.96 8.06 34.56
CA GLU D 114 28.61 9.18 35.26
C GLU D 114 28.38 9.12 36.76
N PHE D 115 27.49 8.21 37.17
CA PHE D 115 27.19 8.08 38.59
C PHE D 115 28.23 7.14 39.22
N VAL D 116 28.95 7.64 40.24
CA VAL D 116 30.07 6.90 40.83
C VAL D 116 30.04 6.92 42.37
N GLU D 117 28.86 7.01 42.94
CA GLU D 117 28.70 7.01 44.39
C GLU D 117 27.86 5.82 44.85
N GLN D 118 28.08 4.68 44.20
CA GLN D 118 27.34 3.47 44.61
C GLN D 118 27.67 3.09 46.05
N HIS D 119 28.89 3.39 46.52
CA HIS D 119 29.26 3.13 47.94
C HIS D 119 28.36 3.93 48.90
N LEU D 120 28.06 5.19 48.56
CA LEU D 120 27.18 6.01 49.41
C LEU D 120 25.76 5.48 49.41
N VAL D 121 25.31 5.04 48.26
CA VAL D 121 23.97 4.43 48.17
C VAL D 121 23.84 3.20 49.07
N ILE D 122 24.78 2.28 48.97
CA ILE D 122 24.73 1.02 49.74
C ILE D 122 24.97 1.29 51.20
N ASN D 123 25.63 2.41 51.54
CA ASN D 123 25.72 2.84 52.96
C ASN D 123 24.33 2.89 53.61
N GLY D 124 23.27 3.21 52.86
CA GLY D 124 21.90 3.16 53.40
C GLY D 124 21.61 1.81 54.04
N ALA D 125 21.92 0.76 53.31
CA ALA D 125 21.74 -0.63 53.78
C ALA D 125 22.73 -0.97 54.90
N SER D 126 24.01 -0.69 54.67
CA SER D 126 25.07 -1.06 55.64
C SER D 126 24.82 -0.38 57.00
N ASN D 127 24.46 0.90 56.98
CA ASN D 127 24.24 1.63 58.24
C ASN D 127 23.05 1.08 59.01
N LEU D 128 21.96 0.82 58.30
CA LEU D 128 20.78 0.23 58.90
C LEU D 128 21.07 -1.13 59.53
N ILE D 129 21.73 -2.00 58.80
CA ILE D 129 22.00 -3.37 59.28
C ILE D 129 22.91 -3.31 60.51
N ALA D 130 23.95 -2.48 60.44
CA ALA D 130 24.88 -2.36 61.56
C ALA D 130 24.20 -1.72 62.77
N THR D 131 23.30 -0.77 62.53
CA THR D 131 22.55 -0.15 63.63
C THR D 131 21.62 -1.14 64.36
N VAL D 132 20.85 -1.94 63.64
CA VAL D 132 19.86 -2.81 64.27
C VAL D 132 20.49 -4.07 64.86
N LEU D 133 21.60 -4.52 64.28
CA LEU D 133 22.24 -5.77 64.72
C LEU D 133 23.46 -5.55 65.62
N GLY D 134 24.02 -4.35 65.63
CA GLY D 134 25.26 -4.09 66.33
C GLY D 134 26.46 -4.68 65.65
N GLU D 135 27.47 -5.06 66.43
CA GLU D 135 28.71 -5.62 65.87
C GLU D 135 28.48 -6.76 64.87
N PRO D 136 27.62 -7.73 65.21
CA PRO D 136 27.32 -8.83 64.27
C PRO D 136 26.81 -8.37 62.89
N GLY D 137 26.24 -7.18 62.82
CA GLY D 137 25.80 -6.61 61.55
C GLY D 137 26.88 -6.07 60.63
N ARG D 138 28.12 -5.91 61.11
CA ARG D 138 29.20 -5.42 60.25
C ARG D 138 29.65 -6.52 59.31
N HIS D 139 29.76 -6.20 58.02
CA HIS D 139 29.78 -7.17 56.95
C HIS D 139 30.80 -6.76 55.88
N ALA D 140 31.35 -7.73 55.16
CA ALA D 140 32.06 -7.48 53.91
C ALA D 140 31.02 -7.04 52.86
N ARG D 141 31.49 -6.44 51.77
CA ARG D 141 30.55 -5.81 50.84
C ARG D 141 31.15 -5.60 49.48
N ALA D 142 30.29 -5.65 48.47
CA ALA D 142 30.58 -5.10 47.14
C ALA D 142 29.48 -4.08 46.81
N ALA D 143 29.88 -2.99 46.16
CA ALA D 143 28.94 -1.94 45.69
C ALA D 143 29.29 -1.64 44.24
N VAL D 144 28.34 -1.90 43.37
CA VAL D 144 28.57 -1.83 41.92
C VAL D 144 27.45 -1.15 41.16
N GLY D 145 27.78 -0.61 40.00
CA GLY D 145 26.82 0.10 39.15
C GLY D 145 26.30 -0.77 38.02
N MSE D 146 24.99 -0.92 37.96
CA MSE D 146 24.27 -1.78 37.05
C MSE D 146 23.61 -0.97 35.92
O MSE D 146 23.25 0.20 36.13
CB MSE D 146 23.16 -2.55 37.77
CG MSE D 146 23.54 -3.95 38.24
SE MSE D 146 25.19 -4.06 39.27
CE MSE D 146 25.34 -6.07 39.46
N ALA D 147 23.44 -1.59 34.75
CA ALA D 147 22.71 -0.97 33.62
C ALA D 147 21.24 -0.74 34.00
N SER D 148 20.64 -1.72 34.69
CA SER D 148 19.23 -1.67 35.08
C SER D 148 18.98 -2.90 35.97
N LEU D 149 17.80 -2.96 36.57
CA LEU D 149 17.41 -4.01 37.50
C LEU D 149 15.97 -4.43 37.31
N PRO D 150 15.66 -5.66 37.74
CA PRO D 150 14.29 -6.12 37.61
C PRO D 150 13.23 -5.10 38.12
N PHE D 151 12.13 -4.97 37.38
CA PHE D 151 11.04 -4.03 37.76
C PHE D 151 11.48 -2.55 37.85
N ASN D 152 12.63 -2.26 37.24
CA ASN D 152 13.22 -0.93 37.29
C ASN D 152 13.63 -0.49 38.70
N ALA D 153 13.87 -1.44 39.61
CA ALA D 153 14.38 -1.15 40.95
C ALA D 153 15.63 -0.29 40.84
N SER D 154 15.77 0.68 41.74
CA SER D 154 17.02 1.45 41.76
C SER D 154 18.21 0.72 42.39
N VAL D 155 17.91 -0.21 43.29
CA VAL D 155 18.88 -0.96 44.06
C VAL D 155 18.31 -2.38 44.27
N GLU D 156 19.21 -3.35 44.25
CA GLU D 156 18.94 -4.76 44.60
C GLU D 156 20.16 -5.19 45.48
N ILE D 157 19.86 -5.87 46.56
CA ILE D 157 20.90 -6.33 47.48
C ILE D 157 20.69 -7.81 47.86
N ASP D 158 21.75 -8.62 47.77
CA ASP D 158 21.68 -9.99 48.29
C ASP D 158 22.60 -10.10 49.51
N ALA D 159 22.57 -11.24 50.18
CA ALA D 159 23.29 -11.36 51.43
C ALA D 159 23.68 -12.78 51.72
N ILE D 160 24.76 -12.92 52.48
CA ILE D 160 25.17 -14.20 53.05
C ILE D 160 25.26 -13.93 54.55
N VAL D 161 24.60 -14.75 55.34
CA VAL D 161 24.54 -14.53 56.78
C VAL D 161 24.92 -15.84 57.53
N GLU D 162 25.80 -15.73 58.50
CA GLU D 162 26.13 -16.87 59.35
C GLU D 162 25.11 -16.95 60.47
N ILE D 163 24.52 -18.12 60.65
CA ILE D 163 23.39 -18.30 61.59
C ILE D 163 23.71 -19.44 62.59
N ASN E 4 -30.01 13.10 -78.64
CA ASN E 4 -30.72 11.91 -78.04
C ASN E 4 -29.95 10.60 -78.26
N LEU E 5 -29.36 10.44 -79.45
CA LEU E 5 -28.59 9.23 -79.72
C LEU E 5 -27.30 9.24 -78.91
N TYR E 6 -26.68 10.41 -78.81
CA TYR E 6 -25.47 10.53 -78.04
C TYR E 6 -25.78 10.10 -76.59
N PHE E 7 -26.89 10.59 -76.06
CA PHE E 7 -27.24 10.30 -74.67
C PHE E 7 -27.64 8.85 -74.47
N GLN E 8 -28.35 8.28 -75.44
CA GLN E 8 -28.62 6.84 -75.44
C GLN E 8 -27.29 6.05 -75.44
N GLY E 9 -26.30 6.50 -76.20
CA GLY E 9 -25.00 5.83 -76.23
C GLY E 9 -24.28 5.89 -74.89
N MSE E 10 -24.27 7.07 -74.30
CA MSE E 10 -23.68 7.26 -72.97
C MSE E 10 -24.34 6.32 -71.96
O MSE E 10 -23.66 5.70 -71.17
CB MSE E 10 -23.84 8.71 -72.50
CG MSE E 10 -22.85 9.68 -73.08
SE MSE E 10 -22.87 11.39 -72.07
CE MSE E 10 -22.56 10.67 -70.28
N SER E 11 -25.66 6.20 -72.01
CA SER E 11 -26.36 5.26 -71.08
C SER E 11 -25.93 3.83 -71.30
N ASP E 12 -25.89 3.43 -72.58
CA ASP E 12 -25.44 2.10 -72.95
C ASP E 12 -24.04 1.85 -72.37
N VAL E 13 -23.15 2.83 -72.47
CA VAL E 13 -21.79 2.67 -71.97
C VAL E 13 -21.78 2.49 -70.45
N ILE E 14 -22.57 3.32 -69.75
CA ILE E 14 -22.65 3.18 -68.26
C ILE E 14 -23.15 1.78 -67.88
N GLU E 15 -24.28 1.36 -68.43
CA GLU E 15 -24.81 0.01 -68.14
C GLU E 15 -23.89 -1.13 -68.55
N GLY E 16 -23.21 -0.99 -69.69
CA GLY E 16 -22.23 -1.98 -70.10
C GLY E 16 -21.08 -2.11 -69.12
N ARG E 17 -20.59 -0.98 -68.62
CA ARG E 17 -19.50 -1.01 -67.63
C ARG E 17 -19.94 -1.76 -66.36
N LEU E 18 -21.15 -1.53 -65.94
CA LEU E 18 -21.73 -2.26 -64.79
C LEU E 18 -21.82 -3.79 -65.06
N LYS E 19 -22.23 -4.18 -66.28
CA LYS E 19 -22.20 -5.59 -66.68
C LYS E 19 -20.79 -6.15 -66.62
N GLU E 20 -19.80 -5.38 -67.03
CA GLU E 20 -18.40 -5.77 -66.92
C GLU E 20 -17.94 -6.00 -65.48
N LEU E 21 -18.58 -5.30 -64.52
CA LEU E 21 -18.35 -5.55 -63.09
C LEU E 21 -19.17 -6.73 -62.57
N GLY E 22 -20.06 -7.26 -63.40
CA GLY E 22 -20.80 -8.47 -63.07
C GLY E 22 -22.20 -8.23 -62.55
N PHE E 23 -22.69 -7.00 -62.71
CA PHE E 23 -24.03 -6.65 -62.27
C PHE E 23 -24.95 -6.24 -63.42
N THR E 24 -26.17 -6.73 -63.36
CA THR E 24 -27.27 -6.18 -64.16
C THR E 24 -28.16 -5.35 -63.24
N LEU E 25 -28.81 -4.35 -63.83
CA LEU E 25 -29.75 -3.54 -63.08
C LEU E 25 -31.05 -4.33 -62.90
N PRO E 26 -31.59 -4.35 -61.67
CA PRO E 26 -32.89 -4.97 -61.42
C PRO E 26 -34.02 -4.11 -61.96
N ALA E 33 -46.30 2.89 -51.97
CA ALA E 33 -46.36 3.12 -50.52
C ALA E 33 -46.41 4.62 -50.27
N ASN E 34 -46.52 5.03 -49.01
CA ASN E 34 -46.50 6.45 -48.67
C ASN E 34 -45.10 7.10 -48.68
N TYR E 35 -44.07 6.26 -48.79
CA TYR E 35 -42.76 6.76 -49.18
C TYR E 35 -42.45 6.15 -50.54
N VAL E 36 -41.61 6.89 -51.25
CA VAL E 36 -41.29 6.59 -52.61
C VAL E 36 -39.80 6.30 -52.71
N PRO E 37 -39.38 5.59 -53.77
CA PRO E 37 -37.94 5.36 -53.94
C PRO E 37 -37.06 6.53 -54.30
N PHE E 38 -37.65 7.61 -54.80
CA PHE E 38 -36.92 8.83 -55.10
C PHE E 38 -37.86 10.00 -55.21
N THR E 39 -37.33 11.19 -54.97
CA THR E 39 -38.03 12.44 -55.27
C THR E 39 -37.06 13.37 -56.00
N ILE E 40 -37.60 14.32 -56.75
CA ILE E 40 -36.78 15.33 -57.40
C ILE E 40 -37.21 16.71 -56.98
N SER E 41 -36.24 17.55 -56.67
CA SER E 41 -36.46 18.95 -56.40
C SER E 41 -35.45 19.76 -57.20
N GLY E 42 -35.93 20.56 -58.15
CA GLY E 42 -35.02 21.29 -59.00
C GLY E 42 -34.23 20.30 -59.83
N ASN E 43 -32.91 20.40 -59.79
CA ASN E 43 -32.07 19.41 -60.46
C ASN E 43 -31.41 18.44 -59.48
N LEU E 44 -32.03 18.22 -58.32
CA LEU E 44 -31.51 17.26 -57.34
C LEU E 44 -32.50 16.12 -57.21
N LEU E 45 -31.94 14.93 -57.29
CA LEU E 45 -32.65 13.67 -57.20
C LEU E 45 -32.23 13.06 -55.87
N TYR E 46 -33.22 12.83 -55.03
CA TYR E 46 -33.06 12.24 -53.70
C TYR E 46 -33.50 10.79 -53.79
N VAL E 47 -32.57 9.85 -53.59
CA VAL E 47 -32.87 8.44 -53.74
C VAL E 47 -32.97 7.85 -52.33
N SER E 48 -34.05 7.13 -52.07
CA SER E 48 -34.29 6.49 -50.74
C SER E 48 -33.21 5.47 -50.41
N GLY E 49 -33.00 5.20 -49.12
CA GLY E 49 -32.04 4.18 -48.73
C GLY E 49 -32.31 2.87 -49.42
N GLN E 50 -31.28 2.32 -50.05
CA GLN E 50 -31.36 1.07 -50.79
C GLN E 50 -30.66 0.00 -50.01
N LEU E 51 -31.20 -1.20 -50.08
CA LEU E 51 -30.69 -2.41 -49.42
C LEU E 51 -29.95 -3.29 -50.45
N PRO E 52 -29.18 -4.28 -49.99
CA PRO E 52 -28.43 -5.12 -50.94
C PRO E 52 -29.31 -6.18 -51.59
N MSE E 53 -30.23 -5.72 -52.45
CA MSE E 53 -31.22 -6.59 -53.09
C MSE E 53 -30.59 -7.23 -54.29
O MSE E 53 -29.98 -6.54 -55.11
CB MSE E 53 -32.41 -5.80 -53.60
CG MSE E 53 -33.15 -4.99 -52.64
SE MSE E 53 -33.88 -6.23 -51.39
CE MSE E 53 -32.33 -6.26 -50.14
N GLU E 54 -30.73 -8.55 -54.39
CA GLU E 54 -30.30 -9.28 -55.58
C GLU E 54 -31.32 -10.39 -55.81
N SER E 55 -31.83 -10.45 -57.05
CA SER E 55 -32.85 -11.43 -57.41
C SER E 55 -34.08 -11.33 -56.53
N GLY E 56 -34.39 -10.12 -56.12
CA GLY E 56 -35.53 -9.87 -55.27
C GLY E 56 -35.38 -10.25 -53.80
N LYS E 57 -34.19 -10.64 -53.36
CA LYS E 57 -33.96 -10.98 -51.95
C LYS E 57 -32.81 -10.15 -51.38
N ILE E 58 -32.77 -10.02 -50.05
CA ILE E 58 -31.64 -9.35 -49.37
C ILE E 58 -30.48 -10.32 -49.36
N ALA E 59 -29.43 -10.00 -50.10
CA ALA E 59 -28.36 -10.91 -50.39
C ALA E 59 -27.32 -11.03 -49.27
N VAL E 60 -27.17 -9.99 -48.46
CA VAL E 60 -26.15 -9.98 -47.39
C VAL E 60 -26.80 -9.44 -46.12
N THR E 61 -26.85 -10.28 -45.09
CA THR E 61 -27.49 -9.94 -43.82
C THR E 61 -26.60 -10.14 -42.59
N GLY E 62 -26.94 -9.41 -41.54
CA GLY E 62 -26.21 -9.49 -40.27
C GLY E 62 -25.16 -8.40 -40.11
N LEU E 63 -24.51 -8.45 -38.96
CA LEU E 63 -23.58 -7.44 -38.52
C LEU E 63 -22.20 -7.62 -39.06
N VAL E 64 -21.62 -6.53 -39.56
CA VAL E 64 -20.23 -6.58 -40.00
C VAL E 64 -19.36 -6.67 -38.77
N GLY E 65 -18.48 -7.65 -38.82
CA GLY E 65 -17.58 -8.02 -37.70
C GLY E 65 -18.12 -9.10 -36.79
N ARG E 66 -19.30 -9.62 -37.14
CA ARG E 66 -19.88 -10.75 -36.41
C ARG E 66 -20.38 -11.81 -37.39
N ASP E 67 -21.36 -11.45 -38.24
CA ASP E 67 -21.96 -12.35 -39.22
C ASP E 67 -21.33 -12.28 -40.62
N VAL E 68 -20.77 -11.11 -40.96
CA VAL E 68 -20.24 -10.84 -42.29
C VAL E 68 -18.87 -10.20 -42.16
N ASP E 69 -17.98 -10.54 -43.08
CA ASP E 69 -16.67 -9.91 -43.10
C ASP E 69 -16.65 -8.70 -44.04
N VAL E 70 -15.50 -8.02 -44.14
CA VAL E 70 -15.41 -6.79 -44.94
C VAL E 70 -15.71 -7.11 -46.41
N ALA E 71 -15.12 -8.18 -46.92
CA ALA E 71 -15.33 -8.52 -48.34
C ALA E 71 -16.80 -8.74 -48.66
N SER E 72 -17.52 -9.44 -47.78
CA SER E 72 -18.92 -9.71 -48.01
C SER E 72 -19.72 -8.42 -47.89
N ALA E 73 -19.35 -7.58 -46.92
CA ALA E 73 -20.02 -6.29 -46.73
C ALA E 73 -19.79 -5.35 -47.95
N GLN E 74 -18.60 -5.45 -48.55
CA GLN E 74 -18.28 -4.64 -49.75
C GLN E 74 -19.21 -5.02 -50.91
N ARG E 75 -19.49 -6.31 -51.04
CA ARG E 75 -20.47 -6.82 -52.00
C ARG E 75 -21.85 -6.32 -51.67
N ALA E 76 -22.23 -6.36 -50.40
CA ALA E 76 -23.52 -5.75 -50.03
C ALA E 76 -23.58 -4.28 -50.51
N ALA E 77 -22.48 -3.56 -50.31
CA ALA E 77 -22.43 -2.13 -50.66
C ALA E 77 -22.53 -1.97 -52.19
N GLU E 78 -21.86 -2.84 -52.91
CA GLU E 78 -21.98 -2.83 -54.39
C GLU E 78 -23.46 -3.00 -54.78
N LEU E 79 -24.16 -3.97 -54.16
CA LEU E 79 -25.57 -4.20 -54.47
C LEU E 79 -26.46 -3.00 -54.12
N CYS E 80 -26.22 -2.38 -52.96
CA CYS E 80 -26.92 -1.12 -52.63
C CYS E 80 -26.72 -0.09 -53.74
N ALA E 81 -25.48 0.02 -54.22
CA ALA E 81 -25.12 0.98 -55.28
C ALA E 81 -25.81 0.61 -56.60
N VAL E 82 -25.90 -0.68 -56.92
CA VAL E 82 -26.65 -1.14 -58.13
C VAL E 82 -28.11 -0.76 -58.02
N ASN E 83 -28.70 -0.93 -56.83
CA ASN E 83 -30.09 -0.58 -56.63
C ASN E 83 -30.31 0.94 -56.68
N ILE E 84 -29.36 1.72 -56.18
CA ILE E 84 -29.39 3.19 -56.35
C ILE E 84 -29.43 3.51 -57.87
N LEU E 85 -28.56 2.90 -58.63
CA LEU E 85 -28.51 3.18 -60.09
C LEU E 85 -29.80 2.82 -60.81
N ALA E 86 -30.40 1.70 -60.41
CA ALA E 86 -31.70 1.30 -60.93
C ALA E 86 -32.76 2.36 -60.66
N GLN E 87 -32.79 2.95 -59.46
CA GLN E 87 -33.75 4.00 -59.18
C GLN E 87 -33.48 5.26 -59.95
N VAL E 88 -32.20 5.62 -60.07
CA VAL E 88 -31.81 6.80 -60.84
C VAL E 88 -32.19 6.63 -62.32
N LYS E 89 -31.95 5.44 -62.86
CA LYS E 89 -32.36 5.13 -64.26
C LYS E 89 -33.87 5.38 -64.40
N ALA E 90 -34.65 4.86 -63.45
CA ALA E 90 -36.12 5.01 -63.46
C ALA E 90 -36.55 6.47 -63.37
N ALA E 91 -35.93 7.19 -62.44
CA ALA E 91 -36.15 8.61 -62.28
C ALA E 91 -35.86 9.41 -63.57
N LEU E 92 -34.86 8.98 -64.34
CA LEU E 92 -34.38 9.70 -65.53
C LEU E 92 -34.91 9.12 -66.83
N ASN E 93 -36.02 8.38 -66.72
CA ASN E 93 -36.69 7.72 -67.85
C ASN E 93 -35.81 6.84 -68.75
N GLY E 94 -34.91 6.12 -68.10
CA GLY E 94 -34.10 5.13 -68.76
C GLY E 94 -32.73 5.65 -69.11
N ASP E 95 -32.43 6.88 -68.72
CA ASP E 95 -31.23 7.56 -69.19
C ASP E 95 -30.19 7.96 -68.12
N LEU E 96 -29.30 7.03 -67.78
CA LEU E 96 -28.26 7.30 -66.77
C LEU E 96 -27.24 8.36 -67.20
N SER E 97 -27.23 8.69 -68.49
CA SER E 97 -26.36 9.77 -68.98
C SER E 97 -26.88 11.18 -68.59
N LYS E 98 -28.11 11.24 -68.09
CA LYS E 98 -28.63 12.47 -67.47
C LYS E 98 -28.11 12.75 -66.04
N ILE E 99 -27.32 11.83 -65.48
CA ILE E 99 -26.55 12.11 -64.25
C ILE E 99 -25.47 13.15 -64.53
N ARG E 100 -25.54 14.30 -63.87
CA ARG E 100 -24.46 15.29 -63.96
C ARG E 100 -23.37 15.02 -62.92
N ARG E 101 -23.79 14.71 -61.70
CA ARG E 101 -22.84 14.47 -60.60
C ARG E 101 -23.56 13.71 -59.48
N VAL E 102 -22.91 12.70 -58.96
CA VAL E 102 -23.36 12.08 -57.71
C VAL E 102 -22.87 13.01 -56.59
N ILE E 103 -23.78 13.70 -55.91
CA ILE E 103 -23.40 14.73 -54.93
C ILE E 103 -22.97 14.11 -53.61
N LYS E 104 -23.76 13.13 -53.16
CA LYS E 104 -23.56 12.55 -51.86
C LYS E 104 -24.09 11.11 -51.75
N LEU E 105 -23.33 10.24 -51.08
CA LEU E 105 -23.80 8.91 -50.64
C LEU E 105 -23.70 8.89 -49.13
N ASN E 106 -24.77 8.44 -48.49
CA ASN E 106 -24.72 8.12 -47.06
C ASN E 106 -24.73 6.62 -46.93
N GLY E 107 -23.63 6.11 -46.39
CA GLY E 107 -23.40 4.67 -46.27
C GLY E 107 -23.58 4.20 -44.84
N PHE E 108 -24.63 3.39 -44.63
CA PHE E 108 -24.99 2.89 -43.31
C PHE E 108 -24.62 1.42 -43.22
N VAL E 109 -23.72 1.09 -42.29
CA VAL E 109 -23.17 -0.25 -42.17
C VAL E 109 -23.53 -0.91 -40.81
N ALA E 110 -24.34 -1.94 -40.83
CA ALA E 110 -24.72 -2.64 -39.58
C ALA E 110 -23.46 -3.23 -38.98
N SER E 111 -23.10 -2.80 -37.77
CA SER E 111 -21.75 -3.03 -37.23
C SER E 111 -21.80 -3.52 -35.80
N VAL E 112 -20.93 -4.46 -35.43
CA VAL E 112 -20.60 -4.58 -33.99
C VAL E 112 -19.71 -3.40 -33.58
N PRO E 113 -19.73 -3.02 -32.27
CA PRO E 113 -18.97 -1.81 -31.83
C PRO E 113 -17.47 -1.91 -32.01
N GLU E 114 -16.94 -3.13 -32.16
CA GLU E 114 -15.48 -3.31 -32.40
C GLU E 114 -15.13 -3.12 -33.88
N PHE E 115 -16.13 -3.03 -34.72
CA PHE E 115 -15.89 -3.00 -36.16
C PHE E 115 -15.77 -1.51 -36.52
N VAL E 116 -14.64 -1.17 -37.14
CA VAL E 116 -14.31 0.24 -37.40
C VAL E 116 -13.78 0.48 -38.84
N GLU E 117 -14.22 -0.35 -39.75
CA GLU E 117 -13.82 -0.26 -41.16
C GLU E 117 -15.03 0.00 -42.07
N GLN E 118 -15.98 0.80 -41.59
CA GLN E 118 -17.15 1.17 -42.38
C GLN E 118 -16.73 1.85 -43.68
N HIS E 119 -15.64 2.60 -43.64
CA HIS E 119 -15.11 3.28 -44.87
C HIS E 119 -14.73 2.26 -45.93
N LEU E 120 -14.10 1.15 -45.53
CA LEU E 120 -13.76 0.11 -46.47
C LEU E 120 -15.00 -0.57 -47.05
N VAL E 121 -16.02 -0.76 -46.20
CA VAL E 121 -17.25 -1.34 -46.68
C VAL E 121 -17.90 -0.46 -47.78
N ILE E 122 -18.04 0.83 -47.49
CA ILE E 122 -18.71 1.76 -48.41
C ILE E 122 -17.86 1.96 -49.68
N ASN E 123 -16.53 1.76 -49.58
CA ASN E 123 -15.67 1.75 -50.76
C ASN E 123 -16.21 0.81 -51.85
N GLY E 124 -16.86 -0.30 -51.48
CA GLY E 124 -17.59 -1.12 -52.45
C GLY E 124 -18.51 -0.35 -53.38
N ALA E 125 -19.39 0.46 -52.79
CA ALA E 125 -20.33 1.29 -53.54
C ALA E 125 -19.57 2.41 -54.26
N SER E 126 -18.64 3.07 -53.58
CA SER E 126 -17.97 4.26 -54.15
C SER E 126 -17.13 3.89 -55.35
N ASN E 127 -16.45 2.76 -55.26
CA ASN E 127 -15.64 2.27 -56.38
C ASN E 127 -16.51 1.87 -57.59
N LEU E 128 -17.60 1.16 -57.34
CA LEU E 128 -18.54 0.77 -58.41
C LEU E 128 -19.10 2.02 -59.13
N ILE E 129 -19.56 2.99 -58.35
CA ILE E 129 -20.23 4.17 -58.89
C ILE E 129 -19.27 4.99 -59.72
N ALA E 130 -18.07 5.22 -59.18
CA ALA E 130 -17.02 5.97 -59.87
C ALA E 130 -16.57 5.21 -61.12
N THR E 131 -16.48 3.88 -61.03
CA THR E 131 -16.08 3.08 -62.19
C THR E 131 -17.06 3.21 -63.36
N VAL E 132 -18.36 3.13 -63.07
CA VAL E 132 -19.35 3.06 -64.13
C VAL E 132 -19.70 4.47 -64.67
N LEU E 133 -19.61 5.49 -63.82
CA LEU E 133 -19.98 6.83 -64.26
C LEU E 133 -18.77 7.68 -64.61
N GLY E 134 -17.58 7.26 -64.22
CA GLY E 134 -16.39 8.06 -64.36
C GLY E 134 -16.39 9.25 -63.43
N GLU E 135 -15.79 10.35 -63.88
CA GLU E 135 -15.60 11.53 -63.02
C GLU E 135 -16.89 12.04 -62.37
N PRO E 136 -17.98 12.15 -63.13
CA PRO E 136 -19.30 12.49 -62.52
C PRO E 136 -19.78 11.61 -61.33
N GLY E 137 -19.26 10.40 -61.25
CA GLY E 137 -19.58 9.48 -60.16
C GLY E 137 -18.86 9.76 -58.84
N ARG E 138 -17.80 10.57 -58.85
CA ARG E 138 -17.09 10.89 -57.61
C ARG E 138 -17.95 11.81 -56.75
N HIS E 139 -18.05 11.46 -55.48
CA HIS E 139 -19.10 11.97 -54.62
C HIS E 139 -18.59 12.29 -53.23
N ALA E 140 -19.27 13.20 -52.56
CA ALA E 140 -19.10 13.33 -51.09
C ALA E 140 -19.76 12.12 -50.41
N ARG E 141 -19.39 11.89 -49.16
CA ARG E 141 -19.82 10.66 -48.50
C ARG E 141 -19.83 10.77 -47.00
N ALA E 142 -20.67 9.97 -46.36
CA ALA E 142 -20.52 9.62 -44.96
C ALA E 142 -20.54 8.09 -44.86
N ALA E 143 -19.78 7.54 -43.92
CA ALA E 143 -19.80 6.10 -43.69
C ALA E 143 -19.87 5.90 -42.18
N VAL E 144 -20.89 5.19 -41.73
CA VAL E 144 -21.18 5.10 -40.29
C VAL E 144 -21.65 3.71 -39.88
N GLY E 145 -21.45 3.39 -38.60
CA GLY E 145 -21.81 2.09 -38.04
C GLY E 145 -23.14 2.14 -37.32
N MSE E 146 -24.07 1.30 -37.78
CA MSE E 146 -25.44 1.20 -37.30
C MSE E 146 -25.61 -0.02 -36.36
O MSE E 146 -24.92 -1.02 -36.50
CB MSE E 146 -26.35 0.99 -38.51
CG MSE E 146 -27.44 2.00 -38.79
SE MSE E 146 -27.10 3.91 -38.51
CE MSE E 146 -25.61 3.72 -39.40
N ALA E 147 -26.58 0.07 -35.45
CA ALA E 147 -26.95 -1.06 -34.57
C ALA E 147 -27.51 -2.24 -35.39
N SER E 148 -28.28 -1.93 -36.44
CA SER E 148 -29.02 -2.91 -37.24
C SER E 148 -29.72 -2.11 -38.34
N LEU E 149 -30.27 -2.83 -39.30
CA LEU E 149 -30.94 -2.22 -40.45
C LEU E 149 -32.14 -3.03 -40.85
N PRO E 150 -33.06 -2.38 -41.57
CA PRO E 150 -34.22 -3.14 -42.08
C PRO E 150 -33.93 -4.48 -42.76
N PHE E 151 -34.71 -5.51 -42.39
CA PHE E 151 -34.62 -6.87 -42.98
C PHE E 151 -33.25 -7.51 -42.68
N ASN E 152 -32.57 -6.96 -41.67
CA ASN E 152 -31.23 -7.38 -41.27
C ASN E 152 -30.18 -7.15 -42.34
N ALA E 153 -30.42 -6.21 -43.25
CA ALA E 153 -29.43 -5.88 -44.26
C ALA E 153 -28.12 -5.52 -43.58
N SER E 154 -27.01 -5.92 -44.19
CA SER E 154 -25.70 -5.48 -43.65
C SER E 154 -25.36 -4.03 -43.98
N VAL E 155 -25.92 -3.49 -45.07
CA VAL E 155 -25.61 -2.14 -45.51
C VAL E 155 -26.88 -1.56 -46.11
N GLU E 156 -27.06 -0.27 -45.94
CA GLU E 156 -28.07 0.54 -46.60
C GLU E 156 -27.39 1.84 -47.03
N ILE E 157 -27.71 2.28 -48.25
CA ILE E 157 -27.06 3.46 -48.79
C ILE E 157 -28.09 4.33 -49.50
N ASP E 158 -28.09 5.62 -49.18
CA ASP E 158 -28.97 6.58 -49.88
C ASP E 158 -28.08 7.55 -50.68
N ALA E 159 -28.71 8.40 -51.48
CA ALA E 159 -27.97 9.24 -52.39
C ALA E 159 -28.72 10.52 -52.77
N ILE E 160 -27.92 11.50 -53.15
CA ILE E 160 -28.38 12.72 -53.77
C ILE E 160 -27.55 12.86 -55.03
N VAL E 161 -28.24 13.07 -56.15
CA VAL E 161 -27.63 13.07 -57.47
C VAL E 161 -28.09 14.35 -58.18
N GLU E 162 -27.14 15.05 -58.81
CA GLU E 162 -27.48 16.21 -59.65
C GLU E 162 -27.80 15.68 -61.04
N ILE E 163 -28.95 16.07 -61.58
CA ILE E 163 -29.42 15.54 -62.84
C ILE E 163 -29.68 16.72 -63.78
N ASP E 164 -29.53 16.49 -65.09
CA ASP E 164 -29.71 17.61 -66.05
C ASP E 164 -31.19 17.85 -66.38
N THR F 2 37.93 55.67 -0.05
CA THR F 2 37.21 56.27 1.11
C THR F 2 36.26 55.24 1.69
N GLU F 3 35.36 54.74 0.83
CA GLU F 3 34.40 53.73 1.22
C GLU F 3 35.13 52.42 1.49
N ASN F 4 36.18 52.15 0.71
CA ASN F 4 37.06 51.03 1.00
C ASN F 4 37.69 51.18 2.39
N LEU F 5 38.17 52.38 2.70
CA LEU F 5 38.78 52.67 4.00
C LEU F 5 37.75 52.54 5.13
N TYR F 6 36.53 53.00 4.88
CA TYR F 6 35.43 52.85 5.81
C TYR F 6 35.19 51.37 6.14
N PHE F 7 34.97 50.58 5.10
CA PHE F 7 34.75 49.15 5.28
C PHE F 7 35.97 48.48 5.93
N GLN F 8 37.17 48.90 5.57
CA GLN F 8 38.34 48.32 6.23
C GLN F 8 38.40 48.71 7.70
N GLY F 9 37.98 49.94 8.02
CA GLY F 9 37.90 50.38 9.40
C GLY F 9 36.93 49.55 10.22
N MSE F 10 35.74 49.37 9.67
CA MSE F 10 34.72 48.52 10.29
C MSE F 10 35.22 47.11 10.57
O MSE F 10 34.93 46.54 11.63
CB MSE F 10 33.47 48.44 9.41
CG MSE F 10 32.45 49.50 9.69
SE MSE F 10 30.74 49.13 8.78
CE MSE F 10 30.26 47.37 9.55
N SER F 11 35.97 46.54 9.63
CA SER F 11 36.57 45.19 9.82
C SER F 11 37.60 45.20 10.93
N ASP F 12 38.44 46.23 10.94
CA ASP F 12 39.43 46.36 12.00
C ASP F 12 38.77 46.42 13.36
N VAL F 13 37.63 47.13 13.43
CA VAL F 13 36.91 47.27 14.69
C VAL F 13 36.36 45.89 15.09
N ILE F 14 35.80 45.18 14.12
CA ILE F 14 35.26 43.81 14.43
C ILE F 14 36.37 42.90 14.99
N GLU F 15 37.49 42.80 14.27
CA GLU F 15 38.59 41.95 14.71
C GLU F 15 39.25 42.46 16.01
N GLY F 16 39.21 43.77 16.23
CA GLY F 16 39.72 44.35 17.47
C GLY F 16 38.88 43.95 18.67
N ARG F 17 37.57 43.96 18.47
CA ARG F 17 36.65 43.53 19.52
C ARG F 17 36.88 42.05 19.87
N LEU F 18 37.19 41.24 18.87
CA LEU F 18 37.43 39.80 19.10
C LEU F 18 38.73 39.62 19.90
N LYS F 19 39.75 40.42 19.57
CA LYS F 19 41.00 40.42 20.36
C LYS F 19 40.76 40.84 21.80
N GLU F 20 39.89 41.82 22.00
CA GLU F 20 39.54 42.23 23.37
C GLU F 20 38.92 41.09 24.16
N LEU F 21 38.25 40.16 23.48
CA LEU F 21 37.71 38.96 24.12
C LEU F 21 38.74 37.83 24.26
N GLY F 22 39.93 37.99 23.71
CA GLY F 22 40.99 37.00 23.90
C GLY F 22 41.31 36.10 22.71
N PHE F 23 40.66 36.34 21.58
CA PHE F 23 40.79 35.50 20.40
C PHE F 23 41.43 36.21 19.20
N THR F 24 42.28 35.49 18.48
CA THR F 24 42.68 35.89 17.15
C THR F 24 42.02 34.97 16.15
N LEU F 25 41.73 35.47 14.96
CA LEU F 25 41.21 34.63 13.89
C LEU F 25 42.30 33.70 13.37
N PRO F 26 41.97 32.42 13.26
CA PRO F 26 42.93 31.53 12.66
C PRO F 26 42.98 31.74 11.17
N VAL F 27 44.05 31.23 10.57
CA VAL F 27 44.13 30.95 9.13
C VAL F 27 43.12 29.84 8.77
N ALA F 33 39.01 19.47 -0.53
CA ALA F 33 38.10 18.33 -0.33
C ALA F 33 36.91 18.48 -1.28
N ASN F 34 36.10 17.43 -1.37
CA ASN F 34 34.85 17.48 -2.13
C ASN F 34 33.74 18.24 -1.40
N TYR F 35 33.98 18.53 -0.13
CA TYR F 35 33.21 19.56 0.58
C TYR F 35 34.11 20.73 0.92
N VAL F 36 33.50 21.91 0.95
CA VAL F 36 34.20 23.18 1.11
C VAL F 36 33.76 23.85 2.40
N PRO F 37 34.58 24.75 2.94
CA PRO F 37 34.19 25.42 4.19
C PRO F 37 33.02 26.38 4.08
N PHE F 38 32.69 26.81 2.86
CA PHE F 38 31.55 27.69 2.67
C PHE F 38 31.09 27.72 1.23
N THR F 39 29.83 28.08 1.04
CA THR F 39 29.26 28.34 -0.30
C THR F 39 28.41 29.57 -0.24
N ILE F 40 28.18 30.19 -1.40
CA ILE F 40 27.37 31.40 -1.46
C ILE F 40 26.27 31.20 -2.47
N SER F 41 25.06 31.56 -2.12
CA SER F 41 23.96 31.57 -3.07
C SER F 41 23.24 32.90 -2.90
N GLY F 42 23.21 33.71 -3.96
CA GLY F 42 22.62 35.02 -3.87
C GLY F 42 23.41 35.81 -2.85
N ASN F 43 22.72 36.33 -1.84
CA ASN F 43 23.40 37.06 -0.77
C ASN F 43 23.48 36.27 0.54
N LEU F 44 23.35 34.96 0.42
CA LEU F 44 23.47 34.03 1.60
C LEU F 44 24.76 33.21 1.51
N LEU F 45 25.53 33.27 2.59
CA LEU F 45 26.78 32.55 2.78
C LEU F 45 26.46 31.41 3.78
N TYR F 46 26.69 30.19 3.33
CA TYR F 46 26.46 28.98 4.14
C TYR F 46 27.79 28.49 4.60
N VAL F 47 28.00 28.51 5.92
CA VAL F 47 29.29 28.15 6.48
C VAL F 47 29.17 26.71 7.02
N SER F 48 30.12 25.87 6.63
CA SER F 48 30.18 24.48 7.11
C SER F 48 30.33 24.39 8.62
N GLY F 49 29.87 23.27 9.17
CA GLY F 49 30.12 22.98 10.59
C GLY F 49 31.59 23.18 10.99
N GLN F 50 31.79 24.06 11.96
CA GLN F 50 33.13 24.40 12.50
C GLN F 50 33.26 23.77 13.88
N LEU F 51 34.49 23.32 14.16
CA LEU F 51 34.88 22.66 15.39
C LEU F 51 35.69 23.62 16.26
N PRO F 52 35.95 23.24 17.53
CA PRO F 52 36.60 24.16 18.45
C PRO F 52 38.10 24.17 18.26
N MSE F 53 38.55 24.69 17.11
CA MSE F 53 39.98 24.70 16.74
C MSE F 53 40.66 25.89 17.35
O MSE F 53 40.19 27.02 17.25
CB MSE F 53 40.20 24.79 15.22
CG MSE F 53 39.43 23.86 14.39
SE MSE F 53 39.93 22.07 14.84
CE MSE F 53 41.81 22.18 14.42
N GLU F 54 41.81 25.63 17.99
CA GLU F 54 42.63 26.70 18.53
C GLU F 54 44.06 26.29 18.22
N SER F 55 44.79 27.19 17.54
CA SER F 55 46.16 26.93 17.05
C SER F 55 46.27 25.62 16.30
N GLY F 56 45.31 25.33 15.46
CA GLY F 56 45.36 24.14 14.61
C GLY F 56 44.99 22.81 15.26
N LYS F 57 44.50 22.81 16.48
CA LYS F 57 44.16 21.59 17.20
C LYS F 57 42.78 21.74 17.80
N ILE F 58 42.07 20.63 17.97
CA ILE F 58 40.74 20.63 18.63
C ILE F 58 41.00 20.85 20.11
N ALA F 59 40.50 21.95 20.65
CA ALA F 59 40.83 22.43 21.97
C ALA F 59 39.95 21.83 23.04
N VAL F 60 38.76 21.39 22.69
CA VAL F 60 37.82 20.91 23.71
C VAL F 60 37.13 19.68 23.17
N THR F 61 37.33 18.55 23.84
CA THR F 61 36.82 17.28 23.37
C THR F 61 36.09 16.53 24.47
N GLY F 62 35.25 15.59 24.02
CA GLY F 62 34.41 14.82 24.93
C GLY F 62 33.01 15.37 25.13
N LEU F 63 32.28 14.62 25.96
CA LEU F 63 30.85 14.84 26.14
C LEU F 63 30.61 15.82 27.26
N VAL F 64 29.78 16.80 26.98
CA VAL F 64 29.34 17.76 28.02
C VAL F 64 28.43 17.01 29.00
N GLY F 65 28.75 17.15 30.27
CA GLY F 65 28.08 16.45 31.35
C GLY F 65 28.81 15.20 31.76
N ARG F 66 29.92 14.89 31.06
CA ARG F 66 30.79 13.76 31.39
C ARG F 66 32.26 14.18 31.42
N ASP F 67 32.77 14.58 30.28
CA ASP F 67 34.18 14.93 30.10
C ASP F 67 34.49 16.41 30.26
N VAL F 68 33.47 17.23 30.01
CA VAL F 68 33.54 18.70 29.95
C VAL F 68 32.34 19.28 30.68
N ASP F 69 32.57 20.36 31.43
CA ASP F 69 31.51 21.09 32.09
C ASP F 69 30.99 22.24 31.21
N VAL F 70 29.99 22.98 31.68
CA VAL F 70 29.39 24.04 30.85
C VAL F 70 30.38 25.14 30.50
N ALA F 71 31.19 25.54 31.45
CA ALA F 71 32.14 26.64 31.18
C ALA F 71 33.11 26.23 30.09
N SER F 72 33.64 25.02 30.19
CA SER F 72 34.55 24.54 29.17
C SER F 72 33.86 24.41 27.81
N ALA F 73 32.60 23.95 27.80
CA ALA F 73 31.84 23.80 26.55
C ALA F 73 31.50 25.16 25.93
N GLN F 74 31.29 26.17 26.79
CA GLN F 74 31.08 27.55 26.32
C GLN F 74 32.34 28.08 25.59
N ARG F 75 33.52 27.77 26.11
CA ARG F 75 34.77 28.08 25.44
C ARG F 75 34.87 27.35 24.10
N ALA F 76 34.42 26.10 24.06
CA ALA F 76 34.39 25.39 22.80
C ALA F 76 33.50 26.14 21.78
N ALA F 77 32.30 26.51 22.23
CA ALA F 77 31.35 27.23 21.39
C ALA F 77 32.00 28.54 20.87
N GLU F 78 32.71 29.21 21.76
CA GLU F 78 33.39 30.49 21.42
C GLU F 78 34.36 30.21 20.32
N LEU F 79 35.14 29.13 20.47
CA LEU F 79 36.09 28.74 19.42
C LEU F 79 35.42 28.39 18.08
N CYS F 80 34.31 27.65 18.14
CA CYS F 80 33.54 27.35 16.93
C CYS F 80 33.17 28.66 16.23
N ALA F 81 32.68 29.63 17.02
CA ALA F 81 32.28 30.96 16.51
C ALA F 81 33.45 31.67 15.85
N VAL F 82 34.61 31.63 16.47
CA VAL F 82 35.79 32.31 15.94
C VAL F 82 36.18 31.67 14.60
N ASN F 83 36.04 30.34 14.52
CA ASN F 83 36.29 29.63 13.28
C ASN F 83 35.28 29.97 12.19
N ILE F 84 34.02 30.14 12.58
CA ILE F 84 32.97 30.62 11.66
C ILE F 84 33.38 31.98 11.09
N LEU F 85 33.80 32.88 11.99
CA LEU F 85 34.17 34.25 11.57
C LEU F 85 35.38 34.21 10.64
N ALA F 86 36.34 33.32 10.89
CA ALA F 86 37.48 33.11 9.99
C ALA F 86 37.02 32.71 8.60
N GLN F 87 36.04 31.79 8.52
CA GLN F 87 35.51 31.40 7.20
C GLN F 87 34.81 32.53 6.49
N VAL F 88 34.02 33.29 7.26
CA VAL F 88 33.27 34.43 6.72
C VAL F 88 34.26 35.49 6.17
N LYS F 89 35.31 35.76 6.92
CA LYS F 89 36.33 36.72 6.51
C LYS F 89 36.93 36.28 5.17
N ALA F 90 37.26 34.98 5.06
CA ALA F 90 37.80 34.45 3.80
C ALA F 90 36.78 34.57 2.65
N ALA F 91 35.52 34.24 2.94
CA ALA F 91 34.42 34.34 1.96
C ALA F 91 34.22 35.78 1.44
N LEU F 92 34.52 36.76 2.30
CA LEU F 92 34.29 38.18 2.02
C LEU F 92 35.57 38.91 1.64
N ASN F 93 36.60 38.14 1.28
CA ASN F 93 37.90 38.66 0.84
C ASN F 93 38.60 39.60 1.82
N GLY F 94 38.50 39.28 3.10
CA GLY F 94 39.16 40.00 4.17
C GLY F 94 38.28 40.98 4.95
N ASP F 95 37.04 41.15 4.51
CA ASP F 95 36.15 42.16 5.08
C ASP F 95 34.86 41.71 5.84
N LEU F 96 35.00 41.48 7.14
CA LEU F 96 33.88 41.18 8.03
C LEU F 96 32.77 42.26 8.09
N SER F 97 33.10 43.47 7.63
CA SER F 97 32.13 44.57 7.54
C SER F 97 31.12 44.35 6.41
N LYS F 98 31.42 43.42 5.51
CA LYS F 98 30.45 42.96 4.50
C LYS F 98 29.38 41.97 5.01
N ILE F 99 29.42 41.59 6.29
CA ILE F 99 28.29 40.90 6.94
C ILE F 99 27.09 41.85 7.11
N ARG F 100 25.94 41.49 6.57
CA ARG F 100 24.72 42.27 6.83
C ARG F 100 23.98 41.77 8.07
N ARG F 101 23.81 40.46 8.18
CA ARG F 101 23.12 39.86 9.33
C ARG F 101 23.57 38.41 9.46
N VAL F 102 23.85 37.97 10.68
CA VAL F 102 24.00 36.53 10.93
C VAL F 102 22.57 35.99 11.04
N ILE F 103 22.19 35.18 10.08
CA ILE F 103 20.79 34.73 9.99
C ILE F 103 20.46 33.58 10.96
N LYS F 104 21.36 32.61 11.03
CA LYS F 104 21.11 31.37 11.76
C LYS F 104 22.42 30.72 12.19
N LEU F 105 22.48 30.26 13.43
CA LEU F 105 23.52 29.33 13.89
C LEU F 105 22.83 28.03 14.27
N ASN F 106 23.44 26.92 13.89
CA ASN F 106 22.98 25.61 14.41
C ASN F 106 24.09 25.11 15.32
N GLY F 107 23.78 24.99 16.62
CA GLY F 107 24.74 24.59 17.63
C GLY F 107 24.52 23.15 18.06
N PHE F 108 25.52 22.31 17.79
CA PHE F 108 25.48 20.87 18.06
C PHE F 108 26.39 20.59 19.22
N VAL F 109 25.84 20.13 20.34
CA VAL F 109 26.65 19.96 21.55
C VAL F 109 26.72 18.45 21.91
N ALA F 110 27.90 17.87 21.87
CA ALA F 110 28.08 16.44 22.24
C ALA F 110 27.71 16.31 23.71
N SER F 111 26.68 15.51 24.00
CA SER F 111 26.02 15.54 25.34
C SER F 111 25.75 14.15 25.86
N VAL F 112 25.90 13.93 27.17
CA VAL F 112 25.24 12.78 27.78
C VAL F 112 23.75 13.08 27.87
N PRO F 113 22.90 12.04 27.93
CA PRO F 113 21.45 12.27 27.94
C PRO F 113 20.91 13.05 29.14
N GLU F 114 21.65 13.06 30.24
CA GLU F 114 21.28 13.87 31.41
C GLU F 114 21.64 15.35 31.29
N PHE F 115 22.46 15.66 30.29
CA PHE F 115 22.88 17.04 30.07
C PHE F 115 21.82 17.79 29.24
N VAL F 116 21.30 18.88 29.81
CA VAL F 116 20.13 19.61 29.20
C VAL F 116 20.32 21.15 29.20
N GLU F 117 21.57 21.58 29.19
CA GLU F 117 21.92 23.00 29.10
C GLU F 117 22.68 23.34 27.82
N GLN F 118 22.27 22.70 26.70
CA GLN F 118 22.89 23.01 25.41
C GLN F 118 22.69 24.48 25.03
N HIS F 119 21.59 25.08 25.46
CA HIS F 119 21.37 26.52 25.22
C HIS F 119 22.45 27.35 25.89
N LEU F 120 22.85 26.98 27.11
CA LEU F 120 23.89 27.72 27.81
C LEU F 120 25.23 27.56 27.13
N VAL F 121 25.48 26.35 26.62
CA VAL F 121 26.72 26.12 25.89
C VAL F 121 26.80 27.01 24.66
N ILE F 122 25.77 27.01 23.85
CA ILE F 122 25.79 27.74 22.57
C ILE F 122 25.76 29.26 22.83
N ASN F 123 25.24 29.68 23.98
CA ASN F 123 25.38 31.10 24.40
C ASN F 123 26.85 31.57 24.33
N GLY F 124 27.85 30.71 24.53
CA GLY F 124 29.24 31.16 24.32
C GLY F 124 29.46 31.73 22.93
N ALA F 125 28.96 31.02 21.92
CA ALA F 125 29.05 31.48 20.51
C ALA F 125 28.15 32.68 20.28
N SER F 126 26.90 32.60 20.71
CA SER F 126 25.93 33.67 20.44
C SER F 126 26.39 34.98 21.07
N ASN F 127 26.89 34.91 22.30
CA ASN F 127 27.39 36.09 22.97
C ASN F 127 28.64 36.65 22.28
N LEU F 128 29.57 35.80 21.86
CA LEU F 128 30.76 36.27 21.15
C LEU F 128 30.37 36.97 19.83
N ILE F 129 29.52 36.34 19.03
CA ILE F 129 29.13 36.88 17.73
C ILE F 129 28.41 38.22 17.85
N ALA F 130 27.44 38.32 18.75
CA ALA F 130 26.72 39.57 19.02
C ALA F 130 27.61 40.69 19.59
N THR F 131 28.59 40.32 20.40
CA THR F 131 29.55 41.28 20.96
C THR F 131 30.44 41.93 19.89
N VAL F 132 30.96 41.11 18.98
CA VAL F 132 31.95 41.59 18.02
C VAL F 132 31.28 42.26 16.80
N LEU F 133 30.05 41.86 16.49
CA LEU F 133 29.34 42.38 15.33
C LEU F 133 28.28 43.41 15.69
N GLY F 134 27.87 43.44 16.95
CA GLY F 134 26.76 44.25 17.38
C GLY F 134 25.43 43.71 16.90
N GLU F 135 24.47 44.61 16.65
CA GLU F 135 23.11 44.21 16.27
C GLU F 135 23.04 43.21 15.10
N PRO F 136 23.80 43.46 14.03
CA PRO F 136 23.87 42.51 12.90
C PRO F 136 24.27 41.07 13.28
N GLY F 137 24.95 40.93 14.41
CA GLY F 137 25.33 39.63 14.98
C GLY F 137 24.21 38.81 15.62
N ARG F 138 23.05 39.41 15.90
CA ARG F 138 21.95 38.71 16.54
C ARG F 138 21.22 37.83 15.52
N HIS F 139 21.06 36.56 15.87
CA HIS F 139 20.75 35.49 14.91
C HIS F 139 19.67 34.60 15.50
N ALA F 140 18.94 33.95 14.60
CA ALA F 140 18.12 32.75 14.93
C ALA F 140 19.06 31.59 15.24
N ARG F 141 18.54 30.56 15.92
CA ARG F 141 19.43 29.52 16.40
C ARG F 141 18.68 28.25 16.73
N ALA F 142 19.38 27.13 16.63
CA ALA F 142 18.96 25.86 17.24
C ALA F 142 20.14 25.39 18.12
N ALA F 143 19.83 24.79 19.25
CA ALA F 143 20.85 24.24 20.17
C ALA F 143 20.36 22.86 20.52
N VAL F 144 21.17 21.86 20.22
CA VAL F 144 20.73 20.45 20.33
C VAL F 144 21.86 19.56 20.85
N GLY F 145 21.47 18.47 21.49
CA GLY F 145 22.44 17.55 22.06
C GLY F 145 22.69 16.36 21.15
N MSE F 146 23.95 16.14 20.81
CA MSE F 146 24.36 15.05 19.91
C MSE F 146 25.00 13.91 20.72
O MSE F 146 25.54 14.11 21.81
CB MSE F 146 25.42 15.51 18.91
CG MSE F 146 25.27 16.81 18.30
SE MSE F 146 23.52 17.33 17.77
CE MSE F 146 23.39 15.75 16.56
N ALA F 147 25.02 12.72 20.12
CA ALA F 147 25.69 11.52 20.71
C ALA F 147 27.20 11.71 20.74
N SER F 148 27.73 12.37 19.70
CA SER F 148 29.18 12.56 19.51
C SER F 148 29.39 13.39 18.24
N LEU F 149 30.61 13.83 18.05
CA LEU F 149 30.93 14.68 16.90
C LEU F 149 32.28 14.34 16.35
N PRO F 150 32.54 14.77 15.13
CA PRO F 150 33.84 14.53 14.53
C PRO F 150 35.03 14.93 15.41
N PHE F 151 36.02 14.05 15.44
CA PHE F 151 37.28 14.27 16.21
C PHE F 151 37.05 14.40 17.72
N ASN F 152 35.86 13.92 18.17
CA ASN F 152 35.43 14.05 19.53
C ASN F 152 35.24 15.52 19.98
N ALA F 153 35.03 16.46 19.04
CA ALA F 153 34.73 17.84 19.41
C ALA F 153 33.53 17.83 20.35
N SER F 154 33.57 18.72 21.34
CA SER F 154 32.46 18.88 22.27
C SER F 154 31.32 19.66 21.66
N VAL F 155 31.63 20.49 20.66
CA VAL F 155 30.69 21.40 20.02
C VAL F 155 31.07 21.55 18.55
N GLU F 156 30.05 21.66 17.71
CA GLU F 156 30.16 21.97 16.29
C GLU F 156 29.05 22.97 15.99
N ILE F 157 29.38 23.98 15.21
CA ILE F 157 28.42 25.03 14.88
C ILE F 157 28.55 25.44 13.41
N ASP F 158 27.41 25.46 12.73
CA ASP F 158 27.34 25.94 11.35
C ASP F 158 26.58 27.25 11.34
N ALA F 159 26.59 27.92 10.20
CA ALA F 159 25.97 29.25 10.14
C ALA F 159 25.46 29.56 8.74
N ILE F 160 24.45 30.43 8.70
CA ILE F 160 24.02 31.09 7.47
C ILE F 160 24.12 32.60 7.78
N VAL F 161 24.77 33.33 6.87
CA VAL F 161 25.08 34.74 7.08
C VAL F 161 24.63 35.48 5.81
N GLU F 162 23.88 36.55 6.02
CA GLU F 162 23.50 37.43 4.90
C GLU F 162 24.62 38.44 4.65
N ILE F 163 25.05 38.55 3.40
CA ILE F 163 26.23 39.35 3.08
C ILE F 163 25.89 40.40 2.02
N ASP F 164 26.71 41.43 1.88
CA ASP F 164 26.44 42.42 0.79
C ASP F 164 27.16 42.13 -0.55
N THR G 2 -58.56 36.08 -52.33
CA THR G 2 -59.01 34.69 -52.64
C THR G 2 -57.82 33.70 -52.62
N GLU G 3 -56.66 34.14 -53.12
CA GLU G 3 -55.45 33.30 -53.13
C GLU G 3 -55.01 32.97 -51.71
N ASN G 4 -54.93 33.99 -50.86
CA ASN G 4 -54.51 33.80 -49.49
C ASN G 4 -55.55 33.07 -48.65
N LEU G 5 -56.81 33.19 -49.05
CA LEU G 5 -57.89 32.42 -48.43
C LEU G 5 -57.80 30.95 -48.84
N TYR G 6 -57.46 30.73 -50.11
CA TYR G 6 -57.25 29.39 -50.63
C TYR G 6 -56.18 28.68 -49.78
N PHE G 7 -55.01 29.30 -49.67
CA PHE G 7 -53.91 28.76 -48.86
C PHE G 7 -54.28 28.62 -47.38
N GLN G 8 -54.99 29.59 -46.84
CA GLN G 8 -55.55 29.45 -45.50
C GLN G 8 -56.45 28.21 -45.40
N GLY G 9 -57.31 28.01 -46.40
CA GLY G 9 -58.21 26.87 -46.43
C GLY G 9 -57.45 25.56 -46.51
N MSE G 10 -56.53 25.49 -47.47
CA MSE G 10 -55.66 24.33 -47.59
C MSE G 10 -54.96 23.98 -46.27
O MSE G 10 -54.87 22.82 -45.89
CB MSE G 10 -54.62 24.58 -48.66
CG MSE G 10 -55.07 24.33 -50.06
SE MSE G 10 -53.52 24.29 -51.30
CE MSE G 10 -52.49 22.85 -50.44
N SER G 11 -54.45 25.00 -45.57
CA SER G 11 -53.79 24.78 -44.27
C SER G 11 -54.75 24.27 -43.19
N ASP G 12 -56.00 24.76 -43.21
CA ASP G 12 -57.04 24.23 -42.35
C ASP G 12 -57.31 22.75 -42.61
N VAL G 13 -57.34 22.36 -43.88
CA VAL G 13 -57.64 20.97 -44.23
C VAL G 13 -56.49 20.07 -43.73
N ILE G 14 -55.26 20.51 -43.95
CA ILE G 14 -54.09 19.74 -43.49
C ILE G 14 -54.13 19.51 -41.97
N GLU G 15 -54.31 20.59 -41.22
CA GLU G 15 -54.36 20.48 -39.76
C GLU G 15 -55.59 19.73 -39.24
N GLY G 16 -56.69 19.85 -39.99
CA GLY G 16 -57.90 19.13 -39.67
C GLY G 16 -57.71 17.65 -39.86
N ARG G 17 -57.04 17.25 -40.93
CA ARG G 17 -56.76 15.84 -41.15
C ARG G 17 -55.89 15.26 -40.01
N LEU G 18 -54.94 16.07 -39.54
CA LEU G 18 -54.05 15.66 -38.44
C LEU G 18 -54.84 15.46 -37.15
N LYS G 19 -55.81 16.35 -36.90
CA LYS G 19 -56.73 16.19 -35.76
C LYS G 19 -57.58 14.93 -35.88
N GLU G 20 -58.02 14.61 -37.10
CA GLU G 20 -58.71 13.34 -37.37
C GLU G 20 -57.86 12.09 -37.05
N LEU G 21 -56.53 12.22 -37.14
CA LEU G 21 -55.61 11.15 -36.75
C LEU G 21 -55.31 11.12 -35.24
N GLY G 22 -55.78 12.12 -34.51
CA GLY G 22 -55.67 12.16 -33.06
C GLY G 22 -54.64 13.12 -32.53
N PHE G 23 -54.04 13.92 -33.42
CA PHE G 23 -52.99 14.87 -33.03
C PHE G 23 -53.31 16.34 -33.28
N THR G 24 -52.91 17.18 -32.34
CA THR G 24 -52.85 18.62 -32.54
C THR G 24 -51.37 19.03 -32.61
N LEU G 25 -51.05 20.06 -33.40
CA LEU G 25 -49.67 20.52 -33.53
C LEU G 25 -49.20 21.22 -32.24
N PRO G 26 -48.03 20.85 -31.72
CA PRO G 26 -47.53 21.54 -30.52
C PRO G 26 -47.09 22.98 -30.81
N ALA G 32 -33.50 29.00 -27.81
CA ALA G 32 -32.31 29.76 -28.22
C ALA G 32 -31.05 28.89 -28.21
N ALA G 33 -30.53 28.53 -29.38
CA ALA G 33 -29.28 27.77 -29.43
C ALA G 33 -28.42 28.10 -30.67
N ASN G 34 -27.17 27.61 -30.67
CA ASN G 34 -26.29 27.77 -31.83
C ASN G 34 -26.67 26.85 -33.01
N TYR G 35 -27.62 25.95 -32.73
CA TYR G 35 -28.35 25.27 -33.78
C TYR G 35 -29.82 25.65 -33.69
N VAL G 36 -30.46 25.61 -34.84
CA VAL G 36 -31.82 26.10 -35.00
C VAL G 36 -32.72 24.96 -35.44
N PRO G 37 -34.01 25.07 -35.18
CA PRO G 37 -34.92 24.02 -35.61
C PRO G 37 -35.04 23.79 -37.13
N PHE G 38 -34.68 24.81 -37.92
CA PHE G 38 -34.78 24.73 -39.37
C PHE G 38 -33.99 25.86 -40.02
N THR G 39 -33.56 25.59 -41.26
CA THR G 39 -32.94 26.56 -42.15
C THR G 39 -33.61 26.44 -43.51
N ILE G 40 -33.51 27.52 -44.29
CA ILE G 40 -34.05 27.54 -45.64
C ILE G 40 -32.93 27.97 -46.56
N SER G 41 -32.79 27.25 -47.65
CA SER G 41 -31.89 27.60 -48.71
C SER G 41 -32.63 27.45 -50.04
N GLY G 42 -32.82 28.55 -50.77
CA GLY G 42 -33.60 28.48 -51.98
C GLY G 42 -35.00 28.12 -51.56
N ASN G 43 -35.58 27.12 -52.20
CA ASN G 43 -36.92 26.69 -51.82
C ASN G 43 -36.84 25.37 -51.05
N LEU G 44 -35.69 25.08 -50.44
CA LEU G 44 -35.51 23.87 -49.61
C LEU G 44 -35.43 24.23 -48.15
N LEU G 45 -36.29 23.59 -47.37
CA LEU G 45 -36.41 23.78 -45.94
C LEU G 45 -35.80 22.54 -45.30
N TYR G 46 -34.77 22.76 -44.48
CA TYR G 46 -34.09 21.67 -43.73
C TYR G 46 -34.55 21.72 -42.30
N VAL G 47 -35.20 20.66 -41.84
CA VAL G 47 -35.74 20.64 -40.49
C VAL G 47 -34.82 19.74 -39.68
N SER G 48 -34.40 20.25 -38.53
CA SER G 48 -33.55 19.53 -37.57
C SER G 48 -34.23 18.24 -37.08
N GLY G 49 -33.42 17.25 -36.70
CA GLY G 49 -33.96 16.06 -36.06
C GLY G 49 -34.96 16.34 -34.96
N GLN G 50 -36.15 15.77 -35.08
CA GLN G 50 -37.24 15.94 -34.12
C GLN G 50 -37.40 14.65 -33.32
N LEU G 51 -37.71 14.83 -32.05
CA LEU G 51 -37.95 13.75 -31.11
C LEU G 51 -39.46 13.55 -30.89
N PRO G 52 -39.87 12.43 -30.23
CA PRO G 52 -41.30 12.18 -30.06
C PRO G 52 -41.89 12.99 -28.89
N MSE G 53 -41.93 14.31 -29.05
CA MSE G 53 -42.41 15.22 -28.02
C MSE G 53 -43.92 15.25 -28.03
O MSE G 53 -44.56 15.40 -29.09
CB MSE G 53 -41.96 16.67 -28.25
CG MSE G 53 -40.52 16.88 -28.48
SE MSE G 53 -39.55 16.25 -26.94
CE MSE G 53 -40.31 17.38 -25.55
N GLU G 54 -44.50 15.16 -26.84
CA GLU G 54 -45.92 15.27 -26.68
C GLU G 54 -46.13 15.94 -25.33
N SER G 55 -46.91 17.03 -25.33
CA SER G 55 -47.13 17.85 -24.14
C SER G 55 -45.81 18.26 -23.48
N GLY G 56 -44.81 18.60 -24.29
CA GLY G 56 -43.54 19.06 -23.76
C GLY G 56 -42.59 18.02 -23.20
N LYS G 57 -42.91 16.73 -23.35
CA LYS G 57 -42.05 15.66 -22.82
C LYS G 57 -41.78 14.62 -23.91
N ILE G 58 -40.66 13.91 -23.81
CA ILE G 58 -40.35 12.79 -24.73
C ILE G 58 -41.27 11.62 -24.37
N ALA G 59 -42.19 11.32 -25.26
CA ALA G 59 -43.29 10.39 -24.99
C ALA G 59 -42.89 8.92 -25.02
N VAL G 60 -41.87 8.57 -25.81
CA VAL G 60 -41.47 7.16 -26.01
C VAL G 60 -39.95 7.08 -25.96
N THR G 61 -39.45 6.31 -25.00
CA THR G 61 -38.05 6.22 -24.72
C THR G 61 -37.56 4.78 -24.68
N GLY G 62 -36.28 4.59 -24.93
CA GLY G 62 -35.70 3.27 -24.86
C GLY G 62 -35.51 2.64 -26.22
N LEU G 63 -34.90 1.45 -26.20
CA LEU G 63 -34.55 0.77 -27.44
C LEU G 63 -35.71 -0.05 -27.97
N VAL G 64 -36.01 0.10 -29.24
CA VAL G 64 -36.99 -0.79 -29.89
C VAL G 64 -36.43 -2.24 -29.97
N GLY G 65 -37.25 -3.20 -29.55
CA GLY G 65 -36.84 -4.60 -29.40
C GLY G 65 -36.37 -4.93 -27.98
N ARG G 66 -36.36 -3.94 -27.08
CA ARG G 66 -35.99 -4.15 -25.66
C ARG G 66 -37.00 -3.45 -24.75
N ASP G 67 -37.09 -2.14 -24.86
CA ASP G 67 -37.91 -1.31 -24.01
C ASP G 67 -39.27 -1.03 -24.62
N VAL G 68 -39.32 -1.03 -25.96
CA VAL G 68 -40.54 -0.67 -26.67
C VAL G 68 -40.73 -1.56 -27.86
N ASP G 69 -42.01 -1.83 -28.19
CA ASP G 69 -42.35 -2.68 -29.31
C ASP G 69 -42.60 -1.84 -30.56
N VAL G 70 -42.89 -2.50 -31.69
CA VAL G 70 -43.09 -1.79 -32.94
C VAL G 70 -44.26 -0.77 -32.86
N ALA G 71 -45.37 -1.19 -32.27
CA ALA G 71 -46.55 -0.30 -32.22
C ALA G 71 -46.24 0.98 -31.43
N SER G 72 -45.57 0.84 -30.29
CA SER G 72 -45.17 1.99 -29.51
C SER G 72 -44.19 2.90 -30.27
N ALA G 73 -43.25 2.27 -30.97
CA ALA G 73 -42.23 3.00 -31.73
C ALA G 73 -42.90 3.69 -32.94
N GLN G 74 -43.88 3.02 -33.55
CA GLN G 74 -44.69 3.67 -34.60
C GLN G 74 -45.36 4.98 -34.10
N ARG G 75 -45.90 4.93 -32.89
CA ARG G 75 -46.40 6.13 -32.22
C ARG G 75 -45.31 7.20 -31.99
N ALA G 76 -44.12 6.78 -31.60
CA ALA G 76 -43.00 7.72 -31.50
C ALA G 76 -42.75 8.38 -32.85
N ALA G 77 -42.76 7.59 -33.93
CA ALA G 77 -42.45 8.15 -35.24
C ALA G 77 -43.55 9.16 -35.66
N GLU G 78 -44.79 8.85 -35.32
CA GLU G 78 -45.93 9.77 -35.57
C GLU G 78 -45.65 11.08 -34.85
N LEU G 79 -45.20 11.00 -33.60
CA LEU G 79 -44.92 12.20 -32.83
C LEU G 79 -43.77 13.02 -33.42
N CYS G 80 -42.73 12.32 -33.88
CA CYS G 80 -41.62 12.99 -34.53
C CYS G 80 -42.16 13.73 -35.77
N ALA G 81 -43.04 13.07 -36.53
CA ALA G 81 -43.65 13.64 -37.73
C ALA G 81 -44.50 14.86 -37.37
N VAL G 82 -45.23 14.79 -36.26
CA VAL G 82 -46.07 15.92 -35.81
C VAL G 82 -45.18 17.14 -35.46
N ASN G 83 -44.05 16.87 -34.80
CA ASN G 83 -43.08 17.90 -34.49
C ASN G 83 -42.39 18.50 -35.73
N ILE G 84 -42.09 17.67 -36.74
CA ILE G 84 -41.61 18.16 -38.04
C ILE G 84 -42.65 19.13 -38.63
N LEU G 85 -43.91 18.72 -38.62
CA LEU G 85 -44.97 19.59 -39.21
C LEU G 85 -45.10 20.95 -38.47
N ALA G 86 -44.96 20.94 -37.14
CA ALA G 86 -44.96 22.17 -36.34
C ALA G 86 -43.83 23.08 -36.71
N GLN G 87 -42.65 22.50 -36.96
CA GLN G 87 -41.51 23.29 -37.40
C GLN G 87 -41.75 23.89 -38.78
N VAL G 88 -42.27 23.07 -39.69
CA VAL G 88 -42.58 23.52 -41.06
C VAL G 88 -43.62 24.65 -41.04
N LYS G 89 -44.64 24.49 -40.23
CA LYS G 89 -45.69 25.53 -40.09
C LYS G 89 -45.06 26.85 -39.66
N ALA G 90 -44.21 26.82 -38.61
CA ALA G 90 -43.44 28.00 -38.16
C ALA G 90 -42.60 28.62 -39.29
N ALA G 91 -41.83 27.78 -39.98
CA ALA G 91 -41.00 28.20 -41.10
C ALA G 91 -41.86 28.90 -42.19
N LEU G 92 -43.10 28.45 -42.36
CA LEU G 92 -43.96 28.95 -43.42
C LEU G 92 -44.98 29.97 -42.91
N ASN G 93 -44.71 30.54 -41.74
CA ASN G 93 -45.54 31.58 -41.15
C ASN G 93 -47.00 31.20 -41.03
N GLY G 94 -47.25 29.94 -40.71
CA GLY G 94 -48.57 29.47 -40.41
C GLY G 94 -49.25 28.66 -41.48
N ASP G 95 -48.65 28.54 -42.67
CA ASP G 95 -49.30 27.76 -43.77
C ASP G 95 -48.60 26.50 -44.26
N LEU G 96 -49.08 25.35 -43.77
CA LEU G 96 -48.65 24.05 -44.27
C LEU G 96 -49.03 23.81 -45.76
N SER G 97 -49.96 24.59 -46.29
CA SER G 97 -50.30 24.54 -47.72
C SER G 97 -49.18 25.04 -48.65
N LYS G 98 -48.23 25.78 -48.10
CA LYS G 98 -47.04 26.21 -48.85
C LYS G 98 -45.95 25.10 -48.93
N ILE G 99 -46.22 23.94 -48.37
CA ILE G 99 -45.42 22.73 -48.69
C ILE G 99 -45.70 22.29 -50.13
N ARG G 100 -44.67 22.27 -50.97
CA ARG G 100 -44.79 21.75 -52.34
C ARG G 100 -44.59 20.24 -52.36
N ARG G 101 -43.56 19.77 -51.65
CA ARG G 101 -43.29 18.35 -51.55
C ARG G 101 -42.37 18.07 -50.35
N VAL G 102 -42.67 17.02 -49.59
CA VAL G 102 -41.70 16.47 -48.65
C VAL G 102 -40.71 15.63 -49.46
N ILE G 103 -39.48 16.10 -49.52
CA ILE G 103 -38.45 15.51 -50.36
C ILE G 103 -37.84 14.28 -49.71
N LYS G 104 -37.55 14.38 -48.42
CA LYS G 104 -36.84 13.28 -47.76
C LYS G 104 -37.12 13.31 -46.27
N LEU G 105 -37.33 12.14 -45.68
CA LEU G 105 -37.25 11.95 -44.21
C LEU G 105 -36.10 11.02 -43.91
N ASN G 106 -35.32 11.32 -42.87
CA ASN G 106 -34.36 10.36 -42.35
C ASN G 106 -34.85 9.89 -41.01
N GLY G 107 -35.15 8.60 -40.92
CA GLY G 107 -35.77 8.04 -39.72
C GLY G 107 -34.74 7.30 -38.91
N PHE G 108 -34.41 7.79 -37.73
CA PHE G 108 -33.43 7.15 -36.86
C PHE G 108 -34.19 6.42 -35.75
N VAL G 109 -33.98 5.11 -35.63
CA VAL G 109 -34.69 4.27 -34.66
C VAL G 109 -33.72 3.63 -33.67
N ALA G 110 -33.82 3.98 -32.39
CA ALA G 110 -32.93 3.40 -31.38
C ALA G 110 -33.30 1.91 -31.27
N SER G 111 -32.33 1.05 -31.52
CA SER G 111 -32.57 -0.37 -31.82
C SER G 111 -31.59 -1.28 -31.12
N VAL G 112 -32.08 -2.40 -30.61
CA VAL G 112 -31.17 -3.48 -30.26
C VAL G 112 -30.75 -4.14 -31.57
N PRO G 113 -29.58 -4.78 -31.60
CA PRO G 113 -29.10 -5.33 -32.89
C PRO G 113 -29.93 -6.45 -33.53
N GLU G 114 -30.81 -7.11 -32.76
CA GLU G 114 -31.75 -8.09 -33.29
C GLU G 114 -33.03 -7.45 -33.86
N PHE G 115 -33.22 -6.16 -33.62
CA PHE G 115 -34.42 -5.50 -34.13
C PHE G 115 -34.14 -5.02 -35.55
N VAL G 116 -35.01 -5.43 -36.48
CA VAL G 116 -34.75 -5.23 -37.91
C VAL G 116 -36.02 -4.79 -38.66
N GLU G 117 -36.94 -4.14 -37.96
CA GLU G 117 -38.14 -3.61 -38.56
C GLU G 117 -38.22 -2.08 -38.44
N GLN G 118 -37.06 -1.43 -38.62
CA GLN G 118 -37.01 0.02 -38.59
C GLN G 118 -37.90 0.63 -39.69
N HIS G 119 -38.06 -0.06 -40.81
CA HIS G 119 -38.98 0.42 -41.87
C HIS G 119 -40.44 0.49 -41.36
N LEU G 120 -40.85 -0.49 -40.58
CA LEU G 120 -42.20 -0.49 -40.00
C LEU G 120 -42.39 0.64 -39.00
N VAL G 121 -41.35 0.89 -38.19
CA VAL G 121 -41.40 2.00 -37.24
C VAL G 121 -41.60 3.34 -37.97
N ILE G 122 -40.77 3.60 -38.98
CA ILE G 122 -40.80 4.88 -39.69
C ILE G 122 -42.06 4.99 -40.54
N ASN G 123 -42.69 3.87 -40.90
CA ASN G 123 -44.01 3.94 -41.55
C ASN G 123 -45.02 4.74 -40.73
N GLY G 124 -44.89 4.75 -39.41
CA GLY G 124 -45.75 5.64 -38.57
C GLY G 124 -45.68 7.10 -39.00
N ALA G 125 -44.47 7.60 -39.21
CA ALA G 125 -44.27 8.97 -39.69
C ALA G 125 -44.72 9.06 -41.16
N SER G 126 -44.28 8.14 -42.00
CA SER G 126 -44.52 8.27 -43.45
C SER G 126 -46.04 8.22 -43.75
N ASN G 127 -46.75 7.33 -43.07
CA ASN G 127 -48.20 7.23 -43.26
C ASN G 127 -48.93 8.49 -42.80
N LEU G 128 -48.51 9.03 -41.66
CA LEU G 128 -49.15 10.23 -41.13
C LEU G 128 -48.90 11.43 -42.09
N ILE G 129 -47.68 11.54 -42.59
CA ILE G 129 -47.34 12.67 -43.46
C ILE G 129 -48.09 12.56 -44.79
N ALA G 130 -48.13 11.37 -45.36
CA ALA G 130 -48.81 11.16 -46.62
C ALA G 130 -50.31 11.41 -46.46
N THR G 131 -50.86 11.00 -45.31
CA THR G 131 -52.30 11.16 -45.07
C THR G 131 -52.70 12.63 -44.91
N VAL G 132 -51.91 13.43 -44.21
CA VAL G 132 -52.34 14.80 -43.93
C VAL G 132 -52.04 15.74 -45.12
N LEU G 133 -50.99 15.46 -45.90
CA LEU G 133 -50.57 16.31 -47.01
C LEU G 133 -51.02 15.77 -48.37
N GLY G 134 -51.42 14.50 -48.44
CA GLY G 134 -51.72 13.85 -49.71
C GLY G 134 -50.51 13.57 -50.56
N GLU G 135 -50.67 13.62 -51.88
CA GLU G 135 -49.57 13.23 -52.79
C GLU G 135 -48.25 13.97 -52.52
N PRO G 136 -48.31 15.28 -52.24
CA PRO G 136 -47.09 16.04 -51.92
C PRO G 136 -46.36 15.58 -50.68
N GLY G 137 -47.06 14.89 -49.79
CA GLY G 137 -46.45 14.28 -48.63
C GLY G 137 -45.62 13.05 -48.89
N ARG G 138 -45.74 12.45 -50.07
CA ARG G 138 -44.96 11.24 -50.41
C ARG G 138 -43.51 11.63 -50.64
N HIS G 139 -42.60 10.90 -49.99
CA HIS G 139 -41.23 11.39 -49.77
C HIS G 139 -40.28 10.24 -49.96
N ALA G 140 -39.04 10.55 -50.33
CA ALA G 140 -37.93 9.60 -50.22
C ALA G 140 -37.59 9.43 -48.73
N ARG G 141 -36.85 8.38 -48.40
CA ARG G 141 -36.63 8.06 -47.00
C ARG G 141 -35.38 7.23 -46.78
N ALA G 142 -34.83 7.33 -45.56
CA ALA G 142 -33.92 6.29 -45.06
C ALA G 142 -34.45 5.88 -43.68
N ALA G 143 -34.32 4.61 -43.33
CA ALA G 143 -34.75 4.10 -42.01
C ALA G 143 -33.60 3.21 -41.53
N VAL G 144 -33.05 3.56 -40.38
CA VAL G 144 -31.83 2.96 -39.88
C VAL G 144 -31.88 2.78 -38.38
N GLY G 145 -31.14 1.80 -37.89
CA GLY G 145 -31.10 1.51 -36.44
C GLY G 145 -29.87 2.08 -35.77
N MSE G 146 -30.12 2.86 -34.74
CA MSE G 146 -29.10 3.53 -33.97
C MSE G 146 -28.87 2.82 -32.63
O MSE G 146 -29.75 2.12 -32.12
CB MSE G 146 -29.52 4.95 -33.59
CG MSE G 146 -30.25 5.79 -34.59
SE MSE G 146 -29.62 5.65 -36.42
CE MSE G 146 -27.80 6.17 -35.85
N ALA G 147 -27.69 3.07 -32.06
CA ALA G 147 -27.33 2.53 -30.75
C ALA G 147 -28.17 3.21 -29.67
N SER G 148 -28.45 4.49 -29.85
CA SER G 148 -29.19 5.32 -28.86
C SER G 148 -29.38 6.71 -29.44
N LEU G 149 -30.21 7.51 -28.77
CA LEU G 149 -30.58 8.84 -29.24
C LEU G 149 -30.67 9.82 -28.07
N PRO G 150 -30.54 11.11 -28.37
CA PRO G 150 -30.66 12.15 -27.33
C PRO G 150 -31.90 11.96 -26.47
N PHE G 151 -31.70 12.13 -25.16
CA PHE G 151 -32.80 12.03 -24.15
C PHE G 151 -33.47 10.64 -24.10
N ASN G 152 -32.78 9.64 -24.66
CA ASN G 152 -33.22 8.27 -24.75
C ASN G 152 -34.44 8.14 -25.65
N ALA G 153 -34.61 9.08 -26.58
CA ALA G 153 -35.75 8.99 -27.52
C ALA G 153 -35.64 7.66 -28.27
N SER G 154 -36.80 7.06 -28.57
CA SER G 154 -36.83 5.81 -29.34
C SER G 154 -36.66 6.04 -30.84
N VAL G 155 -37.01 7.23 -31.28
CA VAL G 155 -37.02 7.62 -32.69
C VAL G 155 -36.67 9.12 -32.78
N GLU G 156 -35.91 9.46 -33.82
CA GLU G 156 -35.62 10.86 -34.20
C GLU G 156 -35.73 10.89 -35.73
N ILE G 157 -36.39 11.92 -36.23
CA ILE G 157 -36.60 12.06 -37.66
C ILE G 157 -36.29 13.51 -38.09
N ASP G 158 -35.52 13.67 -39.16
CA ASP G 158 -35.29 14.98 -39.75
C ASP G 158 -35.91 14.94 -41.14
N ALA G 159 -35.88 16.09 -41.81
CA ALA G 159 -36.59 16.25 -43.08
C ALA G 159 -36.03 17.36 -43.93
N ILE G 160 -36.23 17.20 -45.22
CA ILE G 160 -36.02 18.21 -46.25
C ILE G 160 -37.34 18.37 -46.99
N VAL G 161 -37.81 19.61 -47.08
CA VAL G 161 -39.13 19.91 -47.63
C VAL G 161 -38.94 21.01 -48.69
N GLU G 162 -39.52 20.81 -49.87
CA GLU G 162 -39.56 21.87 -50.90
C GLU G 162 -40.76 22.75 -50.58
N ILE G 163 -40.56 24.07 -50.56
CA ILE G 163 -41.58 25.03 -50.12
C ILE G 163 -41.86 26.10 -51.19
N GLU H 3 57.34 -25.34 62.63
CA GLU H 3 56.40 -25.04 61.51
C GLU H 3 56.13 -23.53 61.42
N ASN H 4 56.47 -22.80 62.48
CA ASN H 4 56.23 -21.36 62.55
C ASN H 4 57.15 -20.53 61.64
N LEU H 5 58.41 -20.94 61.57
CA LEU H 5 59.38 -20.34 60.66
C LEU H 5 59.05 -20.71 59.21
N TYR H 6 58.48 -21.89 59.03
CA TYR H 6 58.08 -22.39 57.74
C TYR H 6 57.03 -21.47 57.10
N PHE H 7 55.94 -21.22 57.82
CA PHE H 7 54.87 -20.35 57.32
C PHE H 7 55.36 -18.93 57.09
N GLN H 8 56.24 -18.46 57.95
CA GLN H 8 56.88 -17.15 57.76
C GLN H 8 57.68 -17.11 56.46
N GLY H 9 58.38 -18.22 56.17
CA GLY H 9 59.14 -18.35 54.94
C GLY H 9 58.22 -18.38 53.72
N MSE H 10 57.17 -19.19 53.80
CA MSE H 10 56.18 -19.26 52.71
C MSE H 10 55.61 -17.87 52.39
O MSE H 10 55.46 -17.53 51.23
CB MSE H 10 55.04 -20.23 53.03
CG MSE H 10 55.30 -21.69 52.73
SE MSE H 10 53.63 -22.81 52.87
CE MSE H 10 52.44 -21.79 51.65
N SER H 11 55.35 -17.07 53.43
CA SER H 11 54.80 -15.70 53.23
C SER H 11 55.81 -14.79 52.57
N ASP H 12 57.07 -14.90 53.00
CA ASP H 12 58.14 -14.11 52.42
C ASP H 12 58.25 -14.40 50.95
N VAL H 13 58.11 -15.67 50.59
CA VAL H 13 58.17 -16.10 49.20
C VAL H 13 57.01 -15.50 48.38
N ILE H 14 55.82 -15.61 48.91
CA ILE H 14 54.62 -15.06 48.24
C ILE H 14 54.80 -13.54 48.01
N GLU H 15 55.17 -12.80 49.04
CA GLU H 15 55.42 -11.36 48.89
C GLU H 15 56.60 -11.00 48.00
N GLY H 16 57.66 -11.80 48.05
CA GLY H 16 58.76 -11.61 47.13
C GLY H 16 58.36 -11.78 45.69
N ARG H 17 57.57 -12.81 45.41
CA ARG H 17 57.09 -13.04 44.04
C ARG H 17 56.29 -11.81 43.56
N LEU H 18 55.50 -11.23 44.46
CA LEU H 18 54.69 -10.02 44.18
C LEU H 18 55.60 -8.84 43.84
N LYS H 19 56.64 -8.62 44.65
CA LYS H 19 57.66 -7.60 44.35
C LYS H 19 58.36 -7.82 43.01
N GLU H 20 58.64 -9.09 42.65
CA GLU H 20 59.16 -9.40 41.33
C GLU H 20 58.21 -8.97 40.20
N LEU H 21 56.89 -8.97 40.47
CA LEU H 21 55.92 -8.47 39.47
C LEU H 21 55.84 -6.93 39.44
N GLY H 22 56.48 -6.26 40.41
CA GLY H 22 56.51 -4.81 40.45
C GLY H 22 55.60 -4.15 41.48
N PHE H 23 55.03 -4.95 42.39
CA PHE H 23 54.11 -4.46 43.40
C PHE H 23 54.56 -4.74 44.83
N THR H 24 54.32 -3.75 45.69
CA THR H 24 54.45 -3.93 47.13
C THR H 24 53.05 -3.87 47.72
N LEU H 25 52.81 -4.61 48.80
CA LEU H 25 51.51 -4.57 49.44
C LEU H 25 51.29 -3.24 50.15
N PRO H 26 50.11 -2.63 49.98
CA PRO H 26 49.80 -1.43 50.76
C PRO H 26 49.38 -1.80 52.17
N VAL H 27 49.22 -0.80 53.04
CA VAL H 27 48.50 -1.00 54.30
C VAL H 27 47.01 -1.30 54.01
N ALA H 33 34.10 1.71 59.62
CA ALA H 33 32.77 1.86 59.04
C ALA H 33 31.83 0.68 59.41
N ASN H 34 30.57 0.79 59.00
CA ASN H 34 29.57 -0.26 59.25
C ASN H 34 29.75 -1.47 58.32
N TYR H 35 30.55 -1.29 57.27
CA TYR H 35 31.09 -2.41 56.51
C TYR H 35 32.60 -2.48 56.71
N VAL H 36 33.07 -3.71 56.65
CA VAL H 36 34.44 -4.05 56.94
C VAL H 36 35.11 -4.61 55.69
N PRO H 37 36.45 -4.54 55.64
CA PRO H 37 37.14 -5.08 54.46
C PRO H 37 37.10 -6.59 54.27
N PHE H 38 36.79 -7.33 55.34
CA PHE H 38 36.67 -8.77 55.25
C PHE H 38 35.91 -9.32 56.44
N THR H 39 35.30 -10.48 56.21
CA THR H 39 34.77 -11.30 57.29
C THR H 39 35.23 -12.73 57.16
N ILE H 40 35.16 -13.46 58.26
CA ILE H 40 35.49 -14.87 58.24
C ILE H 40 34.33 -15.66 58.79
N SER H 41 33.93 -16.71 58.09
CA SER H 41 32.97 -17.67 58.60
C SER H 41 33.55 -19.06 58.40
N GLY H 42 33.78 -19.78 59.49
CA GLY H 42 34.47 -21.05 59.38
C GLY H 42 35.88 -20.86 58.84
N ASN H 43 36.21 -21.56 57.77
CA ASN H 43 37.50 -21.38 57.13
C ASN H 43 37.38 -20.64 55.82
N LEU H 44 36.31 -19.86 55.69
CA LEU H 44 36.14 -19.00 54.49
C LEU H 44 36.29 -17.53 54.87
N LEU H 45 37.14 -16.85 54.11
CA LEU H 45 37.43 -15.43 54.25
C LEU H 45 36.77 -14.73 53.05
N TYR H 46 35.84 -13.84 53.35
CA TYR H 46 35.13 -13.02 52.35
C TYR H 46 35.76 -11.65 52.36
N VAL H 47 36.34 -11.24 51.23
CA VAL H 47 37.04 -9.96 51.12
C VAL H 47 36.09 -9.04 50.35
N SER H 48 35.90 -7.84 50.89
CA SER H 48 35.10 -6.78 50.23
C SER H 48 35.68 -6.39 48.88
N GLY H 49 34.81 -5.86 48.02
CA GLY H 49 35.23 -5.36 46.72
C GLY H 49 36.38 -4.39 46.89
N GLN H 50 37.49 -4.69 46.23
CA GLN H 50 38.65 -3.81 46.24
C GLN H 50 38.75 -3.01 44.92
N LEU H 51 39.25 -1.81 45.04
CA LEU H 51 39.42 -0.87 43.93
C LEU H 51 40.90 -0.80 43.60
N PRO H 52 41.25 -0.21 42.44
CA PRO H 52 42.65 -0.19 42.01
C PRO H 52 43.46 0.89 42.70
N MSE H 53 43.62 0.74 44.02
CA MSE H 53 44.32 1.74 44.85
C MSE H 53 45.82 1.56 44.73
O MSE H 53 46.35 0.44 44.83
CB MSE H 53 43.99 1.58 46.34
CG MSE H 53 42.56 1.51 46.69
SE MSE H 53 41.87 3.26 46.20
CE MSE H 53 42.74 4.26 47.63
N GLU H 54 46.51 2.68 44.53
CA GLU H 54 47.96 2.71 44.51
C GLU H 54 48.36 4.03 45.17
N SER H 55 49.24 3.97 46.17
CA SER H 55 49.66 5.17 46.93
C SER H 55 48.47 5.95 47.47
N GLY H 56 47.47 5.23 47.97
CA GLY H 56 46.26 5.86 48.50
C GLY H 56 45.31 6.52 47.51
N LYS H 57 45.53 6.38 46.21
CA LYS H 57 44.64 6.94 45.18
C LYS H 57 44.12 5.89 44.22
N ILE H 58 42.95 6.15 43.65
CA ILE H 58 42.38 5.29 42.61
C ILE H 58 43.18 5.52 41.32
N ALA H 59 43.92 4.50 40.94
CA ALA H 59 44.96 4.61 39.93
C ALA H 59 44.45 4.57 38.51
N VAL H 60 43.30 3.94 38.28
CA VAL H 60 42.78 3.79 36.94
C VAL H 60 41.27 4.05 37.06
N THR H 61 40.81 5.03 36.31
CA THR H 61 39.43 5.45 36.33
C THR H 61 38.82 5.52 34.95
N GLY H 62 37.49 5.43 34.93
CA GLY H 62 36.72 5.57 33.71
C GLY H 62 36.36 4.23 33.09
N LEU H 63 35.68 4.31 31.97
CA LEU H 63 35.10 3.15 31.34
C LEU H 63 36.08 2.50 30.37
N VAL H 64 36.20 1.19 30.51
CA VAL H 64 36.97 0.39 29.55
C VAL H 64 36.23 0.38 28.21
N GLY H 65 36.99 0.67 27.15
CA GLY H 65 36.44 0.90 25.80
C GLY H 65 36.10 2.35 25.49
N ARG H 66 36.31 3.24 26.48
CA ARG H 66 36.09 4.68 26.28
C ARG H 66 37.26 5.47 26.85
N ASP H 67 37.46 5.36 28.15
CA ASP H 67 38.48 6.13 28.86
C ASP H 67 39.78 5.34 29.00
N VAL H 68 39.66 4.01 29.09
CA VAL H 68 40.83 3.15 29.28
C VAL H 68 40.83 1.96 28.35
N ASP H 69 42.02 1.52 27.96
CA ASP H 69 42.14 0.35 27.10
C ASP H 69 42.36 -0.91 27.93
N VAL H 70 42.41 -2.06 27.25
CA VAL H 70 42.57 -3.34 27.93
C VAL H 70 43.83 -3.38 28.81
N ALA H 71 44.97 -2.96 28.27
CA ALA H 71 46.23 -3.03 29.03
C ALA H 71 46.12 -2.22 30.32
N SER H 72 45.56 -1.01 30.23
CA SER H 72 45.43 -0.18 31.41
C SER H 72 44.47 -0.82 32.41
N ALA H 73 43.41 -1.44 31.90
CA ALA H 73 42.39 -2.06 32.75
C ALA H 73 42.94 -3.33 33.40
N GLN H 74 43.84 -4.02 32.69
CA GLN H 74 44.57 -5.11 33.31
C GLN H 74 45.41 -4.64 34.50
N ARG H 75 46.13 -3.53 34.38
CA ARG H 75 46.83 -2.98 35.50
C ARG H 75 45.89 -2.62 36.65
N ALA H 76 44.71 -2.08 36.34
CA ALA H 76 43.70 -1.85 37.38
C ALA H 76 43.36 -3.16 38.10
N ALA H 77 43.10 -4.21 37.34
CA ALA H 77 42.77 -5.52 37.88
C ALA H 77 43.92 -6.03 38.79
N GLU H 78 45.15 -5.86 38.34
CA GLU H 78 46.34 -6.21 39.14
C GLU H 78 46.32 -5.51 40.48
N LEU H 79 46.07 -4.20 40.47
CA LEU H 79 45.99 -3.40 41.69
C LEU H 79 44.86 -3.85 42.62
N CYS H 80 43.70 -4.18 42.05
CA CYS H 80 42.59 -4.71 42.86
C CYS H 80 43.05 -6.00 43.53
N ALA H 81 43.75 -6.85 42.78
CA ALA H 81 44.32 -8.14 43.30
C ALA H 81 45.32 -7.88 44.41
N VAL H 82 46.17 -6.88 44.25
CA VAL H 82 47.17 -6.52 45.27
C VAL H 82 46.46 -6.10 46.54
N ASN H 83 45.41 -5.29 46.38
CA ASN H 83 44.61 -4.83 47.50
C ASN H 83 43.88 -5.97 48.20
N ILE H 84 43.37 -6.93 47.43
CA ILE H 84 42.77 -8.15 48.00
C ILE H 84 43.84 -8.87 48.84
N LEU H 85 45.04 -9.03 48.30
CA LEU H 85 46.13 -9.72 49.04
C LEU H 85 46.49 -8.99 50.34
N ALA H 86 46.54 -7.68 50.30
CA ALA H 86 46.75 -6.87 51.49
C ALA H 86 45.66 -7.15 52.54
N GLN H 87 44.39 -7.27 52.12
CA GLN H 87 43.33 -7.58 53.08
C GLN H 87 43.48 -9.00 53.65
N VAL H 88 43.82 -9.95 52.78
CA VAL H 88 44.02 -11.31 53.23
C VAL H 88 45.18 -11.37 54.25
N LYS H 89 46.25 -10.67 53.96
CA LYS H 89 47.40 -10.67 54.86
C LYS H 89 46.94 -10.19 56.24
N ALA H 90 46.24 -9.07 56.27
CA ALA H 90 45.70 -8.52 57.51
C ALA H 90 44.84 -9.55 58.24
N ALA H 91 43.90 -10.17 57.52
CA ALA H 91 43.00 -11.17 58.09
C ALA H 91 43.76 -12.36 58.71
N LEU H 92 44.90 -12.70 58.11
CA LEU H 92 45.70 -13.87 58.54
C LEU H 92 46.89 -13.49 59.41
N ASN H 93 46.77 -12.34 60.06
CA ASN H 93 47.78 -11.79 60.96
C ASN H 93 49.22 -11.80 60.41
N GLY H 94 49.37 -11.54 59.12
CA GLY H 94 50.68 -11.40 58.54
C GLY H 94 51.11 -12.51 57.62
N ASP H 95 50.37 -13.62 57.58
CA ASP H 95 50.77 -14.81 56.78
C ASP H 95 49.90 -15.25 55.61
N LEU H 96 50.24 -14.71 54.42
CA LEU H 96 49.65 -15.15 53.16
C LEU H 96 49.82 -16.67 52.92
N SER H 97 50.72 -17.29 53.69
CA SER H 97 50.96 -18.74 53.63
C SER H 97 49.80 -19.54 54.22
N LYS H 98 48.91 -18.87 54.94
CA LYS H 98 47.75 -19.52 55.51
C LYS H 98 46.54 -19.47 54.56
N ILE H 99 46.75 -19.02 53.34
CA ILE H 99 45.81 -19.29 52.24
C ILE H 99 45.91 -20.76 51.82
N ARG H 100 44.77 -21.46 51.86
CA ARG H 100 44.66 -22.82 51.36
C ARG H 100 44.29 -22.80 49.89
N ARG H 101 43.32 -21.97 49.53
CA ARG H 101 42.87 -21.93 48.15
C ARG H 101 42.11 -20.62 47.95
N VAL H 102 42.38 -19.93 46.82
CA VAL H 102 41.51 -18.81 46.43
C VAL H 102 40.32 -19.46 45.73
N ILE H 103 39.13 -19.38 46.34
CA ILE H 103 37.95 -20.08 45.88
C ILE H 103 37.27 -19.39 44.69
N LYS H 104 37.15 -18.08 44.79
CA LYS H 104 36.32 -17.31 43.85
C LYS H 104 36.78 -15.85 43.81
N LEU H 105 36.89 -15.31 42.59
CA LEU H 105 37.02 -13.88 42.39
C LEU H 105 35.82 -13.43 41.57
N ASN H 106 35.22 -12.33 41.97
CA ASN H 106 34.22 -11.66 41.13
C ASN H 106 34.82 -10.37 40.62
N GLY H 107 35.01 -10.31 39.31
CA GLY H 107 35.62 -9.19 38.66
C GLY H 107 34.60 -8.32 37.94
N PHE H 108 34.49 -7.09 38.40
CA PHE H 108 33.52 -6.11 37.94
C PHE H 108 34.28 -5.10 37.12
N VAL H 109 33.98 -4.98 35.83
CA VAL H 109 34.72 -4.05 34.95
C VAL H 109 33.79 -2.97 34.38
N ALA H 110 34.07 -1.72 34.68
CA ALA H 110 33.25 -0.57 34.20
C ALA H 110 33.48 -0.54 32.69
N SER H 111 32.38 -0.67 31.94
CA SER H 111 32.47 -0.96 30.52
C SER H 111 31.47 -0.15 29.71
N VAL H 112 31.87 0.31 28.53
CA VAL H 112 30.83 0.67 27.52
C VAL H 112 30.21 -0.62 26.96
N PRO H 113 28.97 -0.55 26.46
CA PRO H 113 28.28 -1.76 26.02
C PRO H 113 28.90 -2.46 24.82
N GLU H 114 29.79 -1.77 24.10
CA GLU H 114 30.53 -2.36 23.02
C GLU H 114 31.75 -3.07 23.53
N PHE H 115 32.12 -2.83 24.79
CA PHE H 115 33.34 -3.48 25.32
C PHE H 115 32.98 -4.91 25.82
N VAL H 116 33.69 -5.90 25.27
CA VAL H 116 33.34 -7.32 25.53
C VAL H 116 34.56 -8.19 25.87
N GLU H 117 35.59 -7.57 26.46
CA GLU H 117 36.79 -8.30 26.83
C GLU H 117 37.02 -8.20 28.32
N GLN H 118 35.94 -8.24 29.12
CA GLN H 118 36.07 -8.21 30.56
C GLN H 118 36.93 -9.38 31.05
N HIS H 119 36.84 -10.52 30.37
CA HIS H 119 37.65 -11.69 30.77
C HIS H 119 39.14 -11.35 30.65
N LEU H 120 39.52 -10.65 29.59
CA LEU H 120 40.92 -10.20 29.42
C LEU H 120 41.38 -9.26 30.49
N VAL H 121 40.48 -8.36 30.92
CA VAL H 121 40.79 -7.42 31.99
C VAL H 121 41.06 -8.14 33.30
N ILE H 122 40.18 -9.07 33.66
CA ILE H 122 40.26 -9.75 34.95
C ILE H 122 41.46 -10.72 34.93
N ASN H 123 41.86 -11.17 33.73
CA ASN H 123 43.11 -11.96 33.60
C ASN H 123 44.29 -11.26 34.28
N GLY H 124 44.31 -9.92 34.28
CA GLY H 124 45.29 -9.15 35.06
C GLY H 124 45.39 -9.62 36.52
N ALA H 125 44.24 -9.68 37.18
CA ALA H 125 44.13 -10.16 38.58
C ALA H 125 44.42 -11.69 38.68
N SER H 126 43.76 -12.48 37.84
CA SER H 126 43.89 -13.96 37.93
C SER H 126 45.36 -14.38 37.72
N ASN H 127 46.00 -13.79 36.73
CA ASN H 127 47.42 -14.11 36.47
C ASN H 127 48.35 -13.71 37.63
N LEU H 128 48.13 -12.52 38.19
CA LEU H 128 48.90 -12.07 39.34
C LEU H 128 48.72 -13.04 40.53
N ILE H 129 47.48 -13.35 40.84
CA ILE H 129 47.17 -14.21 41.99
C ILE H 129 47.75 -15.61 41.83
N ALA H 130 47.57 -16.21 40.65
CA ALA H 130 48.09 -17.56 40.42
C ALA H 130 49.63 -17.54 40.40
N THR H 131 50.22 -16.47 39.88
CA THR H 131 51.69 -16.30 39.89
C THR H 131 52.29 -16.23 41.31
N VAL H 132 51.69 -15.45 42.18
CA VAL H 132 52.25 -15.23 43.49
C VAL H 132 51.95 -16.36 44.45
N LEU H 133 50.83 -17.07 44.28
CA LEU H 133 50.43 -18.11 45.24
C LEU H 133 50.63 -19.51 44.68
N GLY H 134 50.85 -19.64 43.38
CA GLY H 134 50.93 -20.95 42.74
C GLY H 134 49.59 -21.65 42.65
N GLU H 135 49.61 -22.98 42.63
CA GLU H 135 48.39 -23.77 42.44
C GLU H 135 47.22 -23.33 43.33
N PRO H 136 47.48 -23.09 44.62
CA PRO H 136 46.42 -22.61 45.53
C PRO H 136 45.75 -21.30 45.10
N GLY H 137 46.45 -20.50 44.30
CA GLY H 137 45.90 -19.27 43.73
C GLY H 137 44.89 -19.45 42.61
N ARG H 138 44.80 -20.63 42.03
CA ARG H 138 43.86 -20.85 40.93
C ARG H 138 42.43 -20.93 41.46
N HIS H 139 41.53 -20.17 40.82
CA HIS H 139 40.24 -19.81 41.43
C HIS H 139 39.16 -19.87 40.39
N ALA H 140 37.94 -20.12 40.87
CA ALA H 140 36.73 -19.90 40.08
C ALA H 140 36.54 -18.38 39.95
N ARG H 141 35.76 -17.96 38.97
CA ARG H 141 35.67 -16.54 38.63
C ARG H 141 34.38 -16.18 37.89
N ALA H 142 33.97 -14.94 38.06
CA ALA H 142 32.98 -14.30 37.19
C ALA H 142 33.65 -13.03 36.70
N ALA H 143 33.39 -12.68 35.44
CA ALA H 143 33.91 -11.46 34.82
C ALA H 143 32.72 -10.79 34.09
N VAL H 144 32.40 -9.59 34.54
CA VAL H 144 31.16 -8.89 34.05
C VAL H 144 31.36 -7.41 33.80
N GLY H 145 30.54 -6.86 32.92
CA GLY H 145 30.61 -5.44 32.58
C GLY H 145 29.57 -4.60 33.31
N MSE H 146 30.08 -3.62 34.05
CA MSE H 146 29.26 -2.70 34.86
C MSE H 146 29.04 -1.37 34.17
O MSE H 146 29.87 -0.94 33.38
CB MSE H 146 29.90 -2.34 36.20
CG MSE H 146 30.38 -3.40 37.10
SE MSE H 146 29.62 -5.18 36.91
CE MSE H 146 28.05 -4.31 37.75
N ALA H 147 27.94 -0.68 34.54
CA ALA H 147 27.68 0.68 34.06
C ALA H 147 28.75 1.67 34.58
N SER H 148 29.19 1.49 35.84
CA SER H 148 30.11 2.38 36.50
C SER H 148 30.40 1.81 37.89
N LEU H 149 31.42 2.33 38.55
CA LEU H 149 31.82 1.86 39.86
C LEU H 149 32.17 2.98 40.79
N PRO H 150 32.17 2.70 42.11
CA PRO H 150 32.55 3.71 43.11
C PRO H 150 33.87 4.44 42.76
N PHE H 151 33.83 5.77 42.88
CA PHE H 151 35.00 6.62 42.65
C PHE H 151 35.49 6.59 41.21
N ASN H 152 34.62 6.10 40.30
CA ASN H 152 34.90 5.95 38.90
C ASN H 152 36.04 4.95 38.66
N ALA H 153 36.19 4.00 39.58
CA ALA H 153 37.16 2.93 39.43
C ALA H 153 36.86 2.19 38.15
N SER H 154 37.89 1.81 37.42
CA SER H 154 37.63 1.03 36.19
C SER H 154 37.32 -0.44 36.49
N VAL H 155 37.79 -0.95 37.63
CA VAL H 155 37.59 -2.34 37.99
C VAL H 155 37.43 -2.41 39.51
N GLU H 156 36.64 -3.38 39.95
CA GLU H 156 36.45 -3.68 41.37
C GLU H 156 36.41 -5.21 41.41
N ILE H 157 37.10 -5.79 42.38
CA ILE H 157 37.16 -7.25 42.51
C ILE H 157 37.00 -7.64 43.96
N ASP H 158 36.09 -8.58 44.22
CA ASP H 158 35.94 -9.15 45.54
C ASP H 158 36.45 -10.59 45.52
N ALA H 159 36.52 -11.20 46.69
CA ALA H 159 37.07 -12.57 46.76
C ALA H 159 36.53 -13.37 47.94
N ILE H 160 36.58 -14.68 47.73
CA ILE H 160 36.36 -15.69 48.77
C ILE H 160 37.61 -16.57 48.78
N VAL H 161 38.16 -16.77 49.97
CA VAL H 161 39.45 -17.42 50.13
C VAL H 161 39.34 -18.47 51.27
N GLU H 162 39.74 -19.70 50.99
CA GLU H 162 39.75 -20.73 52.05
C GLU H 162 41.07 -20.59 52.78
N ILE H 163 41.00 -20.59 54.11
CA ILE H 163 42.14 -20.24 54.96
C ILE H 163 42.32 -21.33 56.03
N ASP H 164 43.54 -21.39 56.58
CA ASP H 164 43.83 -22.21 57.77
C ASP H 164 43.40 -21.51 59.04
N THR I 2 -34.34 -29.91 25.41
CA THR I 2 -33.40 -28.88 25.94
C THR I 2 -32.40 -28.45 24.86
N GLU I 3 -31.70 -29.40 24.27
CA GLU I 3 -30.88 -29.13 23.08
C GLU I 3 -31.83 -28.68 21.97
N ASN I 4 -33.00 -29.29 21.91
CA ASN I 4 -34.04 -28.89 20.94
C ASN I 4 -34.55 -27.48 21.19
N LEU I 5 -34.68 -27.12 22.46
CA LEU I 5 -35.12 -25.79 22.81
C LEU I 5 -34.04 -24.78 22.46
N TYR I 6 -32.81 -25.12 22.77
CA TYR I 6 -31.67 -24.29 22.42
C TYR I 6 -31.63 -24.04 20.90
N PHE I 7 -31.82 -25.09 20.11
CA PHE I 7 -31.81 -24.94 18.64
C PHE I 7 -33.01 -24.13 18.12
N GLN I 8 -34.20 -24.36 18.68
CA GLN I 8 -35.35 -23.50 18.35
C GLN I 8 -35.07 -22.03 18.69
N GLY I 9 -34.43 -21.80 19.83
CA GLY I 9 -34.09 -20.46 20.28
C GLY I 9 -33.11 -19.79 19.34
N MSE I 10 -32.06 -20.53 18.98
CA MSE I 10 -31.06 -20.07 18.00
C MSE I 10 -31.71 -19.70 16.65
O MSE I 10 -31.35 -18.69 16.05
CB MSE I 10 -30.03 -21.16 17.77
CG MSE I 10 -28.95 -21.29 18.82
SE MSE I 10 -27.36 -22.25 18.09
CE MSE I 10 -27.21 -21.40 16.31
N SER I 11 -32.68 -20.51 16.21
CA SER I 11 -33.42 -20.22 14.96
C SER I 11 -34.29 -18.98 15.10
N ASP I 12 -34.97 -18.83 16.24
CA ASP I 12 -35.80 -17.66 16.47
C ASP I 12 -34.96 -16.39 16.42
N VAL I 13 -33.74 -16.48 16.95
CA VAL I 13 -32.84 -15.36 16.98
C VAL I 13 -32.41 -15.07 15.53
N ILE I 14 -32.09 -16.10 14.76
CA ILE I 14 -31.71 -15.88 13.33
C ILE I 14 -32.84 -15.17 12.56
N GLU I 15 -34.05 -15.70 12.64
CA GLU I 15 -35.18 -15.11 11.95
C GLU I 15 -35.59 -13.75 12.50
N GLY I 16 -35.41 -13.53 13.80
CA GLY I 16 -35.70 -12.22 14.38
C GLY I 16 -34.74 -11.15 13.88
N ARG I 17 -33.46 -11.49 13.80
CA ARG I 17 -32.47 -10.59 13.22
C ARG I 17 -32.86 -10.21 11.77
N LEU I 18 -33.39 -11.16 11.04
CA LEU I 18 -33.78 -10.90 9.67
C LEU I 18 -34.97 -9.94 9.62
N LYS I 19 -35.95 -10.11 10.50
CA LYS I 19 -37.05 -9.14 10.62
C LYS I 19 -36.56 -7.72 10.96
N GLU I 20 -35.56 -7.61 11.85
CA GLU I 20 -34.98 -6.33 12.18
C GLU I 20 -34.35 -5.68 10.96
N LEU I 21 -33.98 -6.48 9.99
CA LEU I 21 -33.42 -5.95 8.74
C LEU I 21 -34.50 -5.61 7.71
N GLY I 22 -35.73 -6.03 7.95
CA GLY I 22 -36.85 -5.67 7.11
C GLY I 22 -37.47 -6.82 6.36
N PHE I 23 -37.05 -8.04 6.64
CA PHE I 23 -37.50 -9.19 5.88
C PHE I 23 -38.13 -10.31 6.73
N THR I 24 -39.19 -10.89 6.19
CA THR I 24 -39.72 -12.16 6.64
C THR I 24 -39.37 -13.23 5.59
N LEU I 25 -39.13 -14.44 6.06
CA LEU I 25 -38.86 -15.55 5.17
C LEU I 25 -40.11 -15.89 4.37
N PRO I 26 -39.95 -16.07 3.05
CA PRO I 26 -41.05 -16.60 2.30
C PRO I 26 -41.18 -18.12 2.50
N VAL I 27 -42.28 -18.68 2.01
CA VAL I 27 -42.37 -20.12 1.82
C VAL I 27 -41.34 -20.57 0.75
N ALA I 28 -41.04 -19.69 -0.22
CA ALA I 28 -40.04 -19.97 -1.29
C ALA I 28 -38.85 -18.99 -1.28
N ALA I 33 -40.27 -30.32 -10.08
CA ALA I 33 -39.55 -30.31 -11.36
C ALA I 33 -38.41 -31.34 -11.36
N ASN I 34 -37.74 -31.50 -12.50
CA ASN I 34 -36.57 -32.40 -12.60
C ASN I 34 -35.31 -31.82 -11.95
N TYR I 35 -35.38 -30.54 -11.60
CA TYR I 35 -34.40 -29.94 -10.71
C TYR I 35 -35.13 -29.49 -9.44
N VAL I 36 -34.36 -29.49 -8.35
CA VAL I 36 -34.87 -29.25 -7.04
C VAL I 36 -34.23 -28.01 -6.43
N PRO I 37 -34.90 -27.39 -5.42
CA PRO I 37 -34.33 -26.19 -4.79
C PRO I 37 -33.01 -26.41 -4.04
N PHE I 38 -32.77 -27.65 -3.59
CA PHE I 38 -31.53 -27.97 -2.91
C PHE I 38 -31.28 -29.47 -2.94
N THR I 39 -30.02 -29.84 -2.76
CA THR I 39 -29.64 -31.23 -2.54
C THR I 39 -28.69 -31.24 -1.37
N ILE I 40 -28.51 -32.41 -0.73
CA ILE I 40 -27.54 -32.55 0.35
C ILE I 40 -26.65 -33.71 0.01
N SER I 41 -25.35 -33.51 0.15
CA SER I 41 -24.39 -34.60 0.05
C SER I 41 -23.48 -34.53 1.28
N GLY I 42 -23.55 -35.58 2.14
CA GLY I 42 -22.87 -35.57 3.41
C GLY I 42 -23.41 -34.42 4.25
N ASN I 43 -22.52 -33.53 4.69
CA ASN I 43 -22.93 -32.35 5.47
C ASN I 43 -22.87 -31.04 4.65
N LEU I 44 -22.92 -31.17 3.33
CA LEU I 44 -22.99 -30.01 2.41
C LEU I 44 -24.36 -29.95 1.76
N LEU I 45 -24.96 -28.78 1.85
CA LEU I 45 -26.26 -28.43 1.30
C LEU I 45 -25.99 -27.51 0.12
N TYR I 46 -26.41 -27.95 -1.06
CA TYR I 46 -26.27 -27.16 -2.30
C TYR I 46 -27.62 -26.55 -2.64
N VAL I 47 -27.68 -25.23 -2.59
CA VAL I 47 -28.92 -24.52 -2.82
C VAL I 47 -28.87 -24.00 -4.25
N SER I 48 -29.95 -24.23 -4.98
CA SER I 48 -30.10 -23.77 -6.38
C SER I 48 -30.11 -22.25 -6.44
N GLY I 49 -29.79 -21.69 -7.61
CA GLY I 49 -29.82 -20.26 -7.79
C GLY I 49 -31.17 -19.66 -7.48
N GLN I 50 -31.17 -18.67 -6.61
CA GLN I 50 -32.37 -18.02 -6.16
C GLN I 50 -32.40 -16.64 -6.79
N LEU I 51 -33.62 -16.22 -7.09
CA LEU I 51 -33.92 -14.96 -7.75
C LEU I 51 -34.51 -14.03 -6.70
N PRO I 52 -34.63 -12.73 -7.03
CA PRO I 52 -35.11 -11.78 -6.01
C PRO I 52 -36.63 -11.78 -5.85
N MSE I 53 -37.14 -12.89 -5.31
CA MSE I 53 -38.58 -13.15 -5.16
C MSE I 53 -39.10 -12.50 -3.90
O MSE I 53 -38.56 -12.71 -2.81
CB MSE I 53 -38.85 -14.65 -5.01
CG MSE I 53 -38.31 -15.54 -6.07
SE MSE I 53 -39.04 -14.94 -7.77
CE MSE I 53 -40.94 -15.18 -7.33
N GLU I 54 -40.18 -11.73 -4.05
CA GLU I 54 -40.86 -11.09 -2.93
C GLU I 54 -42.34 -11.17 -3.29
N SER I 55 -43.16 -11.77 -2.41
CA SER I 55 -44.60 -11.96 -2.67
C SER I 55 -44.87 -12.71 -3.96
N GLY I 56 -44.05 -13.70 -4.23
CA GLY I 56 -44.21 -14.50 -5.40
C GLY I 56 -43.92 -13.77 -6.71
N LYS I 57 -43.23 -12.63 -6.65
CA LYS I 57 -42.93 -11.88 -7.87
C LYS I 57 -41.44 -11.59 -7.88
N ILE I 58 -40.87 -11.48 -9.09
CA ILE I 58 -39.47 -11.08 -9.23
C ILE I 58 -39.43 -9.59 -9.00
N ALA I 59 -38.90 -9.17 -7.87
CA ALA I 59 -38.99 -7.80 -7.40
C ALA I 59 -38.09 -6.80 -8.12
N VAL I 60 -36.97 -7.27 -8.68
CA VAL I 60 -36.01 -6.37 -9.32
C VAL I 60 -35.53 -7.04 -10.63
N THR I 61 -35.78 -6.34 -11.74
CA THR I 61 -35.55 -6.85 -13.07
C THR I 61 -34.78 -5.85 -13.92
N GLY I 62 -34.10 -6.39 -14.92
CA GLY I 62 -33.27 -5.59 -15.82
C GLY I 62 -31.79 -5.58 -15.44
N LEU I 63 -31.04 -4.81 -16.22
CA LEU I 63 -29.60 -4.80 -16.17
C LEU I 63 -29.13 -3.74 -15.26
N VAL I 64 -28.25 -4.14 -14.38
CA VAL I 64 -27.56 -3.19 -13.54
C VAL I 64 -26.63 -2.30 -14.42
N GLY I 65 -26.77 -1.00 -14.24
CA GLY I 65 -26.09 0.00 -15.07
C GLY I 65 -26.95 0.52 -16.20
N ARG I 66 -28.12 -0.09 -16.39
CA ARG I 66 -29.08 0.39 -17.39
C ARG I 66 -30.46 0.57 -16.80
N ASP I 67 -31.04 -0.50 -16.27
CA ASP I 67 -32.41 -0.50 -15.77
C ASP I 67 -32.48 -0.26 -14.26
N VAL I 68 -31.43 -0.68 -13.57
CA VAL I 68 -31.35 -0.63 -12.10
C VAL I 68 -30.00 -0.11 -11.68
N ASP I 69 -30.01 0.64 -10.59
CA ASP I 69 -28.79 1.17 -10.00
C ASP I 69 -28.27 0.24 -8.91
N VAL I 70 -27.14 0.62 -8.30
CA VAL I 70 -26.50 -0.27 -7.35
C VAL I 70 -27.40 -0.50 -6.12
N ALA I 71 -28.02 0.56 -5.63
CA ALA I 71 -28.86 0.42 -4.43
C ALA I 71 -30.01 -0.58 -4.69
N SER I 72 -30.69 -0.43 -5.83
CA SER I 72 -31.78 -1.36 -6.16
C SER I 72 -31.27 -2.81 -6.35
N ALA I 73 -30.10 -2.94 -6.97
CA ALA I 73 -29.47 -4.24 -7.18
C ALA I 73 -29.07 -4.87 -5.85
N GLN I 74 -28.60 -4.06 -4.90
CA GLN I 74 -28.32 -4.55 -3.56
C GLN I 74 -29.58 -5.13 -2.88
N ARG I 75 -30.72 -4.45 -3.01
CA ARG I 75 -31.98 -5.02 -2.55
C ARG I 75 -32.31 -6.33 -3.22
N ALA I 76 -32.12 -6.39 -4.53
CA ALA I 76 -32.24 -7.67 -5.22
C ALA I 76 -31.37 -8.78 -4.59
N ALA I 77 -30.10 -8.46 -4.30
CA ALA I 77 -29.16 -9.43 -3.73
C ALA I 77 -29.69 -9.92 -2.33
N GLU I 78 -30.17 -8.97 -1.56
CA GLU I 78 -30.78 -9.24 -0.22
C GLU I 78 -31.93 -10.22 -0.36
N LEU I 79 -32.82 -9.96 -1.34
CA LEU I 79 -33.94 -10.85 -1.61
C LEU I 79 -33.51 -12.27 -2.04
N CYS I 80 -32.50 -12.35 -2.91
CA CYS I 80 -31.91 -13.62 -3.28
C CYS I 80 -31.46 -14.35 -2.02
N ALA I 81 -30.76 -13.63 -1.16
CA ALA I 81 -30.25 -14.17 0.12
C ALA I 81 -31.37 -14.65 1.03
N VAL I 82 -32.46 -13.91 1.09
CA VAL I 82 -33.63 -14.33 1.93
C VAL I 82 -34.24 -15.63 1.36
N ASN I 83 -34.31 -15.73 0.03
CA ASN I 83 -34.78 -16.94 -0.61
C ASN I 83 -33.83 -18.11 -0.38
N ILE I 84 -32.52 -17.83 -0.35
CA ILE I 84 -31.55 -18.87 0.01
C ILE I 84 -31.87 -19.34 1.42
N LEU I 85 -32.03 -18.39 2.34
CA LEU I 85 -32.33 -18.76 3.76
C LEU I 85 -33.63 -19.55 3.90
N ALA I 86 -34.66 -19.20 3.11
CA ALA I 86 -35.90 -19.96 3.09
C ALA I 86 -35.68 -21.40 2.64
N GLN I 87 -34.83 -21.64 1.64
CA GLN I 87 -34.56 -23.02 1.20
C GLN I 87 -33.76 -23.79 2.23
N VAL I 88 -32.80 -23.12 2.86
CA VAL I 88 -32.00 -23.75 3.88
C VAL I 88 -32.90 -24.13 5.06
N LYS I 89 -33.78 -23.23 5.45
CA LYS I 89 -34.74 -23.53 6.54
C LYS I 89 -35.55 -24.79 6.22
N ALA I 90 -36.08 -24.86 5.00
CA ALA I 90 -36.78 -26.05 4.51
C ALA I 90 -35.91 -27.32 4.58
N ALA I 91 -34.67 -27.19 4.13
CA ALA I 91 -33.72 -28.28 4.09
C ALA I 91 -33.41 -28.85 5.49
N LEU I 92 -33.45 -27.97 6.48
CA LEU I 92 -33.07 -28.30 7.85
C LEU I 92 -34.31 -28.48 8.74
N ASN I 93 -35.45 -28.69 8.10
CA ASN I 93 -36.71 -28.98 8.80
C ASN I 93 -37.12 -27.88 9.80
N GLY I 94 -36.89 -26.63 9.44
CA GLY I 94 -37.30 -25.48 10.23
C GLY I 94 -36.20 -24.81 11.04
N ASP I 95 -35.01 -25.40 11.03
CA ASP I 95 -33.93 -25.03 11.93
C ASP I 95 -32.72 -24.38 11.24
N LEU I 96 -32.74 -23.06 11.11
CA LEU I 96 -31.57 -22.31 10.62
C LEU I 96 -30.35 -22.34 11.57
N SER I 97 -30.56 -22.80 12.80
CA SER I 97 -29.48 -22.95 13.75
C SER I 97 -28.60 -24.16 13.43
N LYS I 98 -29.07 -25.03 12.54
CA LYS I 98 -28.28 -26.18 12.10
C LYS I 98 -27.34 -25.84 10.94
N ILE I 99 -27.32 -24.57 10.52
CA ILE I 99 -26.22 -24.05 9.68
C ILE I 99 -24.93 -24.02 10.46
N ARG I 100 -23.89 -24.73 9.97
CA ARG I 100 -22.56 -24.65 10.60
C ARG I 100 -21.72 -23.54 10.01
N ARG I 101 -21.73 -23.44 8.69
CA ARG I 101 -20.98 -22.41 7.97
C ARG I 101 -21.60 -22.22 6.60
N VAL I 102 -21.79 -20.96 6.19
CA VAL I 102 -22.07 -20.66 4.78
C VAL I 102 -20.72 -20.71 4.08
N ILE I 103 -20.55 -21.71 3.24
CA ILE I 103 -19.26 -22.02 2.64
C ILE I 103 -18.97 -21.13 1.45
N LYS I 104 -19.97 -21.00 0.60
CA LYS I 104 -19.79 -20.24 -0.65
C LYS I 104 -21.12 -19.68 -1.17
N LEU I 105 -21.08 -18.46 -1.68
CA LEU I 105 -22.16 -17.92 -2.51
C LEU I 105 -21.56 -17.55 -3.88
N ASN I 106 -22.28 -17.88 -4.92
CA ASN I 106 -21.99 -17.39 -6.27
C ASN I 106 -23.05 -16.35 -6.63
N GLY I 107 -22.62 -15.09 -6.78
CA GLY I 107 -23.48 -13.97 -7.05
C GLY I 107 -23.38 -13.57 -8.52
N PHE I 108 -24.49 -13.78 -9.23
CA PHE I 108 -24.58 -13.49 -10.64
C PHE I 108 -25.40 -12.22 -10.81
N VAL I 109 -24.81 -11.18 -11.40
CA VAL I 109 -25.45 -9.87 -11.54
C VAL I 109 -25.64 -9.52 -13.03
N ALA I 110 -26.89 -9.35 -13.44
CA ALA I 110 -27.20 -9.03 -14.86
C ALA I 110 -26.67 -7.60 -15.07
N SER I 111 -25.72 -7.46 -16.00
CA SER I 111 -24.93 -6.22 -16.08
C SER I 111 -24.75 -5.74 -17.50
N VAL I 112 -24.76 -4.43 -17.70
CA VAL I 112 -24.20 -3.89 -18.94
C VAL I 112 -22.67 -3.95 -18.80
N PRO I 113 -21.95 -3.99 -19.92
CA PRO I 113 -20.51 -4.20 -19.89
C PRO I 113 -19.69 -3.08 -19.24
N GLU I 114 -20.27 -1.89 -19.12
CA GLU I 114 -19.65 -0.77 -18.39
C GLU I 114 -19.87 -0.86 -16.88
N PHE I 115 -20.78 -1.74 -16.46
CA PHE I 115 -21.07 -1.88 -15.03
C PHE I 115 -20.04 -2.82 -14.41
N VAL I 116 -19.32 -2.31 -13.38
CA VAL I 116 -18.19 -3.04 -12.81
C VAL I 116 -18.18 -3.06 -11.28
N GLU I 117 -19.36 -2.95 -10.69
CA GLU I 117 -19.50 -2.95 -9.23
C GLU I 117 -20.37 -4.11 -8.76
N GLN I 118 -20.18 -5.25 -9.41
CA GLN I 118 -20.90 -6.45 -9.02
C GLN I 118 -20.59 -6.87 -7.57
N HIS I 119 -19.37 -6.61 -7.11
CA HIS I 119 -19.00 -6.86 -5.68
C HIS I 119 -19.89 -6.07 -4.74
N LEU I 120 -20.16 -4.81 -5.07
CA LEU I 120 -21.03 -3.97 -4.25
C LEU I 120 -22.46 -4.50 -4.23
N VAL I 121 -22.89 -5.03 -5.38
CA VAL I 121 -24.24 -5.59 -5.48
C VAL I 121 -24.38 -6.81 -4.59
N ILE I 122 -23.42 -7.72 -4.68
CA ILE I 122 -23.49 -8.96 -3.93
C ILE I 122 -23.25 -8.69 -2.44
N ASN I 123 -22.57 -7.59 -2.11
CA ASN I 123 -22.48 -7.16 -0.71
C ASN I 123 -23.85 -7.06 -0.04
N GLY I 124 -24.91 -6.72 -0.80
CA GLY I 124 -26.31 -6.82 -0.30
C GLY I 124 -26.60 -8.18 0.36
N ALA I 125 -26.25 -9.26 -0.32
CA ALA I 125 -26.50 -10.62 0.17
C ALA I 125 -25.50 -10.89 1.30
N SER I 126 -24.22 -10.67 1.04
CA SER I 126 -23.20 -11.04 2.02
C SER I 126 -23.44 -10.39 3.36
N ASN I 127 -23.76 -9.08 3.35
CA ASN I 127 -23.99 -8.32 4.59
C ASN I 127 -25.22 -8.87 5.36
N LEU I 128 -26.26 -9.19 4.62
CA LEU I 128 -27.48 -9.69 5.19
C LEU I 128 -27.22 -11.05 5.84
N ILE I 129 -26.58 -11.94 5.10
CA ILE I 129 -26.26 -13.28 5.61
C ILE I 129 -25.31 -13.29 6.83
N ALA I 130 -24.23 -12.52 6.77
CA ALA I 130 -23.31 -12.39 7.90
C ALA I 130 -23.99 -11.77 9.13
N THR I 131 -24.86 -10.77 8.91
CA THR I 131 -25.62 -10.13 10.01
C THR I 131 -26.54 -11.08 10.77
N VAL I 132 -27.35 -11.83 10.04
CA VAL I 132 -28.37 -12.71 10.60
C VAL I 132 -27.77 -13.95 11.24
N LEU I 133 -26.66 -14.45 10.68
CA LEU I 133 -26.01 -15.68 11.13
C LEU I 133 -24.80 -15.47 12.00
N GLY I 134 -24.24 -14.28 12.01
CA GLY I 134 -22.98 -14.04 12.67
C GLY I 134 -21.79 -14.67 11.98
N GLU I 135 -20.76 -15.03 12.75
CA GLU I 135 -19.51 -15.55 12.19
C GLU I 135 -19.75 -16.72 11.23
N PRO I 136 -20.63 -17.67 11.58
CA PRO I 136 -20.93 -18.77 10.65
C PRO I 136 -21.47 -18.32 9.28
N GLY I 137 -22.03 -17.09 9.21
CA GLY I 137 -22.49 -16.55 7.93
C GLY I 137 -21.39 -16.06 6.99
N ARG I 138 -20.17 -15.89 7.49
CA ARG I 138 -19.06 -15.39 6.68
C ARG I 138 -18.58 -16.46 5.72
N HIS I 139 -18.53 -16.12 4.45
CA HIS I 139 -18.45 -17.09 3.36
C HIS I 139 -17.45 -16.68 2.31
N ALA I 140 -16.96 -17.68 1.57
CA ALA I 140 -16.24 -17.46 0.30
C ALA I 140 -17.27 -17.02 -0.76
N ARG I 141 -16.78 -16.40 -1.85
CA ARG I 141 -17.71 -15.79 -2.79
C ARG I 141 -17.10 -15.62 -4.17
N ALA I 142 -17.97 -15.61 -5.17
CA ALA I 142 -17.66 -15.03 -6.48
C ALA I 142 -18.77 -14.05 -6.84
N ALA I 143 -18.40 -12.99 -7.54
CA ALA I 143 -19.34 -11.97 -7.97
C ALA I 143 -19.00 -11.63 -9.42
N VAL I 144 -19.95 -11.79 -10.32
CA VAL I 144 -19.69 -11.78 -11.76
C VAL I 144 -20.85 -11.10 -12.50
N GLY I 145 -20.54 -10.50 -13.65
CA GLY I 145 -21.55 -9.85 -14.48
C GLY I 145 -22.02 -10.73 -15.62
N MSE I 146 -23.34 -10.95 -15.67
CA MSE I 146 -24.02 -11.82 -16.63
C MSE I 146 -24.67 -10.98 -17.74
O MSE I 146 -25.01 -9.82 -17.53
CB MSE I 146 -25.12 -12.63 -15.94
CG MSE I 146 -24.76 -13.96 -15.42
SE MSE I 146 -23.13 -14.00 -14.38
CE MSE I 146 -23.50 -12.39 -13.33
N ALA I 147 -24.87 -11.56 -18.89
CA ALA I 147 -25.55 -10.89 -19.98
C ALA I 147 -27.04 -10.69 -19.64
N SER I 148 -27.64 -11.67 -18.94
CA SER I 148 -29.03 -11.66 -18.58
C SER I 148 -29.28 -12.86 -17.68
N LEU I 149 -30.48 -12.90 -17.08
CA LEU I 149 -30.86 -13.95 -16.13
C LEU I 149 -32.30 -14.36 -16.34
N PRO I 150 -32.65 -15.60 -15.88
CA PRO I 150 -34.06 -16.04 -15.94
C PRO I 150 -35.06 -14.99 -15.40
N PHE I 151 -36.14 -14.78 -16.15
CA PHE I 151 -37.24 -13.86 -15.76
C PHE I 151 -36.81 -12.40 -15.70
N ASN I 152 -35.64 -12.13 -16.30
CA ASN I 152 -35.05 -10.81 -16.31
C ASN I 152 -34.67 -10.38 -14.93
N ALA I 153 -34.42 -11.35 -14.04
CA ALA I 153 -33.92 -11.02 -12.69
C ALA I 153 -32.63 -10.23 -12.82
N SER I 154 -32.46 -9.26 -11.94
CA SER I 154 -31.22 -8.47 -11.91
C SER I 154 -30.07 -9.24 -11.27
N VAL I 155 -30.40 -10.16 -10.35
CA VAL I 155 -29.40 -10.91 -9.61
C VAL I 155 -29.95 -12.34 -9.36
N GLU I 156 -29.04 -13.29 -9.38
CA GLU I 156 -29.31 -14.67 -8.99
C GLU I 156 -28.11 -15.16 -8.15
N ILE I 157 -28.41 -15.91 -7.11
CA ILE I 157 -27.35 -16.27 -6.15
C ILE I 157 -27.62 -17.70 -5.70
N ASP I 158 -26.60 -18.55 -5.84
CA ASP I 158 -26.66 -19.91 -5.31
C ASP I 158 -25.72 -20.01 -4.10
N ALA I 159 -25.76 -21.16 -3.43
CA ALA I 159 -25.02 -21.30 -2.18
C ALA I 159 -24.67 -22.75 -1.88
N ILE I 160 -23.57 -22.90 -1.16
CA ILE I 160 -23.19 -24.16 -0.55
C ILE I 160 -23.04 -23.86 0.96
N VAL I 161 -23.71 -24.68 1.77
CA VAL I 161 -23.79 -24.45 3.20
C VAL I 161 -23.42 -25.77 3.91
N GLU I 162 -22.55 -25.70 4.89
CA GLU I 162 -22.20 -26.86 5.71
C GLU I 162 -23.22 -26.91 6.83
N ILE I 163 -23.81 -28.07 7.04
CA ILE I 163 -24.93 -28.21 7.97
C ILE I 163 -24.63 -29.27 8.97
N ASP I 164 -25.40 -29.26 10.07
CA ASP I 164 -25.36 -30.31 11.12
C ASP I 164 -26.15 -31.57 10.77
N GLU J 3 -8.13 44.25 0.41
CA GLU J 3 -6.88 43.46 0.60
C GLU J 3 -6.56 43.17 2.07
N ASN J 4 -6.50 44.19 2.93
CA ASN J 4 -6.18 43.97 4.36
C ASN J 4 -7.23 43.06 5.02
N LEU J 5 -8.47 43.20 4.57
CA LEU J 5 -9.59 42.44 5.14
C LEU J 5 -9.46 40.98 4.78
N TYR J 6 -9.14 40.72 3.52
CA TYR J 6 -8.92 39.38 3.03
C TYR J 6 -7.82 38.69 3.84
N PHE J 7 -6.68 39.36 3.96
CA PHE J 7 -5.59 38.80 4.75
C PHE J 7 -5.95 38.63 6.21
N GLN J 8 -6.64 39.63 6.77
CA GLN J 8 -7.18 39.51 8.12
C GLN J 8 -8.07 38.26 8.23
N GLY J 9 -8.91 38.04 7.23
CA GLY J 9 -9.79 36.89 7.20
C GLY J 9 -9.05 35.55 7.14
N MSE J 10 -8.11 35.46 6.19
CA MSE J 10 -7.26 34.27 6.07
C MSE J 10 -6.56 33.92 7.40
O MSE J 10 -6.54 32.75 7.81
CB MSE J 10 -6.22 34.49 4.97
CG MSE J 10 -6.74 34.36 3.56
SE MSE J 10 -5.27 34.20 2.24
CE MSE J 10 -4.17 32.86 3.16
N SER J 11 -6.03 34.93 8.07
CA SER J 11 -5.39 34.73 9.39
C SER J 11 -6.36 34.22 10.42
N ASP J 12 -7.59 34.77 10.42
CA ASP J 12 -8.61 34.32 11.35
C ASP J 12 -8.91 32.85 11.14
N VAL J 13 -8.95 32.44 9.87
CA VAL J 13 -9.25 31.07 9.48
C VAL J 13 -8.13 30.13 9.95
N ILE J 14 -6.90 30.56 9.75
CA ILE J 14 -5.72 29.74 10.16
C ILE J 14 -5.78 29.52 11.68
N GLU J 15 -5.87 30.60 12.44
CA GLU J 15 -5.96 30.48 13.90
C GLU J 15 -7.21 29.78 14.41
N GLY J 16 -8.31 29.89 13.67
CA GLY J 16 -9.51 29.15 13.99
C GLY J 16 -9.36 27.66 13.81
N ARG J 17 -8.73 27.26 12.71
CA ARG J 17 -8.41 25.86 12.51
C ARG J 17 -7.54 25.31 13.66
N LEU J 18 -6.59 26.10 14.13
CA LEU J 18 -5.72 25.68 15.25
C LEU J 18 -6.52 25.52 16.54
N LYS J 19 -7.44 26.44 16.80
CA LYS J 19 -8.36 26.29 17.94
C LYS J 19 -9.21 25.03 17.81
N GLU J 20 -9.65 24.68 16.61
CA GLU J 20 -10.37 23.44 16.40
C GLU J 20 -9.54 22.20 16.72
N LEU J 21 -8.23 22.26 16.55
CA LEU J 21 -7.34 21.16 16.97
C LEU J 21 -7.06 21.14 18.48
N GLY J 22 -7.49 22.17 19.19
CA GLY J 22 -7.36 22.25 20.65
C GLY J 22 -6.29 23.19 21.17
N PHE J 23 -5.68 23.98 20.28
CA PHE J 23 -4.61 24.88 20.67
C PHE J 23 -4.91 26.37 20.49
N THR J 24 -4.52 27.19 21.45
CA THR J 24 -4.43 28.63 21.24
C THR J 24 -2.95 28.99 21.14
N LEU J 25 -2.65 30.00 20.32
CA LEU J 25 -1.29 30.50 20.19
C LEU J 25 -0.83 31.21 21.46
N PRO J 26 0.36 30.87 21.96
CA PRO J 26 0.96 31.65 23.04
C PRO J 26 1.42 33.03 22.55
N VAL J 27 1.57 33.98 23.46
CA VAL J 27 2.19 35.25 23.09
C VAL J 27 3.62 35.00 22.57
N ALA J 33 17.78 38.72 24.15
CA ALA J 33 18.99 37.91 24.22
C ALA J 33 19.84 38.21 22.98
N ASN J 34 21.07 37.67 22.93
CA ASN J 34 21.95 37.84 21.76
C ASN J 34 21.61 36.92 20.58
N TYR J 35 20.67 36.00 20.84
CA TYR J 35 19.95 35.29 19.79
C TYR J 35 18.47 35.65 19.91
N VAL J 36 17.81 35.59 18.77
CA VAL J 36 16.44 36.02 18.63
C VAL J 36 15.57 34.86 18.14
N PRO J 37 14.24 34.93 18.39
CA PRO J 37 13.31 33.90 17.92
C PRO J 37 13.21 33.72 16.43
N PHE J 38 13.51 34.78 15.67
CA PHE J 38 13.50 34.69 14.23
C PHE J 38 14.33 35.80 13.59
N THR J 39 14.73 35.52 12.35
CA THR J 39 15.34 36.51 11.46
C THR J 39 14.72 36.39 10.06
N ILE J 40 14.84 37.45 9.26
CA ILE J 40 14.34 37.41 7.89
C ILE J 40 15.46 37.83 6.97
N SER J 41 15.64 37.08 5.89
CA SER J 41 16.52 37.47 4.80
C SER J 41 15.71 37.37 3.53
N GLY J 42 15.51 38.50 2.85
CA GLY J 42 14.69 38.49 1.67
C GLY J 42 13.28 38.10 2.04
N ASN J 43 12.76 37.08 1.40
CA ASN J 43 11.43 36.60 1.71
C ASN J 43 11.48 35.27 2.48
N LEU J 44 12.63 34.98 3.10
CA LEU J 44 12.76 33.78 3.94
C LEU J 44 12.84 34.18 5.42
N LEU J 45 11.97 33.55 6.21
CA LEU J 45 11.88 33.66 7.67
C LEU J 45 12.45 32.37 8.28
N TYR J 46 13.52 32.57 9.05
CA TYR J 46 14.21 31.55 9.82
C TYR J 46 13.75 31.66 11.28
N VAL J 47 13.06 30.64 11.73
CA VAL J 47 12.54 30.60 13.08
C VAL J 47 13.48 29.70 13.90
N SER J 48 13.88 30.21 15.06
CA SER J 48 14.70 29.48 16.01
C SER J 48 14.02 28.18 16.49
N GLY J 49 14.83 27.24 16.95
CA GLY J 49 14.32 26.01 17.55
C GLY J 49 13.33 26.31 18.63
N GLN J 50 12.13 25.75 18.50
CA GLN J 50 11.08 25.92 19.49
C GLN J 50 10.93 24.62 20.29
N LEU J 51 10.62 24.79 21.57
CA LEU J 51 10.40 23.72 22.53
C LEU J 51 8.91 23.59 22.80
N PRO J 52 8.48 22.49 23.43
CA PRO J 52 7.06 22.20 23.62
C PRO J 52 6.47 23.00 24.78
N MSE J 53 6.43 24.32 24.63
CA MSE J 53 5.96 25.25 25.67
C MSE J 53 4.45 25.30 25.66
O MSE J 53 3.84 25.46 24.59
CB MSE J 53 6.45 26.68 25.40
CG MSE J 53 7.91 26.87 25.24
SE MSE J 53 8.78 26.21 26.85
CE MSE J 53 8.12 27.46 28.18
N GLU J 54 3.85 25.17 26.84
CA GLU J 54 2.41 25.33 27.04
C GLU J 54 2.25 26.00 28.41
N SER J 55 1.46 27.07 28.46
CA SER J 55 1.27 27.84 29.71
C SER J 55 2.61 28.22 30.33
N GLY J 56 3.58 28.58 29.49
CA GLY J 56 4.87 29.06 29.97
C GLY J 56 5.81 27.98 30.49
N LYS J 57 5.47 26.71 30.33
CA LYS J 57 6.34 25.63 30.81
C LYS J 57 6.60 24.58 29.74
N ILE J 58 7.73 23.88 29.87
CA ILE J 58 8.05 22.79 28.96
C ILE J 58 7.12 21.63 29.30
N ALA J 59 6.19 21.34 28.42
CA ALA J 59 5.08 20.44 28.70
C ALA J 59 5.43 18.95 28.62
N VAL J 60 6.45 18.61 27.85
CA VAL J 60 6.80 17.23 27.64
C VAL J 60 8.33 17.12 27.73
N THR J 61 8.81 16.32 28.66
CA THR J 61 10.23 16.22 28.93
C THR J 61 10.72 14.78 28.97
N GLY J 62 11.99 14.62 28.71
CA GLY J 62 12.63 13.31 28.76
C GLY J 62 12.78 12.64 27.39
N LEU J 63 13.36 11.47 27.42
CA LEU J 63 13.67 10.71 26.21
C LEU J 63 12.55 9.87 25.66
N VAL J 64 12.30 10.01 24.36
CA VAL J 64 11.31 9.15 23.71
C VAL J 64 11.87 7.71 23.65
N GLY J 65 11.03 6.76 24.08
CA GLY J 65 11.44 5.38 24.23
C GLY J 65 11.89 5.07 25.64
N ARG J 66 11.92 6.08 26.52
CA ARG J 66 12.29 5.87 27.91
C ARG J 66 11.31 6.52 28.85
N ASP J 67 11.20 7.85 28.74
CA ASP J 67 10.35 8.67 29.59
C ASP J 67 8.98 8.97 28.96
N VAL J 68 8.96 9.01 27.64
CA VAL J 68 7.75 9.38 26.91
C VAL J 68 7.53 8.40 25.76
N ASP J 69 6.25 8.13 25.47
CA ASP J 69 5.89 7.30 24.33
C ASP J 69 5.62 8.16 23.10
N VAL J 70 5.31 7.49 21.99
CA VAL J 70 5.15 8.18 20.72
C VAL J 70 3.99 9.17 20.77
N ALA J 71 2.87 8.79 21.37
CA ALA J 71 1.70 9.69 21.46
C ALA J 71 2.04 10.98 22.23
N SER J 72 2.72 10.83 23.36
CA SER J 72 3.07 12.01 24.14
C SER J 72 4.09 12.83 23.35
N ALA J 73 5.04 12.18 22.68
CA ALA J 73 6.04 12.92 21.89
C ALA J 73 5.39 13.67 20.71
N GLN J 74 4.36 13.09 20.11
CA GLN J 74 3.58 13.78 19.06
C GLN J 74 2.93 15.08 19.57
N ARG J 75 2.39 15.04 20.78
CA ARG J 75 1.91 16.23 21.44
C ARG J 75 3.01 17.28 21.66
N ALA J 76 4.20 16.83 22.07
CA ALA J 76 5.36 17.75 22.15
C ALA J 76 5.62 18.41 20.81
N ALA J 77 5.61 17.60 19.75
CA ALA J 77 5.87 18.07 18.39
C ALA J 77 4.75 19.09 17.98
N GLU J 78 3.51 18.78 18.30
CA GLU J 78 2.40 19.75 18.08
C GLU J 78 2.66 21.07 18.80
N LEU J 79 3.04 21.01 20.07
CA LEU J 79 3.38 22.19 20.83
C LEU J 79 4.56 22.98 20.23
N CYS J 80 5.59 22.28 19.76
CA CYS J 80 6.71 22.96 19.11
C CYS J 80 6.19 23.75 17.87
N ALA J 81 5.27 23.13 17.14
CA ALA J 81 4.67 23.70 15.92
C ALA J 81 3.84 24.93 16.25
N VAL J 82 3.06 24.87 17.34
CA VAL J 82 2.25 26.01 17.78
C VAL J 82 3.16 27.17 18.14
N ASN J 83 4.27 26.88 18.82
CA ASN J 83 5.27 27.89 19.14
C ASN J 83 5.92 28.47 17.88
N ILE J 84 6.22 27.64 16.89
CA ILE J 84 6.71 28.13 15.62
C ILE J 84 5.69 29.11 15.02
N LEU J 85 4.42 28.73 15.00
CA LEU J 85 3.38 29.57 14.41
C LEU J 85 3.25 30.90 15.19
N ALA J 86 3.38 30.84 16.50
CA ALA J 86 3.37 32.06 17.31
C ALA J 86 4.49 33.01 16.88
N GLN J 87 5.70 32.48 16.66
CA GLN J 87 6.80 33.33 16.21
C GLN J 87 6.57 33.90 14.81
N VAL J 88 6.07 33.05 13.91
CA VAL J 88 5.73 33.47 12.55
C VAL J 88 4.71 34.62 12.56
N LYS J 89 3.67 34.50 13.38
CA LYS J 89 2.65 35.56 13.52
C LYS J 89 3.28 36.86 13.98
N ALA J 90 4.16 36.78 14.99
CA ALA J 90 4.94 37.95 15.45
C ALA J 90 5.81 38.55 14.33
N ALA J 91 6.53 37.70 13.61
CA ALA J 91 7.33 38.11 12.46
C ALA J 91 6.50 38.86 11.39
N LEU J 92 5.26 38.42 11.17
CA LEU J 92 4.40 38.90 10.08
C LEU J 92 3.37 39.91 10.59
N ASN J 93 3.69 40.49 11.74
CA ASN J 93 2.88 41.51 12.37
C ASN J 93 1.40 41.14 12.52
N GLY J 94 1.15 39.90 12.91
CA GLY J 94 -0.19 39.44 13.19
C GLY J 94 -0.86 38.65 12.10
N ASP J 95 -0.20 38.53 10.93
CA ASP J 95 -0.83 37.84 9.80
C ASP J 95 -0.18 36.56 9.33
N LEU J 96 -0.73 35.45 9.82
CA LEU J 96 -0.33 34.11 9.43
C LEU J 96 -0.72 33.83 7.96
N SER J 97 -1.69 34.58 7.44
CA SER J 97 -1.99 34.57 5.99
C SER J 97 -0.84 34.95 5.05
N LYS J 98 0.16 35.68 5.55
CA LYS J 98 1.34 36.08 4.75
C LYS J 98 2.44 35.01 4.67
N ILE J 99 2.17 33.83 5.21
CA ILE J 99 2.98 32.65 4.87
C ILE J 99 2.68 32.24 3.43
N ARG J 100 3.71 32.18 2.60
CA ARG J 100 3.59 31.63 1.25
C ARG J 100 3.75 30.12 1.23
N ARG J 101 4.75 29.63 1.96
CA ARG J 101 5.06 28.19 1.99
C ARG J 101 5.94 27.96 3.21
N VAL J 102 5.63 26.93 3.97
CA VAL J 102 6.57 26.42 4.97
C VAL J 102 7.58 25.60 4.17
N ILE J 103 8.81 26.07 4.13
CA ILE J 103 9.82 25.47 3.28
C ILE J 103 10.42 24.23 3.93
N LYS J 104 10.73 24.33 5.21
CA LYS J 104 11.48 23.25 5.87
C LYS J 104 11.19 23.28 7.36
N LEU J 105 11.00 22.11 7.94
CA LEU J 105 11.08 21.90 9.40
C LEU J 105 12.20 20.96 9.70
N ASN J 106 13.00 21.27 10.72
CA ASN J 106 13.96 20.31 11.28
C ASN J 106 13.46 19.87 12.66
N GLY J 107 13.14 18.58 12.76
CA GLY J 107 12.54 18.00 13.95
C GLY J 107 13.56 17.15 14.69
N PHE J 108 13.90 17.59 15.89
CA PHE J 108 14.89 17.01 16.74
C PHE J 108 14.14 16.31 17.87
N VAL J 109 14.31 15.00 18.00
CA VAL J 109 13.58 14.22 18.98
C VAL J 109 14.58 13.57 19.96
N ALA J 110 14.50 13.94 21.23
CA ALA J 110 15.33 13.36 22.28
C ALA J 110 14.98 11.88 22.38
N SER J 111 15.94 10.98 22.11
CA SER J 111 15.65 9.55 21.83
C SER J 111 16.62 8.63 22.56
N VAL J 112 16.15 7.51 23.08
CA VAL J 112 17.12 6.41 23.38
C VAL J 112 17.52 5.78 22.02
N PRO J 113 18.70 5.12 21.95
CA PRO J 113 19.19 4.57 20.66
C PRO J 113 18.34 3.45 20.07
N GLU J 114 17.46 2.85 20.86
CA GLU J 114 16.52 1.85 20.34
C GLU J 114 15.26 2.49 19.77
N PHE J 115 15.08 3.80 20.00
CA PHE J 115 13.91 4.48 19.52
C PHE J 115 14.17 4.92 18.08
N VAL J 116 13.32 4.46 17.17
CA VAL J 116 13.53 4.69 15.73
C VAL J 116 12.26 5.18 14.99
N GLU J 117 11.37 5.84 15.72
CA GLU J 117 10.13 6.39 15.15
C GLU J 117 10.05 7.91 15.25
N GLN J 118 11.21 8.58 15.06
CA GLN J 118 11.27 10.04 15.08
C GLN J 118 10.35 10.65 14.00
N HIS J 119 10.20 9.95 12.87
CA HIS J 119 9.28 10.42 11.81
C HIS J 119 7.83 10.49 12.31
N LEU J 120 7.40 9.49 13.09
CA LEU J 120 6.04 9.48 13.61
C LEU J 120 5.87 10.59 14.62
N VAL J 121 6.93 10.85 15.36
CA VAL J 121 6.90 11.93 16.35
C VAL J 121 6.72 13.29 15.63
N ILE J 122 7.51 13.54 14.61
CA ILE J 122 7.46 14.83 13.94
C ILE J 122 6.19 14.97 13.09
N ASN J 123 5.57 13.84 12.74
CA ASN J 123 4.24 13.91 12.11
C ASN J 123 3.24 14.70 12.95
N GLY J 124 3.41 14.73 14.27
CA GLY J 124 2.55 15.57 15.12
C GLY J 124 2.60 17.01 14.64
N ALA J 125 3.82 17.50 14.40
CA ALA J 125 4.05 18.87 13.92
C ALA J 125 3.60 19.00 12.46
N SER J 126 4.01 18.09 11.62
CA SER J 126 3.76 18.22 10.17
C SER J 126 2.23 18.21 9.90
N ASN J 127 1.53 17.29 10.55
CA ASN J 127 0.06 17.19 10.41
C ASN J 127 -0.67 18.46 10.87
N LEU J 128 -0.23 18.99 12.00
CA LEU J 128 -0.80 20.22 12.54
C LEU J 128 -0.62 21.41 11.58
N ILE J 129 0.60 21.57 11.09
CA ILE J 129 0.93 22.66 10.19
C ILE J 129 0.17 22.55 8.90
N ALA J 130 0.12 21.35 8.32
CA ALA J 130 -0.56 21.16 7.03
C ALA J 130 -2.07 21.31 7.19
N THR J 131 -2.59 20.91 8.35
CA THR J 131 -4.03 21.09 8.65
C THR J 131 -4.45 22.55 8.74
N VAL J 132 -3.69 23.37 9.47
CA VAL J 132 -4.09 24.76 9.71
C VAL J 132 -3.75 25.66 8.54
N LEU J 133 -2.73 25.32 7.75
CA LEU J 133 -2.30 26.19 6.65
C LEU J 133 -2.76 25.71 5.30
N GLY J 134 -3.19 24.46 5.21
CA GLY J 134 -3.48 23.80 3.96
C GLY J 134 -2.23 23.54 3.15
N GLU J 135 -2.36 23.59 1.82
CA GLU J 135 -1.26 23.30 0.90
C GLU J 135 0.01 24.12 1.16
N PRO J 136 -0.13 25.44 1.43
CA PRO J 136 1.11 26.18 1.78
C PRO J 136 1.88 25.59 2.96
N GLY J 137 1.18 24.83 3.81
CA GLY J 137 1.81 24.21 4.97
C GLY J 137 2.66 22.97 4.69
N ARG J 138 2.55 22.38 3.51
CA ARG J 138 3.32 21.17 3.21
C ARG J 138 4.78 21.51 2.98
N HIS J 139 5.67 20.82 3.67
CA HIS J 139 7.04 21.29 3.85
C HIS J 139 8.01 20.13 3.67
N ALA J 140 9.25 20.46 3.29
CA ALA J 140 10.35 19.53 3.36
C ALA J 140 10.69 19.36 4.85
N ARG J 141 11.43 18.30 5.16
CA ARG J 141 11.66 17.95 6.57
C ARG J 141 12.88 17.09 6.78
N ALA J 142 13.41 17.18 7.99
CA ALA J 142 14.32 16.21 8.57
C ALA J 142 13.76 15.83 9.95
N ALA J 143 13.97 14.58 10.34
CA ALA J 143 13.52 14.04 11.63
C ALA J 143 14.64 13.17 12.15
N VAL J 144 15.23 13.55 13.29
CA VAL J 144 16.45 12.92 13.77
C VAL J 144 16.38 12.71 15.28
N GLY J 145 17.13 11.73 15.76
CA GLY J 145 17.18 11.37 17.19
C GLY J 145 18.37 11.98 17.88
N MSE J 146 18.10 12.80 18.90
CA MSE J 146 19.13 13.54 19.68
C MSE J 146 19.42 12.81 21.03
O MSE J 146 18.59 12.07 21.57
CB MSE J 146 18.71 14.95 20.06
CG MSE J 146 18.08 15.79 19.03
SE MSE J 146 18.68 15.60 17.22
CE MSE J 146 20.42 16.32 17.74
N ALA J 147 20.62 13.06 21.57
CA ALA J 147 20.99 12.53 22.90
C ALA J 147 20.11 13.14 23.98
N SER J 148 19.81 14.45 23.82
CA SER J 148 19.09 15.27 24.77
C SER J 148 18.87 16.65 24.16
N LEU J 149 18.04 17.45 24.83
CA LEU J 149 17.70 18.80 24.37
C LEU J 149 17.61 19.79 25.54
N PRO J 150 17.72 21.09 25.24
CA PRO J 150 17.55 22.12 26.27
C PRO J 150 16.33 21.92 27.16
N PHE J 151 16.54 22.08 28.46
CA PHE J 151 15.48 21.97 29.48
C PHE J 151 14.84 20.59 29.51
N ASN J 152 15.54 19.59 28.95
CA ASN J 152 15.02 18.24 28.88
C ASN J 152 13.78 18.14 28.00
N ALA J 153 13.57 19.11 27.09
CA ALA J 153 12.51 18.98 26.07
C ALA J 153 12.59 17.64 25.37
N SER J 154 11.46 17.03 25.10
CA SER J 154 11.46 15.79 24.30
C SER J 154 11.64 16.06 22.81
N VAL J 155 11.22 17.25 22.36
CA VAL J 155 11.27 17.63 20.94
C VAL J 155 11.62 19.11 20.86
N GLU J 156 12.40 19.44 19.84
CA GLU J 156 12.69 20.80 19.43
C GLU J 156 12.56 20.85 17.91
N ILE J 157 11.96 21.89 17.39
CA ILE J 157 11.75 22.00 15.95
C ILE J 157 12.04 23.42 15.49
N ASP J 158 12.84 23.59 14.45
CA ASP J 158 13.05 24.90 13.82
C ASP J 158 12.38 24.94 12.47
N ALA J 159 12.37 26.10 11.83
CA ALA J 159 11.66 26.25 10.56
C ALA J 159 12.25 27.33 9.66
N ILE J 160 12.00 27.16 8.37
CA ILE J 160 12.26 28.14 7.35
C ILE J 160 10.95 28.31 6.61
N VAL J 161 10.49 29.54 6.52
CA VAL J 161 9.18 29.85 5.96
C VAL J 161 9.34 30.97 4.92
N GLU J 162 8.77 30.77 3.74
CA GLU J 162 8.78 31.80 2.73
C GLU J 162 7.58 32.69 3.00
N ILE J 163 7.80 34.00 2.96
CA ILE J 163 6.79 34.96 3.39
C ILE J 163 6.55 36.07 2.37
N ASP J 164 5.46 36.81 2.57
CA ASP J 164 5.29 38.17 2.01
C ASP J 164 6.03 39.21 2.86
N THR K 2 -22.69 -61.56 -8.88
CA THR K 2 -24.16 -61.32 -8.72
C THR K 2 -24.47 -59.82 -8.62
N GLU K 3 -24.01 -59.17 -7.55
CA GLU K 3 -24.35 -57.75 -7.36
C GLU K 3 -23.64 -56.90 -8.41
N ASN K 4 -22.59 -57.43 -9.01
CA ASN K 4 -21.96 -56.75 -10.14
C ASN K 4 -22.76 -56.88 -11.44
N LEU K 5 -23.55 -57.95 -11.55
CA LEU K 5 -24.47 -58.12 -12.67
C LEU K 5 -25.63 -57.14 -12.51
N TYR K 6 -26.05 -56.95 -11.26
CA TYR K 6 -27.07 -55.97 -10.93
C TYR K 6 -26.64 -54.57 -11.38
N PHE K 7 -25.41 -54.19 -11.06
CA PHE K 7 -24.91 -52.87 -11.42
C PHE K 7 -24.71 -52.75 -12.91
N GLN K 8 -24.18 -53.80 -13.55
CA GLN K 8 -24.11 -53.86 -15.03
C GLN K 8 -25.51 -53.65 -15.65
N GLY K 9 -26.52 -54.31 -15.07
CA GLY K 9 -27.90 -54.19 -15.52
C GLY K 9 -28.44 -52.77 -15.37
N MSE K 10 -28.23 -52.20 -14.18
CA MSE K 10 -28.64 -50.83 -13.90
C MSE K 10 -28.02 -49.86 -14.91
O MSE K 10 -28.69 -48.96 -15.39
CB MSE K 10 -28.20 -50.42 -12.49
CG MSE K 10 -29.20 -50.70 -11.40
SE MSE K 10 -28.67 -49.90 -9.67
CE MSE K 10 -28.71 -47.97 -10.12
N SER K 11 -26.74 -50.06 -15.24
CA SER K 11 -26.05 -49.22 -16.24
C SER K 11 -26.67 -49.36 -17.61
N ASP K 12 -26.93 -50.61 -17.99
CA ASP K 12 -27.62 -50.93 -19.24
C ASP K 12 -28.96 -50.21 -19.37
N VAL K 13 -29.73 -50.16 -18.28
CA VAL K 13 -31.04 -49.51 -18.28
C VAL K 13 -30.86 -48.01 -18.49
N ILE K 14 -29.89 -47.44 -17.82
CA ILE K 14 -29.64 -45.97 -17.95
C ILE K 14 -29.26 -45.62 -19.39
N GLU K 15 -28.31 -46.35 -19.94
CA GLU K 15 -27.86 -46.10 -21.32
C GLU K 15 -28.95 -46.41 -22.34
N GLY K 16 -29.76 -47.41 -22.07
CA GLY K 16 -30.90 -47.69 -22.92
C GLY K 16 -31.96 -46.62 -22.89
N ARG K 17 -32.23 -46.03 -21.72
CA ARG K 17 -33.20 -44.95 -21.66
C ARG K 17 -32.66 -43.76 -22.49
N LEU K 18 -31.36 -43.56 -22.48
CA LEU K 18 -30.77 -42.44 -23.24
C LEU K 18 -30.93 -42.65 -24.75
N LYS K 19 -30.72 -43.89 -25.20
CA LYS K 19 -30.99 -44.25 -26.61
C LYS K 19 -32.45 -44.09 -26.99
N GLU K 20 -33.38 -44.33 -26.07
CA GLU K 20 -34.80 -44.07 -26.31
C GLU K 20 -35.11 -42.56 -26.50
N LEU K 21 -34.29 -41.69 -25.90
CA LEU K 21 -34.37 -40.25 -26.14
C LEU K 21 -33.64 -39.81 -27.42
N GLY K 22 -32.92 -40.71 -28.06
CA GLY K 22 -32.28 -40.42 -29.35
C GLY K 22 -30.78 -40.23 -29.33
N PHE K 23 -30.17 -40.47 -28.17
CA PHE K 23 -28.75 -40.22 -27.99
C PHE K 23 -27.96 -41.48 -27.64
N THR K 24 -26.79 -41.64 -28.26
CA THR K 24 -25.76 -42.55 -27.78
C THR K 24 -24.63 -41.75 -27.10
N LEU K 25 -23.96 -42.36 -26.11
CA LEU K 25 -22.80 -41.73 -25.45
C LEU K 25 -21.55 -41.66 -26.34
N PRO K 26 -20.95 -40.47 -26.47
CA PRO K 26 -19.72 -40.40 -27.24
C PRO K 26 -18.58 -41.07 -26.50
N ASN K 34 -3.55 -29.86 -19.16
CA ASN K 34 -3.32 -29.38 -17.77
C ASN K 34 -4.60 -29.22 -16.92
N TYR K 35 -5.74 -29.22 -17.61
CA TYR K 35 -7.03 -29.47 -16.96
C TYR K 35 -7.61 -30.77 -17.52
N VAL K 36 -8.43 -31.39 -16.70
CA VAL K 36 -8.98 -32.69 -16.96
C VAL K 36 -10.51 -32.60 -17.04
N PRO K 37 -11.16 -33.60 -17.69
CA PRO K 37 -12.63 -33.64 -17.79
C PRO K 37 -13.37 -33.83 -16.46
N PHE K 38 -12.67 -34.40 -15.48
CA PHE K 38 -13.23 -34.63 -14.16
C PHE K 38 -12.17 -34.87 -13.11
N THR K 39 -12.57 -34.59 -11.87
CA THR K 39 -11.77 -34.94 -10.68
C THR K 39 -12.69 -35.57 -9.65
N ILE K 40 -12.11 -36.32 -8.72
CA ILE K 40 -12.87 -36.91 -7.64
C ILE K 40 -12.27 -36.51 -6.31
N SER K 41 -13.11 -36.06 -5.39
CA SER K 41 -12.69 -35.83 -4.00
C SER K 41 -13.69 -36.51 -3.08
N GLY K 42 -13.21 -37.51 -2.35
CA GLY K 42 -14.11 -38.33 -1.52
C GLY K 42 -15.11 -39.02 -2.45
N ASN K 43 -16.39 -38.78 -2.23
CA ASN K 43 -17.41 -39.38 -3.07
C ASN K 43 -18.09 -38.34 -3.96
N LEU K 44 -17.40 -37.25 -4.22
CA LEU K 44 -17.92 -36.24 -5.15
C LEU K 44 -17.08 -36.22 -6.42
N LEU K 45 -17.79 -36.19 -7.54
CA LEU K 45 -17.22 -36.21 -8.86
C LEU K 45 -17.53 -34.84 -9.44
N TYR K 46 -16.49 -34.05 -9.67
CA TYR K 46 -16.55 -32.76 -10.36
C TYR K 46 -16.27 -32.92 -11.85
N VAL K 47 -17.28 -32.63 -12.67
CA VAL K 47 -17.15 -32.77 -14.11
C VAL K 47 -16.96 -31.34 -14.67
N SER K 48 -15.95 -31.19 -15.52
CA SER K 48 -15.67 -29.93 -16.25
C SER K 48 -16.85 -29.49 -17.14
N GLY K 49 -16.95 -28.19 -17.41
CA GLY K 49 -17.95 -27.71 -18.37
C GLY K 49 -17.89 -28.47 -19.68
N GLN K 50 -19.04 -29.03 -20.05
CA GLN K 50 -19.22 -29.73 -21.31
C GLN K 50 -19.97 -28.84 -22.29
N LEU K 51 -19.54 -28.93 -23.53
CA LEU K 51 -20.11 -28.20 -24.67
C LEU K 51 -21.07 -29.16 -25.42
N PRO K 52 -21.86 -28.64 -26.36
CA PRO K 52 -22.81 -29.50 -27.06
C PRO K 52 -22.15 -30.23 -28.21
N MSE K 53 -21.26 -31.15 -27.87
CA MSE K 53 -20.51 -32.00 -28.83
C MSE K 53 -21.36 -33.13 -29.37
O MSE K 53 -21.96 -33.86 -28.61
CB MSE K 53 -19.30 -32.67 -28.17
CG MSE K 53 -18.34 -31.75 -27.50
SE MSE K 53 -17.79 -30.42 -28.82
CE MSE K 53 -16.66 -31.52 -29.96
N GLU K 54 -21.38 -33.26 -30.68
CA GLU K 54 -22.05 -34.35 -31.35
C GLU K 54 -21.16 -34.71 -32.55
N SER K 55 -20.80 -35.99 -32.68
CA SER K 55 -19.97 -36.45 -33.79
C SER K 55 -18.66 -35.68 -33.86
N GLY K 56 -18.08 -35.37 -32.70
CA GLY K 56 -16.86 -34.58 -32.63
C GLY K 56 -16.91 -33.10 -32.98
N LYS K 57 -18.10 -32.51 -33.05
CA LYS K 57 -18.29 -31.12 -33.46
C LYS K 57 -19.21 -30.40 -32.49
N ILE K 58 -19.02 -29.09 -32.33
CA ILE K 58 -19.99 -28.28 -31.57
C ILE K 58 -21.28 -28.15 -32.42
N ALA K 59 -22.34 -28.80 -31.95
CA ALA K 59 -23.58 -28.95 -32.71
C ALA K 59 -24.44 -27.71 -32.79
N VAL K 60 -24.32 -26.82 -31.79
CA VAL K 60 -25.20 -25.68 -31.67
C VAL K 60 -24.35 -24.48 -31.23
N THR K 61 -24.29 -23.47 -32.09
CA THR K 61 -23.42 -22.30 -31.84
C THR K 61 -24.19 -20.99 -31.96
N GLY K 62 -23.66 -19.96 -31.32
CA GLY K 62 -24.25 -18.64 -31.33
C GLY K 62 -25.10 -18.34 -30.10
N LEU K 63 -25.66 -17.14 -30.12
CA LEU K 63 -26.36 -16.59 -28.96
C LEU K 63 -27.84 -16.95 -28.99
N VAL K 64 -28.37 -17.39 -27.86
CA VAL K 64 -29.80 -17.66 -27.76
C VAL K 64 -30.51 -16.32 -27.74
N GLY K 65 -31.54 -16.19 -28.59
CA GLY K 65 -32.24 -14.92 -28.79
C GLY K 65 -31.73 -14.13 -29.99
N ARG K 66 -30.68 -14.65 -30.66
CA ARG K 66 -30.13 -14.01 -31.85
C ARG K 66 -29.90 -15.07 -32.95
N ASP K 67 -29.02 -16.03 -32.66
CA ASP K 67 -28.66 -17.07 -33.61
C ASP K 67 -29.44 -18.36 -33.44
N VAL K 68 -29.91 -18.62 -32.23
CA VAL K 68 -30.53 -19.90 -31.83
C VAL K 68 -31.80 -19.59 -31.04
N ASP K 69 -32.85 -20.36 -31.28
CA ASP K 69 -34.07 -20.24 -30.50
C ASP K 69 -34.05 -21.20 -29.31
N VAL K 70 -35.10 -21.15 -28.49
CA VAL K 70 -35.14 -21.97 -27.26
C VAL K 70 -35.06 -23.46 -27.58
N ALA K 71 -35.85 -23.92 -28.56
CA ALA K 71 -35.87 -25.35 -28.93
C ALA K 71 -34.46 -25.86 -29.33
N SER K 72 -33.74 -25.09 -30.16
CA SER K 72 -32.41 -25.47 -30.55
C SER K 72 -31.43 -25.42 -29.37
N ALA K 73 -31.61 -24.45 -28.48
CA ALA K 73 -30.75 -24.32 -27.31
C ALA K 73 -31.01 -25.47 -26.32
N GLN K 74 -32.27 -25.90 -26.25
CA GLN K 74 -32.61 -27.07 -25.43
C GLN K 74 -31.87 -28.33 -25.91
N ARG K 75 -31.78 -28.54 -27.23
CA ARG K 75 -30.99 -29.62 -27.81
C ARG K 75 -29.53 -29.43 -27.46
N ALA K 76 -29.03 -28.20 -27.55
CA ALA K 76 -27.69 -27.92 -27.08
C ALA K 76 -27.49 -28.42 -25.63
N ALA K 77 -28.45 -28.09 -24.76
CA ALA K 77 -28.32 -28.48 -23.35
C ALA K 77 -28.37 -30.00 -23.22
N GLU K 78 -29.24 -30.63 -23.97
CA GLU K 78 -29.31 -32.10 -24.01
C GLU K 78 -27.94 -32.70 -24.37
N LEU K 79 -27.30 -32.17 -25.42
CA LEU K 79 -25.97 -32.62 -25.81
C LEU K 79 -24.92 -32.41 -24.73
N CYS K 80 -24.90 -31.22 -24.12
CA CYS K 80 -24.06 -30.98 -22.94
C CYS K 80 -24.26 -32.07 -21.88
N ALA K 81 -25.53 -32.41 -21.61
CA ALA K 81 -25.88 -33.43 -20.57
C ALA K 81 -25.39 -34.81 -20.99
N VAL K 82 -25.54 -35.14 -22.26
CA VAL K 82 -25.01 -36.42 -22.78
C VAL K 82 -23.50 -36.49 -22.62
N ASN K 83 -22.81 -35.39 -22.88
CA ASN K 83 -21.37 -35.32 -22.69
C ASN K 83 -20.97 -35.42 -21.21
N ILE K 84 -21.76 -34.80 -20.32
CA ILE K 84 -21.54 -34.96 -18.87
C ILE K 84 -21.62 -36.48 -18.54
N LEU K 85 -22.68 -37.13 -19.01
CA LEU K 85 -22.88 -38.56 -18.70
C LEU K 85 -21.71 -39.42 -19.23
N ALA K 86 -21.18 -39.04 -20.40
CA ALA K 86 -20.03 -39.70 -20.98
C ALA K 86 -18.85 -39.64 -20.04
N GLN K 87 -18.59 -38.46 -19.48
CA GLN K 87 -17.49 -38.28 -18.54
C GLN K 87 -17.73 -39.03 -17.23
N VAL K 88 -18.96 -39.00 -16.73
CA VAL K 88 -19.27 -39.75 -15.52
C VAL K 88 -19.08 -41.26 -15.72
N LYS K 89 -19.50 -41.77 -16.87
CA LYS K 89 -19.32 -43.18 -17.15
C LYS K 89 -17.84 -43.55 -17.12
N ALA K 90 -17.01 -42.75 -17.80
CA ALA K 90 -15.54 -42.92 -17.78
C ALA K 90 -14.95 -42.84 -16.36
N ALA K 91 -15.39 -41.84 -15.59
CA ALA K 91 -15.01 -41.69 -14.18
C ALA K 91 -15.33 -42.93 -13.34
N LEU K 92 -16.43 -43.60 -13.66
CA LEU K 92 -16.96 -44.72 -12.87
C LEU K 92 -16.65 -46.05 -13.51
N ASN K 93 -15.65 -46.03 -14.39
CA ASN K 93 -15.15 -47.22 -15.07
C ASN K 93 -16.20 -48.01 -15.83
N GLY K 94 -17.14 -47.32 -16.43
CA GLY K 94 -18.14 -47.96 -17.28
C GLY K 94 -19.50 -48.08 -16.65
N ASP K 95 -19.60 -47.69 -15.38
CA ASP K 95 -20.81 -47.94 -14.59
C ASP K 95 -21.62 -46.71 -14.14
N LEU K 96 -22.55 -46.26 -14.96
CA LEU K 96 -23.43 -45.14 -14.61
C LEU K 96 -24.34 -45.45 -13.39
N SER K 97 -24.45 -46.71 -13.01
CA SER K 97 -25.22 -47.13 -11.82
C SER K 97 -24.48 -46.77 -10.50
N LYS K 98 -23.19 -46.48 -10.60
CA LYS K 98 -22.46 -45.96 -9.45
C LYS K 98 -22.77 -44.45 -9.14
N ILE K 99 -23.63 -43.81 -9.93
CA ILE K 99 -24.18 -42.49 -9.55
C ILE K 99 -25.17 -42.61 -8.41
N ARG K 100 -24.86 -41.98 -7.27
CA ARG K 100 -25.81 -41.90 -6.13
C ARG K 100 -26.81 -40.76 -6.29
N ARG K 101 -26.35 -39.61 -6.78
CA ARG K 101 -27.18 -38.42 -6.84
C ARG K 101 -26.43 -37.39 -7.68
N VAL K 102 -27.09 -36.86 -8.70
CA VAL K 102 -26.58 -35.63 -9.36
C VAL K 102 -26.86 -34.47 -8.40
N ILE K 103 -25.78 -33.94 -7.81
CA ILE K 103 -25.87 -32.89 -6.79
C ILE K 103 -26.22 -31.51 -7.36
N LYS K 104 -25.50 -31.10 -8.39
CA LYS K 104 -25.64 -29.75 -8.95
C LYS K 104 -25.29 -29.75 -10.41
N LEU K 105 -26.06 -29.00 -11.21
CA LEU K 105 -25.65 -28.61 -12.58
C LEU K 105 -25.55 -27.10 -12.61
N ASN K 106 -24.49 -26.59 -13.23
CA ASN K 106 -24.40 -25.16 -13.57
C ASN K 106 -24.57 -25.00 -15.06
N GLY K 107 -25.66 -24.37 -15.46
CA GLY K 107 -26.00 -24.21 -16.85
C GLY K 107 -25.72 -22.80 -17.32
N PHE K 108 -24.75 -22.69 -18.21
CA PHE K 108 -24.31 -21.43 -18.77
C PHE K 108 -24.87 -21.32 -20.20
N VAL K 109 -25.68 -20.28 -20.46
CA VAL K 109 -26.37 -20.14 -21.76
C VAL K 109 -25.91 -18.82 -22.44
N ALA K 110 -25.26 -18.93 -23.59
CA ALA K 110 -24.81 -17.74 -24.36
C ALA K 110 -26.09 -17.03 -24.80
N SER K 111 -26.24 -15.79 -24.35
CA SER K 111 -27.52 -15.05 -24.40
C SER K 111 -27.35 -13.61 -24.88
N VAL K 112 -28.25 -13.12 -25.71
CA VAL K 112 -28.39 -11.66 -25.83
C VAL K 112 -29.08 -11.13 -24.57
N PRO K 113 -28.85 -9.85 -24.22
CA PRO K 113 -29.42 -9.35 -22.95
C PRO K 113 -30.96 -9.33 -22.86
N GLU K 114 -31.66 -9.44 -23.98
CA GLU K 114 -33.11 -9.55 -23.98
C GLU K 114 -33.58 -11.01 -23.78
N PHE K 115 -32.69 -11.98 -23.88
CA PHE K 115 -33.10 -13.34 -23.70
C PHE K 115 -33.09 -13.62 -22.21
N VAL K 116 -34.26 -14.05 -21.71
CA VAL K 116 -34.45 -14.31 -20.26
C VAL K 116 -35.09 -15.68 -19.95
N GLU K 117 -34.88 -16.66 -20.83
CA GLU K 117 -35.42 -18.02 -20.63
C GLU K 117 -34.32 -19.10 -20.53
N GLN K 118 -33.21 -18.73 -19.87
CA GLN K 118 -32.13 -19.69 -19.63
C GLN K 118 -32.60 -20.93 -18.88
N HIS K 119 -33.57 -20.75 -17.98
CA HIS K 119 -34.15 -21.89 -17.24
C HIS K 119 -34.82 -22.88 -18.18
N LEU K 120 -35.52 -22.40 -19.19
CA LEU K 120 -36.11 -23.29 -20.20
C LEU K 120 -35.06 -24.01 -21.04
N VAL K 121 -33.99 -23.31 -21.38
CA VAL K 121 -32.89 -23.94 -22.09
C VAL K 121 -32.27 -25.06 -21.27
N ILE K 122 -31.94 -24.80 -20.01
CA ILE K 122 -31.26 -25.79 -19.18
C ILE K 122 -32.22 -26.96 -18.84
N ASN K 123 -33.54 -26.72 -18.94
CA ASN K 123 -34.55 -27.79 -18.78
C ASN K 123 -34.25 -28.91 -19.75
N GLY K 124 -33.69 -28.59 -20.93
CA GLY K 124 -33.20 -29.61 -21.87
C GLY K 124 -32.29 -30.64 -21.20
N ALA K 125 -31.29 -30.16 -20.46
CA ALA K 125 -30.36 -31.02 -19.72
C ALA K 125 -31.06 -31.66 -18.52
N SER K 126 -31.77 -30.87 -17.72
CA SER K 126 -32.36 -31.35 -16.46
C SER K 126 -33.36 -32.46 -16.73
N ASN K 127 -34.18 -32.28 -17.75
CA ASN K 127 -35.18 -33.28 -18.12
C ASN K 127 -34.53 -34.59 -18.60
N LEU K 128 -33.49 -34.50 -19.41
CA LEU K 128 -32.79 -35.67 -19.92
C LEU K 128 -32.12 -36.48 -18.76
N ILE K 129 -31.42 -35.76 -17.90
CA ILE K 129 -30.75 -36.34 -16.76
C ILE K 129 -31.74 -37.04 -15.82
N ALA K 130 -32.84 -36.36 -15.50
CA ALA K 130 -33.83 -36.92 -14.58
C ALA K 130 -34.53 -38.11 -15.23
N THR K 131 -34.76 -38.02 -16.55
CA THR K 131 -35.39 -39.09 -17.30
C THR K 131 -34.54 -40.37 -17.33
N VAL K 132 -33.24 -40.25 -17.57
CA VAL K 132 -32.41 -41.43 -17.70
C VAL K 132 -31.95 -42.00 -16.35
N LEU K 133 -31.83 -41.16 -15.32
CA LEU K 133 -31.38 -41.61 -14.00
C LEU K 133 -32.50 -41.83 -12.99
N GLY K 134 -33.69 -41.31 -13.27
CA GLY K 134 -34.78 -41.33 -12.29
C GLY K 134 -34.50 -40.42 -11.11
N GLU K 135 -35.01 -40.77 -9.93
CA GLU K 135 -34.94 -39.87 -8.78
C GLU K 135 -33.52 -39.39 -8.45
N PRO K 136 -32.51 -40.28 -8.52
CA PRO K 136 -31.12 -39.85 -8.33
C PRO K 136 -30.64 -38.75 -9.31
N GLY K 137 -31.31 -38.63 -10.46
CA GLY K 137 -31.00 -37.58 -11.43
C GLY K 137 -31.42 -36.18 -11.03
N ARG K 138 -32.31 -36.05 -10.04
CA ARG K 138 -32.86 -34.74 -9.69
C ARG K 138 -31.85 -33.94 -8.88
N HIS K 139 -31.61 -32.72 -9.32
CA HIS K 139 -30.40 -31.96 -8.94
C HIS K 139 -30.71 -30.53 -8.61
N ALA K 140 -29.84 -29.92 -7.81
CA ALA K 140 -29.84 -28.48 -7.65
C ALA K 140 -29.26 -27.88 -8.95
N ARG K 141 -29.49 -26.59 -9.14
CA ARG K 141 -29.14 -26.00 -10.40
C ARG K 141 -28.94 -24.49 -10.32
N ALA K 142 -28.13 -23.97 -11.24
CA ALA K 142 -28.14 -22.54 -11.58
C ALA K 142 -28.26 -22.48 -13.09
N ALA K 143 -28.96 -21.45 -13.59
CA ALA K 143 -29.12 -21.23 -15.02
C ALA K 143 -28.89 -19.73 -15.27
N VAL K 144 -27.89 -19.38 -16.09
CA VAL K 144 -27.45 -17.99 -16.19
C VAL K 144 -27.10 -17.65 -17.62
N GLY K 145 -27.17 -16.37 -17.93
CA GLY K 145 -26.90 -15.89 -19.29
C GLY K 145 -25.53 -15.27 -19.41
N MSE K 146 -24.76 -15.84 -20.34
CA MSE K 146 -23.34 -15.52 -20.58
C MSE K 146 -23.20 -14.64 -21.82
O MSE K 146 -24.03 -14.69 -22.75
CB MSE K 146 -22.55 -16.80 -20.84
CG MSE K 146 -21.82 -17.43 -19.71
SE MSE K 146 -22.95 -17.62 -18.13
CE MSE K 146 -21.51 -18.18 -16.82
N ALA K 147 -22.09 -13.92 -21.93
CA ALA K 147 -21.87 -13.04 -23.09
C ALA K 147 -21.51 -13.89 -24.32
N SER K 148 -20.82 -15.00 -24.05
CA SER K 148 -20.34 -15.93 -25.08
C SER K 148 -19.67 -17.09 -24.37
N LEU K 149 -19.36 -18.11 -25.15
CA LEU K 149 -18.77 -19.36 -24.61
C LEU K 149 -17.69 -19.86 -25.56
N PRO K 150 -16.77 -20.71 -25.06
CA PRO K 150 -15.77 -21.33 -25.92
C PRO K 150 -16.31 -21.98 -27.18
N PHE K 151 -15.60 -21.75 -28.29
CA PHE K 151 -15.96 -22.29 -29.61
C PHE K 151 -17.34 -21.84 -30.12
N ASN K 152 -17.85 -20.76 -29.51
CA ASN K 152 -19.16 -20.21 -29.82
C ASN K 152 -20.27 -21.18 -29.44
N ALA K 153 -20.02 -22.07 -28.48
CA ALA K 153 -21.08 -22.95 -27.99
C ALA K 153 -22.26 -22.10 -27.48
N SER K 154 -23.50 -22.56 -27.72
CA SER K 154 -24.67 -21.87 -27.20
C SER K 154 -24.89 -22.14 -25.70
N VAL K 155 -24.42 -23.31 -25.25
CA VAL K 155 -24.61 -23.77 -23.86
C VAL K 155 -23.34 -24.54 -23.41
N GLU K 156 -22.96 -24.34 -22.16
CA GLU K 156 -21.92 -25.11 -21.48
C GLU K 156 -22.49 -25.50 -20.11
N ILE K 157 -22.29 -26.74 -19.70
CA ILE K 157 -22.85 -27.19 -18.43
C ILE K 157 -21.82 -28.01 -17.67
N ASP K 158 -21.62 -27.67 -16.39
CA ASP K 158 -20.75 -28.47 -15.52
C ASP K 158 -21.61 -29.20 -14.50
N ALA K 159 -21.00 -30.11 -13.76
CA ALA K 159 -21.75 -30.95 -12.82
C ALA K 159 -20.92 -31.38 -11.62
N ILE K 160 -21.64 -31.59 -10.51
CA ILE K 160 -21.12 -32.26 -9.33
C ILE K 160 -22.06 -33.45 -9.09
N VAL K 161 -21.46 -34.63 -8.98
CA VAL K 161 -22.19 -35.89 -8.88
C VAL K 161 -21.68 -36.67 -7.64
N GLU K 162 -22.60 -37.08 -6.77
CA GLU K 162 -22.22 -37.98 -5.68
C GLU K 162 -22.21 -39.40 -6.21
N ILE K 163 -21.12 -40.13 -5.95
CA ILE K 163 -20.89 -41.44 -6.55
C ILE K 163 -20.58 -42.52 -5.51
N ASP K 164 -20.84 -43.77 -5.85
CA ASP K 164 -20.45 -44.93 -5.02
C ASP K 164 -18.95 -45.19 -5.17
N VAL K 165 -18.22 -45.05 -4.08
CA VAL K 165 -16.76 -45.09 -4.11
C VAL K 165 -16.21 -46.08 -3.10
N THR L 2 -10.48 45.35 -53.64
CA THR L 2 -11.19 46.04 -52.52
C THR L 2 -12.36 45.22 -51.97
N GLU L 3 -13.26 44.78 -52.85
CA GLU L 3 -14.27 43.84 -52.42
C GLU L 3 -13.53 42.54 -52.13
N ASN L 4 -12.49 42.24 -52.92
CA ASN L 4 -11.65 41.09 -52.64
C ASN L 4 -10.91 41.25 -51.29
N LEU L 5 -10.45 42.46 -51.01
CA LEU L 5 -9.77 42.74 -49.73
C LEU L 5 -10.72 42.57 -48.55
N TYR L 6 -11.97 42.96 -48.75
CA TYR L 6 -13.02 42.84 -47.75
C TYR L 6 -13.32 41.36 -47.39
N PHE L 7 -13.45 40.52 -48.41
CA PHE L 7 -13.63 39.08 -48.23
C PHE L 7 -12.39 38.45 -47.60
N GLN L 8 -11.20 38.85 -48.06
CA GLN L 8 -9.97 38.41 -47.43
C GLN L 8 -9.96 38.81 -45.95
N GLY L 9 -10.46 40.01 -45.65
CA GLY L 9 -10.54 40.50 -44.28
C GLY L 9 -11.46 39.62 -43.44
N MSE L 10 -12.68 39.44 -43.93
CA MSE L 10 -13.67 38.58 -43.26
C MSE L 10 -13.13 37.18 -43.00
O MSE L 10 -13.41 36.60 -41.97
CB MSE L 10 -14.93 38.45 -44.10
CG MSE L 10 -15.97 39.50 -43.85
SE MSE L 10 -17.61 39.11 -44.85
CE MSE L 10 -17.98 37.28 -44.20
N SER L 11 -12.38 36.64 -43.95
CA SER L 11 -11.80 35.29 -43.79
C SER L 11 -10.76 35.29 -42.69
N ASP L 12 -9.96 36.37 -42.63
CA ASP L 12 -8.96 36.49 -41.58
C ASP L 12 -9.63 36.50 -40.20
N VAL L 13 -10.77 37.19 -40.10
CA VAL L 13 -11.50 37.35 -38.84
C VAL L 13 -12.04 35.98 -38.40
N ILE L 14 -12.59 35.24 -39.36
CA ILE L 14 -13.10 33.87 -39.06
C ILE L 14 -11.96 32.95 -38.56
N GLU L 15 -10.87 32.88 -39.30
CA GLU L 15 -9.74 32.06 -38.88
C GLU L 15 -9.09 32.55 -37.60
N GLY L 16 -9.06 33.87 -37.39
CA GLY L 16 -8.56 34.41 -36.14
C GLY L 16 -9.39 34.02 -34.95
N ARG L 17 -10.71 34.04 -35.12
CA ARG L 17 -11.61 33.61 -34.04
C ARG L 17 -11.39 32.13 -33.69
N LEU L 18 -11.17 31.32 -34.71
CA LEU L 18 -10.90 29.89 -34.50
C LEU L 18 -9.58 29.72 -33.71
N LYS L 19 -8.55 30.48 -34.06
CA LYS L 19 -7.31 30.49 -33.27
C LYS L 19 -7.52 30.92 -31.81
N GLU L 20 -8.42 31.87 -31.59
CA GLU L 20 -8.77 32.29 -30.23
C GLU L 20 -9.43 31.15 -29.45
N LEU L 21 -10.11 30.24 -30.15
CA LEU L 21 -10.65 29.01 -29.52
C LEU L 21 -9.61 27.90 -29.34
N GLY L 22 -8.43 28.06 -29.92
CA GLY L 22 -7.33 27.15 -29.72
C GLY L 22 -7.03 26.25 -30.90
N PHE L 23 -7.70 26.48 -32.03
CA PHE L 23 -7.50 25.64 -33.20
C PHE L 23 -6.90 26.41 -34.40
N THR L 24 -5.98 25.74 -35.07
CA THR L 24 -5.59 26.15 -36.41
C THR L 24 -6.18 25.16 -37.42
N LEU L 25 -6.39 25.61 -38.65
CA LEU L 25 -6.96 24.76 -39.68
C LEU L 25 -5.88 23.83 -40.23
N PRO L 26 -6.17 22.53 -40.30
CA PRO L 26 -5.21 21.66 -40.97
C PRO L 26 -5.26 21.88 -42.47
N VAL L 27 -4.24 21.39 -43.17
CA VAL L 27 -4.33 21.29 -44.63
C VAL L 27 -5.38 20.22 -45.01
N ALA L 32 -6.43 10.98 -52.64
CA ALA L 32 -6.86 10.62 -54.01
C ALA L 32 -7.79 9.39 -53.99
N ALA L 33 -9.10 9.60 -54.19
CA ALA L 33 -10.07 8.51 -54.05
C ALA L 33 -11.33 8.67 -54.92
N ASN L 34 -12.14 7.61 -54.97
CA ASN L 34 -13.42 7.62 -55.69
C ASN L 34 -14.55 8.37 -54.97
N TYR L 35 -14.31 8.69 -53.71
CA TYR L 35 -15.10 9.69 -53.00
C TYR L 35 -14.20 10.89 -52.70
N VAL L 36 -14.84 12.03 -52.65
CA VAL L 36 -14.16 13.29 -52.47
C VAL L 36 -14.59 13.96 -51.15
N PRO L 37 -13.75 14.87 -50.63
CA PRO L 37 -14.09 15.59 -49.41
C PRO L 37 -15.30 16.51 -49.49
N PHE L 38 -15.64 16.96 -50.70
CA PHE L 38 -16.77 17.83 -50.90
C PHE L 38 -17.20 17.84 -52.37
N THR L 39 -18.46 18.14 -52.56
CA THR L 39 -19.04 18.42 -53.89
C THR L 39 -19.86 19.70 -53.81
N ILE L 40 -20.08 20.33 -54.96
CA ILE L 40 -20.92 21.51 -55.07
C ILE L 40 -22.01 21.27 -56.09
N SER L 41 -23.22 21.62 -55.72
CA SER L 41 -24.34 21.63 -56.65
C SER L 41 -25.04 22.96 -56.48
N GLY L 42 -25.06 23.79 -57.53
CA GLY L 42 -25.59 25.12 -57.39
C GLY L 42 -24.82 25.91 -56.37
N ASN L 43 -25.51 26.45 -55.39
CA ASN L 43 -24.82 27.17 -54.32
C ASN L 43 -24.81 26.38 -53.02
N LEU L 44 -24.95 25.06 -53.13
CA LEU L 44 -24.88 24.17 -51.94
C LEU L 44 -23.59 23.37 -51.98
N LEU L 45 -22.85 23.42 -50.89
CA LEU L 45 -21.63 22.67 -50.73
C LEU L 45 -21.90 21.51 -49.77
N TYR L 46 -21.63 20.31 -50.24
CA TYR L 46 -21.79 19.06 -49.47
C TYR L 46 -20.44 18.59 -49.01
N VAL L 47 -20.22 18.60 -47.69
CA VAL L 47 -18.95 18.23 -47.12
C VAL L 47 -19.10 16.79 -46.58
N SER L 48 -18.13 15.95 -46.95
CA SER L 48 -18.08 14.54 -46.51
C SER L 48 -17.90 14.45 -44.99
N GLY L 49 -18.36 13.35 -44.38
CA GLY L 49 -18.21 13.15 -42.95
C GLY L 49 -16.78 13.34 -42.53
N GLN L 50 -16.56 14.23 -41.58
CA GLN L 50 -15.23 14.50 -41.08
C GLN L 50 -15.06 13.83 -39.70
N LEU L 51 -13.85 13.37 -39.48
CA LEU L 51 -13.38 12.72 -38.24
C LEU L 51 -12.56 13.71 -37.37
N PRO L 52 -12.36 13.37 -36.08
CA PRO L 52 -11.68 14.31 -35.21
C PRO L 52 -10.17 14.28 -35.41
N MSE L 53 -9.73 14.73 -36.61
CA MSE L 53 -8.33 14.71 -37.00
C MSE L 53 -7.59 15.87 -36.39
O MSE L 53 -8.05 17.00 -36.48
CB MSE L 53 -8.17 14.86 -38.49
CG MSE L 53 -8.88 13.89 -39.28
SE MSE L 53 -8.26 12.10 -38.90
CE MSE L 53 -8.76 11.43 -40.71
N GLU L 54 -6.44 15.54 -35.82
CA GLU L 54 -5.55 16.52 -35.24
C GLU L 54 -4.13 16.04 -35.48
N SER L 55 -3.31 16.91 -36.07
CA SER L 55 -1.96 16.53 -36.46
C SER L 55 -1.89 15.25 -37.25
N GLY L 56 -2.86 15.04 -38.13
CA GLY L 56 -2.86 13.85 -38.98
C GLY L 56 -3.30 12.54 -38.34
N LYS L 57 -3.74 12.61 -37.09
CA LYS L 57 -4.13 11.41 -36.34
C LYS L 57 -5.58 11.57 -35.87
N ILE L 58 -6.27 10.46 -35.69
CA ILE L 58 -7.60 10.51 -35.03
C ILE L 58 -7.35 10.78 -33.54
N ALA L 59 -7.74 11.96 -33.06
CA ALA L 59 -7.40 12.41 -31.72
C ALA L 59 -8.25 11.85 -30.58
N VAL L 60 -9.47 11.42 -30.89
CA VAL L 60 -10.42 10.95 -29.87
C VAL L 60 -11.13 9.70 -30.44
N THR L 61 -10.93 8.56 -29.77
CA THR L 61 -11.42 7.27 -30.25
C THR L 61 -12.19 6.49 -29.17
N GLY L 62 -13.09 5.64 -29.63
CA GLY L 62 -13.86 4.79 -28.76
C GLY L 62 -15.24 5.34 -28.51
N LEU L 63 -15.99 4.57 -27.74
CA LEU L 63 -17.40 4.86 -27.49
C LEU L 63 -17.66 5.88 -26.38
N VAL L 64 -18.51 6.86 -26.66
CA VAL L 64 -18.92 7.81 -25.62
C VAL L 64 -19.82 7.04 -24.64
N GLY L 65 -19.51 7.19 -23.36
CA GLY L 65 -20.17 6.45 -22.29
C GLY L 65 -19.41 5.20 -21.88
N ARG L 66 -18.30 4.92 -22.56
CA ARG L 66 -17.44 3.79 -22.22
C ARG L 66 -15.98 4.17 -22.22
N ASP L 67 -15.53 4.62 -23.37
CA ASP L 67 -14.12 4.98 -23.55
C ASP L 67 -13.85 6.47 -23.37
N VAL L 68 -14.85 7.29 -23.66
CA VAL L 68 -14.70 8.73 -23.59
C VAL L 68 -15.92 9.34 -22.92
N ASP L 69 -15.69 10.42 -22.20
CA ASP L 69 -16.74 11.17 -21.53
C ASP L 69 -17.29 12.28 -22.42
N VAL L 70 -18.28 13.01 -21.93
CA VAL L 70 -18.90 14.05 -22.75
C VAL L 70 -17.88 15.15 -23.11
N ALA L 71 -17.10 15.60 -22.16
CA ALA L 71 -16.11 16.65 -22.43
C ALA L 71 -15.14 16.24 -23.53
N SER L 72 -14.58 15.03 -23.44
CA SER L 72 -13.66 14.57 -24.46
C SER L 72 -14.36 14.45 -25.81
N ALA L 73 -15.59 13.94 -25.83
CA ALA L 73 -16.37 13.82 -27.05
C ALA L 73 -16.68 15.21 -27.68
N GLN L 74 -16.92 16.20 -26.83
CA GLN L 74 -17.12 17.56 -27.28
C GLN L 74 -15.88 18.07 -28.02
N ARG L 75 -14.68 17.81 -27.49
CA ARG L 75 -13.46 18.13 -28.20
C ARG L 75 -13.34 17.37 -29.52
N ALA L 76 -13.75 16.11 -29.55
CA ALA L 76 -13.84 15.38 -30.85
C ALA L 76 -14.75 16.13 -31.83
N ALA L 77 -15.90 16.60 -31.33
CA ALA L 77 -16.86 17.30 -32.17
C ALA L 77 -16.26 18.62 -32.66
N GLU L 78 -15.58 19.35 -31.78
CA GLU L 78 -14.87 20.57 -32.19
C GLU L 78 -13.89 20.27 -33.33
N LEU L 79 -13.10 19.19 -33.19
CA LEU L 79 -12.14 18.81 -34.22
C LEU L 79 -12.84 18.44 -35.54
N CYS L 80 -13.97 17.74 -35.45
CA CYS L 80 -14.72 17.39 -36.68
C CYS L 80 -15.08 18.69 -37.40
N ALA L 81 -15.52 19.67 -36.60
CA ALA L 81 -15.97 21.00 -37.07
C ALA L 81 -14.81 21.76 -37.71
N VAL L 82 -13.62 21.67 -37.10
CA VAL L 82 -12.41 22.30 -37.67
C VAL L 82 -12.05 21.71 -39.03
N ASN L 83 -12.18 20.41 -39.13
CA ASN L 83 -11.95 19.67 -40.36
C ASN L 83 -12.98 20.01 -41.43
N ILE L 84 -14.24 20.18 -41.02
CA ILE L 84 -15.27 20.65 -41.96
C ILE L 84 -14.84 22.03 -42.52
N LEU L 85 -14.46 22.92 -41.62
CA LEU L 85 -14.08 24.30 -42.03
C LEU L 85 -12.86 24.29 -42.97
N ALA L 86 -11.89 23.42 -42.73
CA ALA L 86 -10.75 23.26 -43.63
C ALA L 86 -11.24 22.87 -45.03
N GLN L 87 -12.19 21.93 -45.08
CA GLN L 87 -12.72 21.51 -46.37
C GLN L 87 -13.48 22.65 -47.07
N VAL L 88 -14.28 23.39 -46.32
CA VAL L 88 -15.01 24.52 -46.87
C VAL L 88 -14.05 25.59 -47.42
N LYS L 89 -12.99 25.86 -46.68
CA LYS L 89 -12.00 26.84 -47.11
C LYS L 89 -11.37 26.39 -48.42
N ALA L 90 -11.03 25.10 -48.52
CA ALA L 90 -10.53 24.51 -49.79
C ALA L 90 -11.54 24.64 -50.94
N ALA L 91 -12.80 24.26 -50.68
CA ALA L 91 -13.89 24.42 -51.65
C ALA L 91 -14.04 25.89 -52.09
N LEU L 92 -13.74 26.85 -51.21
CA LEU L 92 -14.00 28.25 -51.49
C LEU L 92 -12.73 29.01 -51.88
N ASN L 93 -11.73 28.26 -52.32
CA ASN L 93 -10.46 28.81 -52.78
C ASN L 93 -9.77 29.74 -51.77
N GLY L 94 -9.89 29.37 -50.50
CA GLY L 94 -9.22 30.08 -49.42
C GLY L 94 -10.14 31.04 -48.70
N ASP L 95 -11.40 31.07 -49.09
CA ASP L 95 -12.28 32.15 -48.71
C ASP L 95 -13.50 31.76 -47.81
N LEU L 96 -13.26 31.54 -46.52
CA LEU L 96 -14.33 31.22 -45.55
C LEU L 96 -15.45 32.28 -45.43
N SER L 97 -15.21 33.47 -45.98
CA SER L 97 -16.17 34.56 -45.97
C SER L 97 -17.24 34.40 -47.05
N LYS L 98 -17.02 33.48 -47.98
CA LYS L 98 -18.01 33.12 -48.98
C LYS L 98 -19.03 32.09 -48.50
N ILE L 99 -18.96 31.70 -47.23
CA ILE L 99 -20.07 30.97 -46.61
C ILE L 99 -21.27 31.92 -46.44
N ARG L 100 -22.42 31.57 -46.98
CA ARG L 100 -23.64 32.34 -46.74
C ARG L 100 -24.39 31.84 -45.51
N ARG L 101 -24.43 30.54 -45.36
CA ARG L 101 -25.13 29.89 -44.24
C ARG L 101 -24.71 28.45 -44.14
N VAL L 102 -24.42 28.00 -42.91
CA VAL L 102 -24.30 26.58 -42.63
C VAL L 102 -25.74 26.08 -42.52
N ILE L 103 -26.14 25.28 -43.48
CA ILE L 103 -27.52 24.83 -43.58
C ILE L 103 -27.87 23.69 -42.61
N LYS L 104 -26.95 22.71 -42.52
CA LYS L 104 -27.21 21.46 -41.78
C LYS L 104 -25.89 20.78 -41.39
N LEU L 105 -25.81 20.27 -40.17
CA LEU L 105 -24.73 19.37 -39.74
C LEU L 105 -25.39 18.06 -39.32
N ASN L 106 -24.83 16.94 -39.76
CA ASN L 106 -25.22 15.66 -39.21
C ASN L 106 -24.11 15.16 -38.32
N GLY L 107 -24.45 15.05 -37.02
CA GLY L 107 -23.50 14.65 -36.00
C GLY L 107 -23.71 13.21 -35.59
N PHE L 108 -22.72 12.36 -35.91
CA PHE L 108 -22.76 10.98 -35.57
C PHE L 108 -21.83 10.73 -34.38
N VAL L 109 -22.38 10.23 -33.29
CA VAL L 109 -21.59 9.97 -32.06
C VAL L 109 -21.55 8.48 -31.71
N ALA L 110 -20.38 7.89 -31.73
CA ALA L 110 -20.20 6.47 -31.37
C ALA L 110 -20.56 6.36 -29.90
N SER L 111 -21.57 5.54 -29.59
CA SER L 111 -22.24 5.59 -28.29
C SER L 111 -22.48 4.20 -27.76
N VAL L 112 -22.35 4.01 -26.44
CA VAL L 112 -23.00 2.82 -25.85
C VAL L 112 -24.49 3.13 -25.73
N PRO L 113 -25.32 2.07 -25.70
CA PRO L 113 -26.77 2.26 -25.70
C PRO L 113 -27.35 3.03 -24.51
N GLU L 114 -26.61 3.12 -23.41
CA GLU L 114 -27.05 3.90 -22.25
C GLU L 114 -26.66 5.37 -22.38
N PHE L 115 -25.82 5.69 -23.36
CA PHE L 115 -25.39 7.07 -23.58
C PHE L 115 -26.43 7.81 -24.40
N VAL L 116 -26.95 8.90 -23.82
CA VAL L 116 -28.09 9.64 -24.41
C VAL L 116 -27.87 11.17 -24.43
N GLU L 117 -26.60 11.60 -24.51
CA GLU L 117 -26.31 13.02 -24.56
C GLU L 117 -25.56 13.40 -25.82
N GLN L 118 -25.96 12.78 -26.93
CA GLN L 118 -25.34 13.09 -28.20
C GLN L 118 -25.55 14.56 -28.58
N HIS L 119 -26.65 15.15 -28.15
CA HIS L 119 -26.88 16.60 -28.41
C HIS L 119 -25.80 17.44 -27.75
N LEU L 120 -25.42 17.11 -26.52
CA LEU L 120 -24.33 17.76 -25.82
C LEU L 120 -22.98 17.61 -26.51
N VAL L 121 -22.74 16.41 -27.01
CA VAL L 121 -21.49 16.15 -27.71
C VAL L 121 -21.40 17.05 -28.96
N ILE L 122 -22.48 17.08 -29.74
CA ILE L 122 -22.46 17.82 -31.01
C ILE L 122 -22.49 19.34 -30.75
N ASN L 123 -22.97 19.78 -29.58
CA ASN L 123 -22.83 21.20 -29.18
C ASN L 123 -21.38 21.64 -29.26
N GLY L 124 -20.42 20.73 -29.06
CA GLY L 124 -19.00 21.02 -29.31
C GLY L 124 -18.80 21.63 -30.70
N ALA L 125 -19.27 20.93 -31.74
CA ALA L 125 -19.22 21.44 -33.12
C ALA L 125 -20.08 22.68 -33.30
N SER L 126 -21.33 22.63 -32.86
CA SER L 126 -22.30 23.70 -33.15
C SER L 126 -21.85 25.05 -32.55
N ASN L 127 -21.36 25.00 -31.33
CA ASN L 127 -20.88 26.19 -30.61
C ASN L 127 -19.64 26.80 -31.27
N LEU L 128 -18.72 25.95 -31.71
CA LEU L 128 -17.51 26.39 -32.40
C LEU L 128 -17.88 27.08 -33.73
N ILE L 129 -18.70 26.42 -34.51
CA ILE L 129 -19.11 26.94 -35.82
C ILE L 129 -19.88 28.28 -35.68
N ALA L 130 -20.80 28.36 -34.74
CA ALA L 130 -21.56 29.59 -34.50
C ALA L 130 -20.65 30.72 -34.01
N THR L 131 -19.69 30.37 -33.16
CA THR L 131 -18.73 31.34 -32.63
C THR L 131 -17.83 31.94 -33.72
N VAL L 132 -17.26 31.13 -34.59
CA VAL L 132 -16.31 31.64 -35.58
C VAL L 132 -17.03 32.31 -36.76
N LEU L 133 -18.24 31.89 -37.08
CA LEU L 133 -18.99 32.43 -38.23
C LEU L 133 -20.07 33.46 -37.86
N GLY L 134 -20.46 33.52 -36.60
CA GLY L 134 -21.59 34.35 -36.18
C GLY L 134 -22.92 33.79 -36.66
N GLU L 135 -23.88 34.68 -36.92
CA GLU L 135 -25.24 34.26 -37.27
C GLU L 135 -25.29 33.29 -38.45
N PRO L 136 -24.50 33.53 -39.52
CA PRO L 136 -24.51 32.56 -40.63
C PRO L 136 -24.10 31.13 -40.24
N GLY L 137 -23.38 31.01 -39.12
CA GLY L 137 -23.00 29.71 -38.61
C GLY L 137 -24.12 28.90 -37.96
N ARG L 138 -25.27 29.51 -37.66
CA ARG L 138 -26.34 28.79 -36.97
C ARG L 138 -27.03 27.90 -37.99
N HIS L 139 -27.24 26.65 -37.61
CA HIS L 139 -27.57 25.61 -38.58
C HIS L 139 -28.64 24.65 -38.06
N ALA L 140 -29.37 24.05 -38.97
CA ALA L 140 -30.18 22.87 -38.66
C ALA L 140 -29.22 21.71 -38.29
N ARG L 141 -29.75 20.68 -37.64
CA ARG L 141 -28.87 19.64 -37.13
C ARG L 141 -29.63 18.35 -36.85
N ALA L 142 -28.88 17.27 -36.89
CA ALA L 142 -29.30 15.96 -36.30
C ALA L 142 -28.12 15.48 -35.44
N ALA L 143 -28.43 14.84 -34.32
CA ALA L 143 -27.42 14.29 -33.43
C ALA L 143 -27.89 12.89 -33.05
N VAL L 144 -27.10 11.88 -33.39
CA VAL L 144 -27.54 10.49 -33.26
C VAL L 144 -26.44 9.58 -32.74
N GLY L 145 -26.83 8.48 -32.10
CA GLY L 145 -25.88 7.52 -31.55
C GLY L 145 -25.64 6.32 -32.46
N MSE L 146 -24.37 6.09 -32.77
CA MSE L 146 -23.90 5.08 -33.71
C MSE L 146 -23.27 3.90 -32.93
O MSE L 146 -22.78 4.08 -31.82
CB MSE L 146 -22.84 5.63 -34.66
CG MSE L 146 -22.99 7.01 -35.07
SE MSE L 146 -24.75 7.41 -35.85
CE MSE L 146 -24.55 5.82 -37.06
N ALA L 147 -23.26 2.73 -33.53
CA ALA L 147 -22.61 1.54 -32.96
C ALA L 147 -21.09 1.73 -32.91
N SER L 148 -20.56 2.40 -33.93
CA SER L 148 -19.12 2.61 -34.09
C SER L 148 -18.89 3.46 -35.35
N LEU L 149 -17.66 3.91 -35.55
CA LEU L 149 -17.30 4.78 -36.69
C LEU L 149 -15.93 4.37 -37.27
N PRO L 150 -15.67 4.73 -38.55
CA PRO L 150 -14.36 4.46 -39.19
C PRO L 150 -13.19 4.89 -38.28
N PHE L 151 -12.17 4.03 -38.21
CA PHE L 151 -10.96 4.29 -37.43
C PHE L 151 -11.20 4.43 -35.91
N ASN L 152 -12.37 3.94 -35.48
CA ASN L 152 -12.82 4.07 -34.10
C ASN L 152 -12.97 5.51 -33.64
N ALA L 153 -13.25 6.44 -34.57
CA ALA L 153 -13.55 7.82 -34.24
C ALA L 153 -14.72 7.86 -33.28
N SER L 154 -14.63 8.76 -32.29
CA SER L 154 -15.74 8.94 -31.36
C SER L 154 -16.90 9.71 -32.01
N VAL L 155 -16.60 10.60 -32.94
CA VAL L 155 -17.58 11.45 -33.61
C VAL L 155 -17.17 11.59 -35.08
N GLU L 156 -18.18 11.63 -35.93
CA GLU L 156 -18.05 11.97 -37.37
C GLU L 156 -19.17 12.98 -37.65
N ILE L 157 -18.85 14.04 -38.39
CA ILE L 157 -19.80 15.09 -38.68
C ILE L 157 -19.71 15.52 -40.15
N ASP L 158 -20.85 15.53 -40.83
CA ASP L 158 -20.92 16.02 -42.22
C ASP L 158 -21.71 17.32 -42.25
N ALA L 159 -21.74 17.97 -43.42
CA ALA L 159 -22.32 19.32 -43.47
C ALA L 159 -22.85 19.67 -44.85
N ILE L 160 -23.84 20.55 -44.86
CA ILE L 160 -24.31 21.19 -46.09
C ILE L 160 -24.20 22.70 -45.82
N VAL L 161 -23.60 23.43 -46.74
CA VAL L 161 -23.26 24.82 -46.52
C VAL L 161 -23.72 25.61 -47.76
N GLU L 162 -24.50 26.65 -47.56
CA GLU L 162 -24.87 27.54 -48.68
C GLU L 162 -23.71 28.53 -48.87
N ILE L 163 -23.22 28.63 -50.12
CA ILE L 163 -22.02 29.40 -50.45
C ILE L 163 -22.31 30.43 -51.54
N ASP L 164 -21.45 31.44 -51.58
CA ASP L 164 -21.44 32.40 -52.69
C ASP L 164 -20.87 31.80 -53.96
N VAL L 165 -21.74 31.59 -54.95
CA VAL L 165 -21.36 31.02 -56.23
C VAL L 165 -21.54 32.09 -57.31
C1 PG5 M . -14.13 1.27 -15.04
O1 PG5 M . -15.19 1.86 -15.82
C2 PG5 M . -16.10 0.88 -16.31
C3 PG5 M . -15.90 0.52 -17.78
O2 PG5 M . -14.70 1.04 -18.31
C4 PG5 M . -14.46 0.82 -19.72
C5 PG5 M . -13.27 -0.12 -19.78
O3 PG5 M . -12.22 0.06 -20.70
C6 PG5 M . -10.94 0.05 -20.03
C7 PG5 M . -9.92 -0.70 -20.88
O4 PG5 M . -8.62 -0.54 -20.30
C8 PG5 M . -7.79 -1.70 -20.44
C1 PG5 N . 32.45 -7.97 19.02
O1 PG5 N . 31.69 -7.32 20.04
C2 PG5 N . 31.34 -6.01 19.65
C3 PG5 N . 30.02 -5.64 20.29
O2 PG5 N . 29.01 -5.94 19.36
C4 PG5 N . 27.90 -5.06 19.50
C5 PG5 N . 26.79 -5.48 18.57
O3 PG5 N . 26.39 -6.74 19.01
C6 PG5 N . 25.24 -7.19 18.29
C7 PG5 N . 25.02 -8.71 18.34
O4 PG5 N . 23.77 -8.99 17.69
C8 PG5 N . 23.24 -10.31 17.94
C1 PG5 O . 22.38 -4.48 13.12
O1 PG5 O . 21.00 -4.55 12.86
C2 PG5 O . 20.36 -3.30 13.05
C3 PG5 O . 21.00 -2.65 14.25
O2 PG5 O . 20.63 -3.35 15.41
C4 PG5 O . 19.46 -2.73 15.84
C5 PG5 O . 19.23 -2.88 17.29
O3 PG5 O . 18.29 -1.83 17.59
C6 PG5 O . 17.06 -1.91 16.86
C7 PG5 O . 16.13 -0.85 17.35
O4 PG5 O . 14.91 -0.92 16.62
C8 PG5 O . 14.01 -1.93 17.10
C1 PG5 P . -25.47 -13.73 -42.32
O1 PG5 P . -25.82 -14.03 -40.96
C2 PG5 P . -27.19 -14.38 -40.78
C3 PG5 P . -27.85 -13.28 -40.01
O2 PG5 P . -27.79 -13.57 -38.61
C4 PG5 P . -28.18 -12.47 -37.83
C5 PG5 P . -28.98 -12.93 -36.64
O3 PG5 P . -29.81 -11.84 -36.24
C6 PG5 P . -31.10 -11.88 -36.85
C7 PG5 P . -32.03 -10.85 -36.27
O4 PG5 P . -33.24 -10.86 -37.04
C8 PG5 P . -34.12 -11.97 -36.78
C1 PG5 Q . 38.97 8.13 20.22
O1 PG5 Q . 37.71 8.71 20.55
C2 PG5 Q . 37.10 8.12 21.68
C3 PG5 Q . 36.86 9.26 22.62
O2 PG5 Q . 36.16 8.87 23.79
C4 PG5 Q . 36.65 9.36 25.03
C5 PG5 Q . 36.62 10.85 24.98
O3 PG5 Q . 36.95 11.35 26.25
C6 PG5 Q . 38.18 12.08 26.29
C7 PG5 Q . 37.91 13.56 26.17
O4 PG5 Q . 38.55 14.26 27.26
C8 PG5 Q . 38.51 15.70 27.10
C1 PG5 R . -39.93 2.24 -21.47
O1 PG5 R . -38.73 3.03 -21.49
C2 PG5 R . -37.67 2.36 -20.77
C3 PG5 R . -36.42 3.20 -20.66
O2 PG5 R . -35.26 2.35 -20.50
C4 PG5 R . -34.11 3.13 -20.68
C5 PG5 R . -32.87 2.60 -20.00
O3 PG5 R . -31.76 3.38 -20.45
C6 PG5 R . -31.70 4.72 -19.92
C7 PG5 R . -30.39 5.37 -20.25
O4 PG5 R . -30.47 6.78 -19.98
C8 PG5 R . -30.12 7.19 -18.66
C1 PG5 S . 39.17 9.13 32.04
O1 PG5 S . 39.02 9.85 33.25
C2 PG5 S . 37.77 9.60 33.84
C3 PG5 S . 36.67 9.95 32.87
O2 PG5 S . 35.48 10.01 33.62
C4 PG5 S . 34.47 10.80 33.07
C5 PG5 S . 33.26 10.57 33.95
O3 PG5 S . 33.59 10.83 35.31
C6 PG5 S . 32.53 10.48 36.17
C7 PG5 S . 31.98 11.72 36.83
O4 PG5 S . 32.39 11.72 38.20
C8 PG5 S . 32.15 12.99 38.81
C1 PG5 T . -37.21 -2.93 -15.05
O1 PG5 T . -36.77 -2.71 -16.40
C2 PG5 T . -36.80 -3.93 -17.16
C3 PG5 T . -36.39 -3.62 -18.58
O2 PG5 T . -36.02 -4.82 -19.24
C4 PG5 T . -36.28 -4.85 -20.63
C5 PG5 T . -35.81 -6.17 -21.21
O3 PG5 T . -36.83 -7.18 -21.14
C6 PG5 T . -36.41 -8.39 -21.74
C7 PG5 T . -37.45 -9.46 -21.49
O4 PG5 T . -38.68 -9.06 -22.10
C8 PG5 T . -39.38 -10.07 -22.85
C1 PG5 U . 10.14 12.80 34.30
O1 PG5 U . 10.60 12.58 32.95
C2 PG5 U . 11.83 13.25 32.74
C3 PG5 U . 12.94 12.43 33.37
O2 PG5 U . 14.20 12.88 32.93
C4 PG5 U . 15.30 12.62 33.77
C5 PG5 U . 16.53 13.31 33.19
O3 PG5 U . 16.67 14.59 33.77
C6 PG5 U . 17.80 15.33 33.39
C7 PG5 U . 17.43 16.80 33.55
O4 PG5 U . 17.96 17.32 34.77
C8 PG5 U . 17.00 17.93 35.64
C1 PG5 V . 8.66 0.05 30.74
O1 PG5 V . 9.43 -0.37 31.89
C2 PG5 V . 10.78 0.13 31.88
C3 PG5 V . 10.72 1.58 32.27
O2 PG5 V . 11.97 2.22 32.37
C4 PG5 V . 11.83 3.56 31.96
C5 PG5 V . 12.61 4.55 32.77
O3 PG5 V . 11.91 4.76 33.95
C6 PG5 V . 12.02 5.99 34.60
C7 PG5 V . 12.13 5.61 36.04
O4 PG5 V . 11.13 6.27 36.78
C8 PG5 V . 11.59 7.58 37.00
C1 PG5 W . -25.15 -20.57 -35.48
O1 PG5 W . -24.84 -19.27 -36.04
C2 PG5 W . -23.46 -18.97 -35.93
C3 PG5 W . -23.32 -18.07 -34.73
O2 PG5 W . -22.36 -17.03 -34.93
C4 PG5 W . -22.84 -15.94 -35.65
C5 PG5 W . -21.81 -14.91 -35.32
O3 PG5 W . -20.94 -15.65 -34.49
C6 PG5 W . -19.84 -14.95 -33.93
C7 PG5 W . -18.71 -15.90 -34.18
O4 PG5 W . -17.62 -15.59 -33.39
C8 PG5 W . -16.59 -16.57 -33.59
C1 PG5 X . -10.02 6.04 -24.88
O1 PG5 X . -9.98 5.40 -26.19
C2 PG5 X . -9.92 3.94 -26.11
C3 PG5 X . -10.32 3.19 -27.38
O2 PG5 X . -10.82 1.87 -27.05
C4 PG5 X . -11.38 1.30 -28.21
C5 PG5 X . -11.57 -0.19 -28.09
O3 PG5 X . -12.11 -0.69 -29.32
C6 PG5 X . -11.18 -0.77 -30.38
C7 PG5 X . -11.83 -1.41 -31.57
O4 PG5 X . -10.93 -1.24 -32.66
C8 PG5 X . -10.07 -2.36 -32.85
#